data_3A9M
# 
_entry.id   3A9M 
# 
_audit_conform.dict_name       mmcif_pdbx.dic 
_audit_conform.dict_version    5.398 
_audit_conform.dict_location   http://mmcif.pdb.org/dictionaries/ascii/mmcif_pdbx.dic 
# 
loop_
_database_2.database_id 
_database_2.database_code 
_database_2.pdbx_database_accession 
_database_2.pdbx_DOI 
PDB   3A9M         pdb_00003a9m 10.2210/pdb3a9m/pdb 
RCSB  RCSB028984   ?            ?                   
WWPDB D_1000028984 ?            ?                   
# 
loop_
_pdbx_audit_revision_history.ordinal 
_pdbx_audit_revision_history.data_content_type 
_pdbx_audit_revision_history.major_revision 
_pdbx_audit_revision_history.minor_revision 
_pdbx_audit_revision_history.revision_date 
1 'Structure model' 1 0 2010-03-23 
2 'Structure model' 1 1 2011-07-13 
3 'Structure model' 1 2 2023-11-01 
4 'Structure model' 1 3 2024-11-13 
# 
_pdbx_audit_revision_details.ordinal             1 
_pdbx_audit_revision_details.revision_ordinal    1 
_pdbx_audit_revision_details.data_content_type   'Structure model' 
_pdbx_audit_revision_details.provider            repository 
_pdbx_audit_revision_details.type                'Initial release' 
_pdbx_audit_revision_details.description         ? 
_pdbx_audit_revision_details.details             ? 
# 
loop_
_pdbx_audit_revision_group.ordinal 
_pdbx_audit_revision_group.revision_ordinal 
_pdbx_audit_revision_group.data_content_type 
_pdbx_audit_revision_group.group 
1 2 'Structure model' 'Version format compliance' 
2 3 'Structure model' 'Data collection'           
3 3 'Structure model' 'Database references'       
4 3 'Structure model' 'Derived calculations'      
5 3 'Structure model' 'Refinement description'    
6 4 'Structure model' 'Structure summary'         
# 
loop_
_pdbx_audit_revision_category.ordinal 
_pdbx_audit_revision_category.revision_ordinal 
_pdbx_audit_revision_category.data_content_type 
_pdbx_audit_revision_category.category 
1 3 'Structure model' chem_comp_atom                
2 3 'Structure model' chem_comp_bond                
3 3 'Structure model' database_2                    
4 3 'Structure model' pdbx_initial_refinement_model 
5 3 'Structure model' struct_site                   
6 4 'Structure model' pdbx_entry_details            
7 4 'Structure model' pdbx_modification_feature     
# 
loop_
_pdbx_audit_revision_item.ordinal 
_pdbx_audit_revision_item.revision_ordinal 
_pdbx_audit_revision_item.data_content_type 
_pdbx_audit_revision_item.item 
1 3 'Structure model' '_database_2.pdbx_DOI'                
2 3 'Structure model' '_database_2.pdbx_database_accession' 
3 3 'Structure model' '_struct_site.pdbx_auth_asym_id'      
4 3 'Structure model' '_struct_site.pdbx_auth_comp_id'      
5 3 'Structure model' '_struct_site.pdbx_auth_seq_id'       
# 
_pdbx_database_status.status_code                     REL 
_pdbx_database_status.entry_id                        3A9M 
_pdbx_database_status.recvd_initial_deposition_date   2009-10-30 
_pdbx_database_status.deposit_site                    PDBJ 
_pdbx_database_status.process_site                    PDBJ 
_pdbx_database_status.status_code_sf                  REL 
_pdbx_database_status.status_code_mr                  ? 
_pdbx_database_status.SG_entry                        ? 
_pdbx_database_status.pdb_format_compatible           Y 
_pdbx_database_status.status_code_cs                  ? 
_pdbx_database_status.status_code_nmr_data            ? 
_pdbx_database_status.methods_development_category    ? 
# 
loop_
_pdbx_database_related.db_name 
_pdbx_database_related.db_id 
_pdbx_database_related.details 
_pdbx_database_related.content_type 
PDB 2ZWJ 'The sama protein in a different pH condition.' unspecified 
PDB 3A5A 'The sama protein in a different pH condition.' unspecified 
PDB 3A5B 'The sama protein in a different pH condition.' unspecified 
PDB 3A5G 'The sama protein in a different pH condition.' unspecified 
# 
loop_
_audit_author.name 
_audit_author.pdbx_ordinal 
'Kuwada, T.'     1 
'Hasegawa, T.'   2 
'Takagi, T.'     3 
'Shishikura, F.' 4 
# 
_citation.id                        primary 
_citation.title                     
'pH-dependent structural changes in haemoglobin component V from the midge larva Propsilocerus akamusi (Orthocladiinae, Diptera)' 
_citation.journal_abbrev            'Acta Crystallogr.,Sect.D' 
_citation.journal_volume            66 
_citation.page_first                258 
_citation.page_last                 267 
_citation.year                      2010 
_citation.journal_id_ASTM           ABCRE6 
_citation.country                   DK 
_citation.journal_id_ISSN           0907-4449 
_citation.journal_id_CSD            0766 
_citation.book_publisher            ? 
_citation.pdbx_database_id_PubMed   20179337 
_citation.pdbx_database_id_DOI      10.1107/S0907444909055760 
# 
loop_
_citation_author.citation_id 
_citation_author.name 
_citation_author.ordinal 
_citation_author.identifier_ORCID 
primary 'Kuwada, T.'     1 ? 
primary 'Hasegawa, T.'   2 ? 
primary 'Takagi, T.'     3 ? 
primary 'Sato, I.'       4 ? 
primary 'Shishikura, F.' 5 ? 
# 
loop_
_entity.id 
_entity.type 
_entity.src_method 
_entity.pdbx_description 
_entity.formula_weight 
_entity.pdbx_number_of_molecules 
_entity.pdbx_ec 
_entity.pdbx_mutation 
_entity.pdbx_fragment 
_entity.details 
1 polymer     nat 'Hemoglobin V'                    17219.344 1   ? ? ? ? 
2 non-polymer syn 'PROTOPORPHYRIN IX CONTAINING FE' 616.487   1   ? ? ? ? 
3 non-polymer syn 'CARBON MONOXIDE'                 28.010    1   ? ? ? ? 
4 water       nat water                             18.015    316 ? ? ? ? 
# 
_entity_poly.entity_id                      1 
_entity_poly.type                           'polypeptide(L)' 
_entity_poly.nstd_linkage                   no 
_entity_poly.nstd_monomer                   no 
_entity_poly.pdbx_seq_one_letter_code       
;AFVGLSDSEEKLVRDAWAPIHGDLQGTANTVFYNYLKKYPSNQDKFETLKGHPLDEVKDTANFKLIAGRIFTIFDNCVKN
VGNDKGFQKVIADMSGPHVARPITHGSYNDLRGVIYDSMHLDSTHGAAWNKMMDNFFYVFYECLDGRCSQFS
;
_entity_poly.pdbx_seq_one_letter_code_can   
;AFVGLSDSEEKLVRDAWAPIHGDLQGTANTVFYNYLKKYPSNQDKFETLKGHPLDEVKDTANFKLIAGRIFTIFDNCVKN
VGNDKGFQKVIADMSGPHVARPITHGSYNDLRGVIYDSMHLDSTHGAAWNKMMDNFFYVFYECLDGRCSQFS
;
_entity_poly.pdbx_strand_id                 A 
_entity_poly.pdbx_target_identifier         ? 
# 
loop_
_pdbx_entity_nonpoly.entity_id 
_pdbx_entity_nonpoly.name 
_pdbx_entity_nonpoly.comp_id 
2 'PROTOPORPHYRIN IX CONTAINING FE' HEM 
3 'CARBON MONOXIDE'                 CMO 
4 water                             HOH 
# 
loop_
_entity_poly_seq.entity_id 
_entity_poly_seq.num 
_entity_poly_seq.mon_id 
_entity_poly_seq.hetero 
1 1   ALA n 
1 2   PHE n 
1 3   VAL n 
1 4   GLY n 
1 5   LEU n 
1 6   SER n 
1 7   ASP n 
1 8   SER n 
1 9   GLU n 
1 10  GLU n 
1 11  LYS n 
1 12  LEU n 
1 13  VAL n 
1 14  ARG n 
1 15  ASP n 
1 16  ALA n 
1 17  TRP n 
1 18  ALA n 
1 19  PRO n 
1 20  ILE n 
1 21  HIS n 
1 22  GLY n 
1 23  ASP n 
1 24  LEU n 
1 25  GLN n 
1 26  GLY n 
1 27  THR n 
1 28  ALA n 
1 29  ASN n 
1 30  THR n 
1 31  VAL n 
1 32  PHE n 
1 33  TYR n 
1 34  ASN n 
1 35  TYR n 
1 36  LEU n 
1 37  LYS n 
1 38  LYS n 
1 39  TYR n 
1 40  PRO n 
1 41  SER n 
1 42  ASN n 
1 43  GLN n 
1 44  ASP n 
1 45  LYS n 
1 46  PHE n 
1 47  GLU n 
1 48  THR n 
1 49  LEU n 
1 50  LYS n 
1 51  GLY n 
1 52  HIS n 
1 53  PRO n 
1 54  LEU n 
1 55  ASP n 
1 56  GLU n 
1 57  VAL n 
1 58  LYS n 
1 59  ASP n 
1 60  THR n 
1 61  ALA n 
1 62  ASN n 
1 63  PHE n 
1 64  LYS n 
1 65  LEU n 
1 66  ILE n 
1 67  ALA n 
1 68  GLY n 
1 69  ARG n 
1 70  ILE n 
1 71  PHE n 
1 72  THR n 
1 73  ILE n 
1 74  PHE n 
1 75  ASP n 
1 76  ASN n 
1 77  CYS n 
1 78  VAL n 
1 79  LYS n 
1 80  ASN n 
1 81  VAL n 
1 82  GLY n 
1 83  ASN n 
1 84  ASP n 
1 85  LYS n 
1 86  GLY n 
1 87  PHE n 
1 88  GLN n 
1 89  LYS n 
1 90  VAL n 
1 91  ILE n 
1 92  ALA n 
1 93  ASP n 
1 94  MET n 
1 95  SER n 
1 96  GLY n 
1 97  PRO n 
1 98  HIS n 
1 99  VAL n 
1 100 ALA n 
1 101 ARG n 
1 102 PRO n 
1 103 ILE n 
1 104 THR n 
1 105 HIS n 
1 106 GLY n 
1 107 SER n 
1 108 TYR n 
1 109 ASN n 
1 110 ASP n 
1 111 LEU n 
1 112 ARG n 
1 113 GLY n 
1 114 VAL n 
1 115 ILE n 
1 116 TYR n 
1 117 ASP n 
1 118 SER n 
1 119 MET n 
1 120 HIS n 
1 121 LEU n 
1 122 ASP n 
1 123 SER n 
1 124 THR n 
1 125 HIS n 
1 126 GLY n 
1 127 ALA n 
1 128 ALA n 
1 129 TRP n 
1 130 ASN n 
1 131 LYS n 
1 132 MET n 
1 133 MET n 
1 134 ASP n 
1 135 ASN n 
1 136 PHE n 
1 137 PHE n 
1 138 TYR n 
1 139 VAL n 
1 140 PHE n 
1 141 TYR n 
1 142 GLU n 
1 143 CYS n 
1 144 LEU n 
1 145 ASP n 
1 146 GLY n 
1 147 ARG n 
1 148 CYS n 
1 149 SER n 
1 150 GLN n 
1 151 PHE n 
1 152 SER n 
# 
_entity_src_nat.entity_id                  1 
_entity_src_nat.pdbx_src_id                1 
_entity_src_nat.pdbx_alt_source_flag       sample 
_entity_src_nat.pdbx_beg_seq_num           ? 
_entity_src_nat.pdbx_end_seq_num           ? 
_entity_src_nat.common_name                ? 
_entity_src_nat.pdbx_organism_scientific   'Tokunagayusurika akamusi' 
_entity_src_nat.pdbx_ncbi_taxonomy_id      28383 
_entity_src_nat.genus                      ? 
_entity_src_nat.species                    ? 
_entity_src_nat.strain                     ? 
_entity_src_nat.tissue                     'larval hemolymph' 
_entity_src_nat.tissue_fraction            ? 
_entity_src_nat.pdbx_secretion             ? 
_entity_src_nat.pdbx_fragment              ? 
_entity_src_nat.pdbx_variant               ? 
_entity_src_nat.pdbx_cell_line             ? 
_entity_src_nat.pdbx_atcc                  ? 
_entity_src_nat.pdbx_cellular_location     ? 
_entity_src_nat.pdbx_organ                 ? 
_entity_src_nat.pdbx_organelle             ? 
_entity_src_nat.pdbx_cell                  ? 
_entity_src_nat.pdbx_plasmid_name          ? 
_entity_src_nat.pdbx_plasmid_details       ? 
_entity_src_nat.details                    ? 
# 
loop_
_chem_comp.id 
_chem_comp.type 
_chem_comp.mon_nstd_flag 
_chem_comp.name 
_chem_comp.pdbx_synonyms 
_chem_comp.formula 
_chem_comp.formula_weight 
ALA 'L-peptide linking' y ALANINE                           ?    'C3 H7 N O2'       89.093  
ARG 'L-peptide linking' y ARGININE                          ?    'C6 H15 N4 O2 1'   175.209 
ASN 'L-peptide linking' y ASPARAGINE                        ?    'C4 H8 N2 O3'      132.118 
ASP 'L-peptide linking' y 'ASPARTIC ACID'                   ?    'C4 H7 N O4'       133.103 
CMO non-polymer         . 'CARBON MONOXIDE'                 ?    'C O'              28.010  
CYS 'L-peptide linking' y CYSTEINE                          ?    'C3 H7 N O2 S'     121.158 
GLN 'L-peptide linking' y GLUTAMINE                         ?    'C5 H10 N2 O3'     146.144 
GLU 'L-peptide linking' y 'GLUTAMIC ACID'                   ?    'C5 H9 N O4'       147.129 
GLY 'peptide linking'   y GLYCINE                           ?    'C2 H5 N O2'       75.067  
HEM non-polymer         . 'PROTOPORPHYRIN IX CONTAINING FE' HEME 'C34 H32 Fe N4 O4' 616.487 
HIS 'L-peptide linking' y HISTIDINE                         ?    'C6 H10 N3 O2 1'   156.162 
HOH non-polymer         . WATER                             ?    'H2 O'             18.015  
ILE 'L-peptide linking' y ISOLEUCINE                        ?    'C6 H13 N O2'      131.173 
LEU 'L-peptide linking' y LEUCINE                           ?    'C6 H13 N O2'      131.173 
LYS 'L-peptide linking' y LYSINE                            ?    'C6 H15 N2 O2 1'   147.195 
MET 'L-peptide linking' y METHIONINE                        ?    'C5 H11 N O2 S'    149.211 
PHE 'L-peptide linking' y PHENYLALANINE                     ?    'C9 H11 N O2'      165.189 
PRO 'L-peptide linking' y PROLINE                           ?    'C5 H9 N O2'       115.130 
SER 'L-peptide linking' y SERINE                            ?    'C3 H7 N O3'       105.093 
THR 'L-peptide linking' y THREONINE                         ?    'C4 H9 N O3'       119.119 
TRP 'L-peptide linking' y TRYPTOPHAN                        ?    'C11 H12 N2 O2'    204.225 
TYR 'L-peptide linking' y TYROSINE                          ?    'C9 H11 N O3'      181.189 
VAL 'L-peptide linking' y VALINE                            ?    'C5 H11 N O2'      117.146 
# 
loop_
_pdbx_poly_seq_scheme.asym_id 
_pdbx_poly_seq_scheme.entity_id 
_pdbx_poly_seq_scheme.seq_id 
_pdbx_poly_seq_scheme.mon_id 
_pdbx_poly_seq_scheme.ndb_seq_num 
_pdbx_poly_seq_scheme.pdb_seq_num 
_pdbx_poly_seq_scheme.auth_seq_num 
_pdbx_poly_seq_scheme.pdb_mon_id 
_pdbx_poly_seq_scheme.auth_mon_id 
_pdbx_poly_seq_scheme.pdb_strand_id 
_pdbx_poly_seq_scheme.pdb_ins_code 
_pdbx_poly_seq_scheme.hetero 
A 1 1   ALA 1   1   1   ALA ALA A . n 
A 1 2   PHE 2   2   2   PHE PHE A . n 
A 1 3   VAL 3   3   3   VAL VAL A . n 
A 1 4   GLY 4   4   4   GLY GLY A . n 
A 1 5   LEU 5   5   5   LEU LEU A . n 
A 1 6   SER 6   6   6   SER SER A . n 
A 1 7   ASP 7   7   7   ASP ASP A . n 
A 1 8   SER 8   8   8   SER SER A . n 
A 1 9   GLU 9   9   9   GLU GLU A . n 
A 1 10  GLU 10  10  10  GLU GLU A . n 
A 1 11  LYS 11  11  11  LYS LYS A . n 
A 1 12  LEU 12  12  12  LEU LEU A . n 
A 1 13  VAL 13  13  13  VAL VAL A . n 
A 1 14  ARG 14  14  14  ARG ARG A . n 
A 1 15  ASP 15  15  15  ASP ASP A . n 
A 1 16  ALA 16  16  16  ALA ALA A . n 
A 1 17  TRP 17  17  17  TRP TRP A . n 
A 1 18  ALA 18  18  18  ALA ALA A . n 
A 1 19  PRO 19  19  19  PRO PRO A . n 
A 1 20  ILE 20  20  20  ILE ILE A . n 
A 1 21  HIS 21  21  21  HIS HIS A . n 
A 1 22  GLY 22  22  22  GLY GLY A . n 
A 1 23  ASP 23  23  23  ASP ASP A . n 
A 1 24  LEU 24  24  24  LEU LEU A . n 
A 1 25  GLN 25  25  25  GLN GLN A . n 
A 1 26  GLY 26  26  26  GLY GLY A . n 
A 1 27  THR 27  27  27  THR THR A . n 
A 1 28  ALA 28  28  28  ALA ALA A . n 
A 1 29  ASN 29  29  29  ASN ASN A . n 
A 1 30  THR 30  30  30  THR THR A . n 
A 1 31  VAL 31  31  31  VAL VAL A . n 
A 1 32  PHE 32  32  32  PHE PHE A . n 
A 1 33  TYR 33  33  33  TYR TYR A . n 
A 1 34  ASN 34  34  34  ASN ASN A . n 
A 1 35  TYR 35  35  35  TYR TYR A . n 
A 1 36  LEU 36  36  36  LEU LEU A . n 
A 1 37  LYS 37  37  37  LYS LYS A . n 
A 1 38  LYS 38  38  38  LYS LYS A . n 
A 1 39  TYR 39  39  39  TYR TYR A . n 
A 1 40  PRO 40  40  40  PRO PRO A . n 
A 1 41  SER 41  41  41  SER SER A . n 
A 1 42  ASN 42  42  42  ASN ASN A . n 
A 1 43  GLN 43  43  43  GLN GLN A . n 
A 1 44  ASP 44  44  44  ASP ASP A . n 
A 1 45  LYS 45  45  45  LYS LYS A . n 
A 1 46  PHE 46  46  46  PHE PHE A . n 
A 1 47  GLU 47  47  47  GLU GLU A . n 
A 1 48  THR 48  48  48  THR THR A . n 
A 1 49  LEU 49  49  49  LEU LEU A . n 
A 1 50  LYS 50  50  50  LYS LYS A . n 
A 1 51  GLY 51  51  51  GLY GLY A . n 
A 1 52  HIS 52  52  52  HIS HIS A . n 
A 1 53  PRO 53  53  53  PRO PRO A . n 
A 1 54  LEU 54  54  54  LEU LEU A . n 
A 1 55  ASP 55  55  55  ASP ASP A . n 
A 1 56  GLU 56  56  56  GLU GLU A . n 
A 1 57  VAL 57  57  57  VAL VAL A . n 
A 1 58  LYS 58  58  58  LYS LYS A . n 
A 1 59  ASP 59  59  59  ASP ASP A . n 
A 1 60  THR 60  60  60  THR THR A . n 
A 1 61  ALA 61  61  61  ALA ALA A . n 
A 1 62  ASN 62  62  62  ASN ASN A . n 
A 1 63  PHE 63  63  63  PHE PHE A . n 
A 1 64  LYS 64  64  64  LYS LYS A . n 
A 1 65  LEU 65  65  65  LEU LEU A . n 
A 1 66  ILE 66  66  66  ILE ILE A . n 
A 1 67  ALA 67  67  67  ALA ALA A . n 
A 1 68  GLY 68  68  68  GLY GLY A . n 
A 1 69  ARG 69  69  69  ARG ARG A . n 
A 1 70  ILE 70  70  70  ILE ILE A . n 
A 1 71  PHE 71  71  71  PHE PHE A . n 
A 1 72  THR 72  72  72  THR THR A . n 
A 1 73  ILE 73  73  73  ILE ILE A . n 
A 1 74  PHE 74  74  74  PHE PHE A . n 
A 1 75  ASP 75  75  75  ASP ASP A . n 
A 1 76  ASN 76  76  76  ASN ASN A . n 
A 1 77  CYS 77  77  77  CYS CYS A . n 
A 1 78  VAL 78  78  78  VAL VAL A . n 
A 1 79  LYS 79  79  79  LYS LYS A . n 
A 1 80  ASN 80  80  80  ASN ASN A . n 
A 1 81  VAL 81  81  81  VAL VAL A . n 
A 1 82  GLY 82  82  82  GLY GLY A . n 
A 1 83  ASN 83  83  83  ASN ASN A . n 
A 1 84  ASP 84  84  84  ASP ASP A . n 
A 1 85  LYS 85  85  85  LYS LYS A . n 
A 1 86  GLY 86  86  86  GLY GLY A . n 
A 1 87  PHE 87  87  87  PHE PHE A . n 
A 1 88  GLN 88  88  88  GLN GLN A . n 
A 1 89  LYS 89  89  89  LYS LYS A . n 
A 1 90  VAL 90  90  90  VAL VAL A . n 
A 1 91  ILE 91  91  91  ILE ILE A . n 
A 1 92  ALA 92  92  92  ALA ALA A . n 
A 1 93  ASP 93  93  93  ASP ASP A . n 
A 1 94  MET 94  94  94  MET MET A . n 
A 1 95  SER 95  95  95  SER SER A . n 
A 1 96  GLY 96  96  96  GLY GLY A . n 
A 1 97  PRO 97  97  97  PRO PRO A . n 
A 1 98  HIS 98  98  98  HIS HIS A . n 
A 1 99  VAL 99  99  99  VAL VAL A . n 
A 1 100 ALA 100 100 100 ALA ALA A . n 
A 1 101 ARG 101 101 101 ARG ARG A . n 
A 1 102 PRO 102 102 102 PRO PRO A . n 
A 1 103 ILE 103 103 103 ILE ILE A . n 
A 1 104 THR 104 104 104 THR THR A . n 
A 1 105 HIS 105 105 105 HIS HIS A . n 
A 1 106 GLY 106 106 106 GLY GLY A . n 
A 1 107 SER 107 107 107 SER SER A . n 
A 1 108 TYR 108 108 108 TYR TYR A . n 
A 1 109 ASN 109 109 109 ASN ASN A . n 
A 1 110 ASP 110 110 110 ASP ASP A . n 
A 1 111 LEU 111 111 111 LEU LEU A . n 
A 1 112 ARG 112 112 112 ARG ARG A . n 
A 1 113 GLY 113 113 113 GLY GLY A . n 
A 1 114 VAL 114 114 114 VAL VAL A . n 
A 1 115 ILE 115 115 115 ILE ILE A . n 
A 1 116 TYR 116 116 116 TYR TYR A . n 
A 1 117 ASP 117 117 117 ASP ASP A . n 
A 1 118 SER 118 118 118 SER SER A . n 
A 1 119 MET 119 119 119 MET MET A . n 
A 1 120 HIS 120 120 120 HIS HIS A . n 
A 1 121 LEU 121 121 121 LEU LEU A . n 
A 1 122 ASP 122 122 122 ASP ASP A . n 
A 1 123 SER 123 123 123 SER SER A . n 
A 1 124 THR 124 124 124 THR THR A . n 
A 1 125 HIS 125 125 125 HIS HIS A . n 
A 1 126 GLY 126 126 126 GLY GLY A . n 
A 1 127 ALA 127 127 127 ALA ALA A . n 
A 1 128 ALA 128 128 128 ALA ALA A . n 
A 1 129 TRP 129 129 129 TRP TRP A . n 
A 1 130 ASN 130 130 130 ASN ASN A . n 
A 1 131 LYS 131 131 131 LYS LYS A . n 
A 1 132 MET 132 132 132 MET MET A . n 
A 1 133 MET 133 133 133 MET MET A . n 
A 1 134 ASP 134 134 134 ASP ASP A . n 
A 1 135 ASN 135 135 135 ASN ASN A . n 
A 1 136 PHE 136 136 136 PHE PHE A . n 
A 1 137 PHE 137 137 137 PHE PHE A . n 
A 1 138 TYR 138 138 138 TYR TYR A . n 
A 1 139 VAL 139 139 139 VAL VAL A . n 
A 1 140 PHE 140 140 140 PHE PHE A . n 
A 1 141 TYR 141 141 141 TYR TYR A . n 
A 1 142 GLU 142 142 142 GLU GLU A . n 
A 1 143 CYS 143 143 143 CYS CYS A . n 
A 1 144 LEU 144 144 144 LEU LEU A . n 
A 1 145 ASP 145 145 145 ASP ASP A . n 
A 1 146 GLY 146 146 146 GLY GLY A . n 
A 1 147 ARG 147 147 147 ARG ARG A . n 
A 1 148 CYS 148 148 148 CYS CYS A . n 
A 1 149 SER 149 149 149 SER SER A . n 
A 1 150 GLN 150 150 150 GLN GLN A . n 
A 1 151 PHE 151 151 151 PHE PHE A . n 
A 1 152 SER 152 152 152 SER SER A . n 
# 
loop_
_pdbx_nonpoly_scheme.asym_id 
_pdbx_nonpoly_scheme.entity_id 
_pdbx_nonpoly_scheme.mon_id 
_pdbx_nonpoly_scheme.ndb_seq_num 
_pdbx_nonpoly_scheme.pdb_seq_num 
_pdbx_nonpoly_scheme.auth_seq_num 
_pdbx_nonpoly_scheme.pdb_mon_id 
_pdbx_nonpoly_scheme.auth_mon_id 
_pdbx_nonpoly_scheme.pdb_strand_id 
_pdbx_nonpoly_scheme.pdb_ins_code 
B 2 HEM 1   153 1   HEM HEM A . 
C 3 CMO 1   154 2   CMO CMO A . 
D 4 HOH 1   155 155 HOH HOH A . 
D 4 HOH 2   156 156 HOH HOH A . 
D 4 HOH 3   157 157 HOH HOH A . 
D 4 HOH 4   158 158 HOH HOH A . 
D 4 HOH 5   159 159 HOH HOH A . 
D 4 HOH 6   160 160 HOH HOH A . 
D 4 HOH 7   161 161 HOH HOH A . 
D 4 HOH 8   162 162 HOH HOH A . 
D 4 HOH 9   163 163 HOH HOH A . 
D 4 HOH 10  164 164 HOH HOH A . 
D 4 HOH 11  165 165 HOH HOH A . 
D 4 HOH 12  166 166 HOH HOH A . 
D 4 HOH 13  167 167 HOH HOH A . 
D 4 HOH 14  168 168 HOH HOH A . 
D 4 HOH 15  169 169 HOH HOH A . 
D 4 HOH 16  170 170 HOH HOH A . 
D 4 HOH 17  171 171 HOH HOH A . 
D 4 HOH 18  172 172 HOH HOH A . 
D 4 HOH 19  173 173 HOH HOH A . 
D 4 HOH 20  174 174 HOH HOH A . 
D 4 HOH 21  175 175 HOH HOH A . 
D 4 HOH 22  176 176 HOH HOH A . 
D 4 HOH 23  177 177 HOH HOH A . 
D 4 HOH 24  178 178 HOH HOH A . 
D 4 HOH 25  179 179 HOH HOH A . 
D 4 HOH 26  180 180 HOH HOH A . 
D 4 HOH 27  181 181 HOH HOH A . 
D 4 HOH 28  182 182 HOH HOH A . 
D 4 HOH 29  183 183 HOH HOH A . 
D 4 HOH 30  184 184 HOH HOH A . 
D 4 HOH 31  185 185 HOH HOH A . 
D 4 HOH 32  186 186 HOH HOH A . 
D 4 HOH 33  187 187 HOH HOH A . 
D 4 HOH 34  188 188 HOH HOH A . 
D 4 HOH 35  189 189 HOH HOH A . 
D 4 HOH 36  190 190 HOH HOH A . 
D 4 HOH 37  191 191 HOH HOH A . 
D 4 HOH 38  192 192 HOH HOH A . 
D 4 HOH 39  193 193 HOH HOH A . 
D 4 HOH 40  194 194 HOH HOH A . 
D 4 HOH 41  195 195 HOH HOH A . 
D 4 HOH 42  196 196 HOH HOH A . 
D 4 HOH 43  197 197 HOH HOH A . 
D 4 HOH 44  198 198 HOH HOH A . 
D 4 HOH 45  199 199 HOH HOH A . 
D 4 HOH 46  200 200 HOH HOH A . 
D 4 HOH 47  201 201 HOH HOH A . 
D 4 HOH 48  202 202 HOH HOH A . 
D 4 HOH 49  203 203 HOH HOH A . 
D 4 HOH 50  204 204 HOH HOH A . 
D 4 HOH 51  205 205 HOH HOH A . 
D 4 HOH 52  206 206 HOH HOH A . 
D 4 HOH 53  207 207 HOH HOH A . 
D 4 HOH 54  208 208 HOH HOH A . 
D 4 HOH 55  209 209 HOH HOH A . 
D 4 HOH 56  210 210 HOH HOH A . 
D 4 HOH 57  211 211 HOH HOH A . 
D 4 HOH 58  212 212 HOH HOH A . 
D 4 HOH 59  213 213 HOH HOH A . 
D 4 HOH 60  214 214 HOH HOH A . 
D 4 HOH 61  215 215 HOH HOH A . 
D 4 HOH 62  216 216 HOH HOH A . 
D 4 HOH 63  217 217 HOH HOH A . 
D 4 HOH 64  218 218 HOH HOH A . 
D 4 HOH 65  219 219 HOH HOH A . 
D 4 HOH 66  220 220 HOH HOH A . 
D 4 HOH 67  221 221 HOH HOH A . 
D 4 HOH 68  222 222 HOH HOH A . 
D 4 HOH 69  223 223 HOH HOH A . 
D 4 HOH 70  224 224 HOH HOH A . 
D 4 HOH 71  225 225 HOH HOH A . 
D 4 HOH 72  226 226 HOH HOH A . 
D 4 HOH 73  227 227 HOH HOH A . 
D 4 HOH 74  228 228 HOH HOH A . 
D 4 HOH 75  229 229 HOH HOH A . 
D 4 HOH 76  230 230 HOH HOH A . 
D 4 HOH 77  231 231 HOH HOH A . 
D 4 HOH 78  232 232 HOH HOH A . 
D 4 HOH 79  233 233 HOH HOH A . 
D 4 HOH 80  234 234 HOH HOH A . 
D 4 HOH 81  235 235 HOH HOH A . 
D 4 HOH 82  236 236 HOH HOH A . 
D 4 HOH 83  237 237 HOH HOH A . 
D 4 HOH 84  238 238 HOH HOH A . 
D 4 HOH 85  239 239 HOH HOH A . 
D 4 HOH 86  240 240 HOH HOH A . 
D 4 HOH 87  241 241 HOH HOH A . 
D 4 HOH 88  242 242 HOH HOH A . 
D 4 HOH 89  243 243 HOH HOH A . 
D 4 HOH 90  244 244 HOH HOH A . 
D 4 HOH 91  245 245 HOH HOH A . 
D 4 HOH 92  246 246 HOH HOH A . 
D 4 HOH 93  247 247 HOH HOH A . 
D 4 HOH 94  248 248 HOH HOH A . 
D 4 HOH 95  249 249 HOH HOH A . 
D 4 HOH 96  250 250 HOH HOH A . 
D 4 HOH 97  251 251 HOH HOH A . 
D 4 HOH 98  252 252 HOH HOH A . 
D 4 HOH 99  253 253 HOH HOH A . 
D 4 HOH 100 254 254 HOH HOH A . 
D 4 HOH 101 255 255 HOH HOH A . 
D 4 HOH 102 256 256 HOH HOH A . 
D 4 HOH 103 257 257 HOH HOH A . 
D 4 HOH 104 258 258 HOH HOH A . 
D 4 HOH 105 259 259 HOH HOH A . 
D 4 HOH 106 260 260 HOH HOH A . 
D 4 HOH 107 261 261 HOH HOH A . 
D 4 HOH 108 262 262 HOH HOH A . 
D 4 HOH 109 263 263 HOH HOH A . 
D 4 HOH 110 264 264 HOH HOH A . 
D 4 HOH 111 265 265 HOH HOH A . 
D 4 HOH 112 266 266 HOH HOH A . 
D 4 HOH 113 267 267 HOH HOH A . 
D 4 HOH 114 268 268 HOH HOH A . 
D 4 HOH 115 269 269 HOH HOH A . 
D 4 HOH 116 270 270 HOH HOH A . 
D 4 HOH 117 271 271 HOH HOH A . 
D 4 HOH 118 272 272 HOH HOH A . 
D 4 HOH 119 273 273 HOH HOH A . 
D 4 HOH 120 274 274 HOH HOH A . 
D 4 HOH 121 275 275 HOH HOH A . 
D 4 HOH 122 276 276 HOH HOH A . 
D 4 HOH 123 277 277 HOH HOH A . 
D 4 HOH 124 278 278 HOH HOH A . 
D 4 HOH 125 279 279 HOH HOH A . 
D 4 HOH 126 280 280 HOH HOH A . 
D 4 HOH 127 281 281 HOH HOH A . 
D 4 HOH 128 282 282 HOH HOH A . 
D 4 HOH 129 283 283 HOH HOH A . 
D 4 HOH 130 284 284 HOH HOH A . 
D 4 HOH 131 285 285 HOH HOH A . 
D 4 HOH 132 286 286 HOH HOH A . 
D 4 HOH 133 287 287 HOH HOH A . 
D 4 HOH 134 288 288 HOH HOH A . 
D 4 HOH 135 289 289 HOH HOH A . 
D 4 HOH 136 290 290 HOH HOH A . 
D 4 HOH 137 291 291 HOH HOH A . 
D 4 HOH 138 292 292 HOH HOH A . 
D 4 HOH 139 293 293 HOH HOH A . 
D 4 HOH 140 294 294 HOH HOH A . 
D 4 HOH 141 295 295 HOH HOH A . 
D 4 HOH 142 296 296 HOH HOH A . 
D 4 HOH 143 297 297 HOH HOH A . 
D 4 HOH 144 298 298 HOH HOH A . 
D 4 HOH 145 299 299 HOH HOH A . 
D 4 HOH 146 300 300 HOH HOH A . 
D 4 HOH 147 301 301 HOH HOH A . 
D 4 HOH 148 302 302 HOH HOH A . 
D 4 HOH 149 303 303 HOH HOH A . 
D 4 HOH 150 304 304 HOH HOH A . 
D 4 HOH 151 305 305 HOH HOH A . 
D 4 HOH 152 306 306 HOH HOH A . 
D 4 HOH 153 307 307 HOH HOH A . 
D 4 HOH 154 308 308 HOH HOH A . 
D 4 HOH 155 309 309 HOH HOH A . 
D 4 HOH 156 310 310 HOH HOH A . 
D 4 HOH 157 311 311 HOH HOH A . 
D 4 HOH 158 312 312 HOH HOH A . 
D 4 HOH 159 313 313 HOH HOH A . 
D 4 HOH 160 314 314 HOH HOH A . 
D 4 HOH 161 315 315 HOH HOH A . 
D 4 HOH 162 316 316 HOH HOH A . 
D 4 HOH 163 317 1   HOH HOH A . 
D 4 HOH 164 318 2   HOH HOH A . 
D 4 HOH 165 319 3   HOH HOH A . 
D 4 HOH 166 320 4   HOH HOH A . 
D 4 HOH 167 321 5   HOH HOH A . 
D 4 HOH 168 322 6   HOH HOH A . 
D 4 HOH 169 323 7   HOH HOH A . 
D 4 HOH 170 324 8   HOH HOH A . 
D 4 HOH 171 325 9   HOH HOH A . 
D 4 HOH 172 326 10  HOH HOH A . 
D 4 HOH 173 327 11  HOH HOH A . 
D 4 HOH 174 328 12  HOH HOH A . 
D 4 HOH 175 329 13  HOH HOH A . 
D 4 HOH 176 330 14  HOH HOH A . 
D 4 HOH 177 331 15  HOH HOH A . 
D 4 HOH 178 332 16  HOH HOH A . 
D 4 HOH 179 333 17  HOH HOH A . 
D 4 HOH 180 334 18  HOH HOH A . 
D 4 HOH 181 335 19  HOH HOH A . 
D 4 HOH 182 336 20  HOH HOH A . 
D 4 HOH 183 337 21  HOH HOH A . 
D 4 HOH 184 338 22  HOH HOH A . 
D 4 HOH 185 339 23  HOH HOH A . 
D 4 HOH 186 340 24  HOH HOH A . 
D 4 HOH 187 341 25  HOH HOH A . 
D 4 HOH 188 342 26  HOH HOH A . 
D 4 HOH 189 343 27  HOH HOH A . 
D 4 HOH 190 344 28  HOH HOH A . 
D 4 HOH 191 345 29  HOH HOH A . 
D 4 HOH 192 346 30  HOH HOH A . 
D 4 HOH 193 347 31  HOH HOH A . 
D 4 HOH 194 348 32  HOH HOH A . 
D 4 HOH 195 349 33  HOH HOH A . 
D 4 HOH 196 350 34  HOH HOH A . 
D 4 HOH 197 351 35  HOH HOH A . 
D 4 HOH 198 352 36  HOH HOH A . 
D 4 HOH 199 353 37  HOH HOH A . 
D 4 HOH 200 354 38  HOH HOH A . 
D 4 HOH 201 355 39  HOH HOH A . 
D 4 HOH 202 356 40  HOH HOH A . 
D 4 HOH 203 357 41  HOH HOH A . 
D 4 HOH 204 358 42  HOH HOH A . 
D 4 HOH 205 359 43  HOH HOH A . 
D 4 HOH 206 360 44  HOH HOH A . 
D 4 HOH 207 361 45  HOH HOH A . 
D 4 HOH 208 362 46  HOH HOH A . 
D 4 HOH 209 363 47  HOH HOH A . 
D 4 HOH 210 364 48  HOH HOH A . 
D 4 HOH 211 365 49  HOH HOH A . 
D 4 HOH 212 366 50  HOH HOH A . 
D 4 HOH 213 367 51  HOH HOH A . 
D 4 HOH 214 368 52  HOH HOH A . 
D 4 HOH 215 369 53  HOH HOH A . 
D 4 HOH 216 370 54  HOH HOH A . 
D 4 HOH 217 371 55  HOH HOH A . 
D 4 HOH 218 372 56  HOH HOH A . 
D 4 HOH 219 373 57  HOH HOH A . 
D 4 HOH 220 374 58  HOH HOH A . 
D 4 HOH 221 375 59  HOH HOH A . 
D 4 HOH 222 376 60  HOH HOH A . 
D 4 HOH 223 377 61  HOH HOH A . 
D 4 HOH 224 378 62  HOH HOH A . 
D 4 HOH 225 379 63  HOH HOH A . 
D 4 HOH 226 380 64  HOH HOH A . 
D 4 HOH 227 381 65  HOH HOH A . 
D 4 HOH 228 382 66  HOH HOH A . 
D 4 HOH 229 383 67  HOH HOH A . 
D 4 HOH 230 384 68  HOH HOH A . 
D 4 HOH 231 385 69  HOH HOH A . 
D 4 HOH 232 386 70  HOH HOH A . 
D 4 HOH 233 387 71  HOH HOH A . 
D 4 HOH 234 388 72  HOH HOH A . 
D 4 HOH 235 389 73  HOH HOH A . 
D 4 HOH 236 390 74  HOH HOH A . 
D 4 HOH 237 391 75  HOH HOH A . 
D 4 HOH 238 392 76  HOH HOH A . 
D 4 HOH 239 393 77  HOH HOH A . 
D 4 HOH 240 394 78  HOH HOH A . 
D 4 HOH 241 395 79  HOH HOH A . 
D 4 HOH 242 396 80  HOH HOH A . 
D 4 HOH 243 397 81  HOH HOH A . 
D 4 HOH 244 398 82  HOH HOH A . 
D 4 HOH 245 399 83  HOH HOH A . 
D 4 HOH 246 400 84  HOH HOH A . 
D 4 HOH 247 401 85  HOH HOH A . 
D 4 HOH 248 402 86  HOH HOH A . 
D 4 HOH 249 403 87  HOH HOH A . 
D 4 HOH 250 404 88  HOH HOH A . 
D 4 HOH 251 405 89  HOH HOH A . 
D 4 HOH 252 406 90  HOH HOH A . 
D 4 HOH 253 407 91  HOH HOH A . 
D 4 HOH 254 408 92  HOH HOH A . 
D 4 HOH 255 409 93  HOH HOH A . 
D 4 HOH 256 410 94  HOH HOH A . 
D 4 HOH 257 411 95  HOH HOH A . 
D 4 HOH 258 412 96  HOH HOH A . 
D 4 HOH 259 413 97  HOH HOH A . 
D 4 HOH 260 414 98  HOH HOH A . 
D 4 HOH 261 415 99  HOH HOH A . 
D 4 HOH 262 416 100 HOH HOH A . 
D 4 HOH 263 417 101 HOH HOH A . 
D 4 HOH 264 418 102 HOH HOH A . 
D 4 HOH 265 419 103 HOH HOH A . 
D 4 HOH 266 420 104 HOH HOH A . 
D 4 HOH 267 421 105 HOH HOH A . 
D 4 HOH 268 422 106 HOH HOH A . 
D 4 HOH 269 423 107 HOH HOH A . 
D 4 HOH 270 424 108 HOH HOH A . 
D 4 HOH 271 425 109 HOH HOH A . 
D 4 HOH 272 426 110 HOH HOH A . 
D 4 HOH 273 427 111 HOH HOH A . 
D 4 HOH 274 428 112 HOH HOH A . 
D 4 HOH 275 429 113 HOH HOH A . 
D 4 HOH 276 430 114 HOH HOH A . 
D 4 HOH 277 431 115 HOH HOH A . 
D 4 HOH 278 432 116 HOH HOH A . 
D 4 HOH 279 433 117 HOH HOH A . 
D 4 HOH 280 434 118 HOH HOH A . 
D 4 HOH 281 435 119 HOH HOH A . 
D 4 HOH 282 436 120 HOH HOH A . 
D 4 HOH 283 437 121 HOH HOH A . 
D 4 HOH 284 438 122 HOH HOH A . 
D 4 HOH 285 439 123 HOH HOH A . 
D 4 HOH 286 440 124 HOH HOH A . 
D 4 HOH 287 441 125 HOH HOH A . 
D 4 HOH 288 442 126 HOH HOH A . 
D 4 HOH 289 443 127 HOH HOH A . 
D 4 HOH 290 444 128 HOH HOH A . 
D 4 HOH 291 445 129 HOH HOH A . 
D 4 HOH 292 446 130 HOH HOH A . 
D 4 HOH 293 447 131 HOH HOH A . 
D 4 HOH 294 448 132 HOH HOH A . 
D 4 HOH 295 449 133 HOH HOH A . 
D 4 HOH 296 450 134 HOH HOH A . 
D 4 HOH 297 451 135 HOH HOH A . 
D 4 HOH 298 452 136 HOH HOH A . 
D 4 HOH 299 453 137 HOH HOH A . 
D 4 HOH 300 454 138 HOH HOH A . 
D 4 HOH 301 455 139 HOH HOH A . 
D 4 HOH 302 456 140 HOH HOH A . 
D 4 HOH 303 457 141 HOH HOH A . 
D 4 HOH 304 458 142 HOH HOH A . 
D 4 HOH 305 459 143 HOH HOH A . 
D 4 HOH 306 460 144 HOH HOH A . 
D 4 HOH 307 461 145 HOH HOH A . 
D 4 HOH 308 462 146 HOH HOH A . 
D 4 HOH 309 463 147 HOH HOH A . 
D 4 HOH 310 464 148 HOH HOH A . 
D 4 HOH 311 465 149 HOH HOH A . 
D 4 HOH 312 466 150 HOH HOH A . 
D 4 HOH 313 467 151 HOH HOH A . 
D 4 HOH 314 468 152 HOH HOH A . 
D 4 HOH 315 469 153 HOH HOH A . 
D 4 HOH 316 470 154 HOH HOH A . 
# 
_pdbx_unobs_or_zero_occ_atoms.id               1 
_pdbx_unobs_or_zero_occ_atoms.PDB_model_num    1 
_pdbx_unobs_or_zero_occ_atoms.polymer_flag     N 
_pdbx_unobs_or_zero_occ_atoms.occupancy_flag   0 
_pdbx_unobs_or_zero_occ_atoms.auth_asym_id     A 
_pdbx_unobs_or_zero_occ_atoms.auth_comp_id     HEM 
_pdbx_unobs_or_zero_occ_atoms.auth_seq_id      153 
_pdbx_unobs_or_zero_occ_atoms.PDB_ins_code     ? 
_pdbx_unobs_or_zero_occ_atoms.auth_atom_id     CBC 
_pdbx_unobs_or_zero_occ_atoms.label_alt_id     ? 
_pdbx_unobs_or_zero_occ_atoms.label_asym_id    B 
_pdbx_unobs_or_zero_occ_atoms.label_comp_id    HEM 
_pdbx_unobs_or_zero_occ_atoms.label_seq_id     ? 
_pdbx_unobs_or_zero_occ_atoms.label_atom_id    CBC 
# 
loop_
_software.name 
_software.classification 
_software.version 
_software.citation_id 
_software.pdbx_ordinal 
CrystalClear 'data collection' .    ? 1 
CNX          refinement        2005 ? 2 
CrystalClear 'data reduction'  .    ? 3 
CrystalClear 'data scaling'    .    ? 4 
CNX          phasing           2005 ? 5 
# 
_cell.entry_id           3A9M 
_cell.length_a           33.580 
_cell.length_b           64.510 
_cell.length_c           72.820 
_cell.angle_alpha        90.00 
_cell.angle_beta         90.00 
_cell.angle_gamma        90.00 
_cell.Z_PDB              4 
_cell.pdbx_unique_axis   ? 
_cell.length_a_esd       ? 
_cell.length_b_esd       ? 
_cell.length_c_esd       ? 
_cell.angle_alpha_esd    ? 
_cell.angle_beta_esd     ? 
_cell.angle_gamma_esd    ? 
# 
_symmetry.entry_id                         3A9M 
_symmetry.space_group_name_H-M             'P 21 21 21' 
_symmetry.pdbx_full_space_group_name_H-M   ? 
_symmetry.cell_setting                     ? 
_symmetry.Int_Tables_number                19 
_symmetry.space_group_name_Hall            ? 
# 
_exptl.entry_id          3A9M 
_exptl.method            'X-RAY DIFFRACTION' 
_exptl.crystals_number   1 
# 
_exptl_crystal.id                    1 
_exptl_crystal.density_meas          ? 
_exptl_crystal.density_Matthews      2.29 
_exptl_crystal.density_percent_sol   46.29 
_exptl_crystal.description           ? 
_exptl_crystal.F_000                 ? 
_exptl_crystal.preparation           ? 
# 
_exptl_crystal_grow.crystal_id      1 
_exptl_crystal_grow.method          'VAPOR DIFFUSION, HANGING DROP' 
_exptl_crystal_grow.temp            293 
_exptl_crystal_grow.temp_details    ? 
_exptl_crystal_grow.pH              9.0 
_exptl_crystal_grow.pdbx_details    'PEG3350, pH 9.0, VAPOR DIFFUSION, HANGING DROP, temperature 293K' 
_exptl_crystal_grow.pdbx_pH_range   . 
# 
_diffrn.id                     1 
_diffrn.ambient_temp           100 
_diffrn.ambient_temp_details   ? 
_diffrn.crystal_id             1 
# 
_diffrn_detector.diffrn_id              1 
_diffrn_detector.detector               'IMAGE PLATE' 
_diffrn_detector.type                   'RIGAKU RAXIS IV++' 
_diffrn_detector.pdbx_collection_date   2009-01-07 
_diffrn_detector.details                ? 
# 
_diffrn_radiation.diffrn_id                        1 
_diffrn_radiation.wavelength_id                    1 
_diffrn_radiation.pdbx_monochromatic_or_laue_m_l   M 
_diffrn_radiation.monochromator                    confocal 
_diffrn_radiation.pdbx_diffrn_protocol             'SINGLE WAVELENGTH' 
_diffrn_radiation.pdbx_scattering_type             x-ray 
# 
_diffrn_radiation_wavelength.id           1 
_diffrn_radiation_wavelength.wavelength   1.5418 
_diffrn_radiation_wavelength.wt           1.0 
# 
_diffrn_source.diffrn_id                   1 
_diffrn_source.source                      'ROTATING ANODE' 
_diffrn_source.type                        'RIGAKU ULTRAX 18' 
_diffrn_source.pdbx_synchrotron_site       ? 
_diffrn_source.pdbx_synchrotron_beamline   ? 
_diffrn_source.pdbx_wavelength             ? 
_diffrn_source.pdbx_wavelength_list        1.5418 
# 
_reflns.entry_id                     3A9M 
_reflns.observed_criterion_sigma_I   ? 
_reflns.observed_criterion_sigma_F   ? 
_reflns.d_resolution_low             24.68 
_reflns.d_resolution_high            1.80 
_reflns.number_obs                   15253 
_reflns.number_all                   ? 
_reflns.percent_possible_obs         100 
_reflns.pdbx_Rmerge_I_obs            0.045 
_reflns.pdbx_Rsym_value              ? 
_reflns.B_iso_Wilson_estimate        21.3 
_reflns.pdbx_redundancy              13.72 
_reflns.pdbx_netI_over_sigmaI        ? 
_reflns.R_free_details               ? 
_reflns.limit_h_max                  ? 
_reflns.limit_h_min                  ? 
_reflns.limit_k_max                  ? 
_reflns.limit_k_min                  ? 
_reflns.limit_l_max                  ? 
_reflns.limit_l_min                  ? 
_reflns.observed_criterion_F_max     ? 
_reflns.observed_criterion_F_min     ? 
_reflns.pdbx_chi_squared             ? 
_reflns.pdbx_scaling_rejects         ? 
_reflns.pdbx_diffrn_id               1 
_reflns.pdbx_ordinal                 1 
# 
_reflns_shell.d_res_high             1.80 
_reflns_shell.d_res_low              1.86 
_reflns_shell.percent_possible_all   100 
_reflns_shell.Rmerge_I_obs           0.133 
_reflns_shell.pdbx_Rsym_value        ? 
_reflns_shell.meanI_over_sigI_obs    15.4 
_reflns_shell.pdbx_redundancy        13.51 
_reflns_shell.percent_possible_obs   ? 
_reflns_shell.number_unique_all      ? 
_reflns_shell.number_measured_all    ? 
_reflns_shell.number_measured_obs    ? 
_reflns_shell.number_unique_obs      ? 
_reflns_shell.pdbx_chi_squared       ? 
_reflns_shell.pdbx_diffrn_id         ? 
_reflns_shell.pdbx_ordinal           1 
# 
_refine.entry_id                                 3A9M 
_refine.ls_number_reflns_obs                     15229 
_refine.ls_number_reflns_all                     15252 
_refine.pdbx_ls_sigma_I                          ? 
_refine.pdbx_ls_sigma_F                          0.0 
_refine.pdbx_data_cutoff_high_absF               911398.48 
_refine.pdbx_data_cutoff_low_absF                0.000000 
_refine.pdbx_data_cutoff_high_rms_absF           ? 
_refine.ls_d_res_low                             24.14 
_refine.ls_d_res_high                            1.80 
_refine.ls_percent_reflns_obs                    99.7 
_refine.ls_R_factor_obs                          0.206 
_refine.ls_R_factor_all                          ? 
_refine.ls_R_factor_R_work                       0.204 
_refine.ls_R_factor_R_free                       0.232 
_refine.ls_R_factor_R_free_error                 0.006 
_refine.ls_R_factor_R_free_error_details         ? 
_refine.ls_percent_reflns_R_free                 10.1 
_refine.ls_number_reflns_R_free                  1544 
_refine.ls_number_parameters                     ? 
_refine.ls_number_restraints                     ? 
_refine.occupancy_min                            ? 
_refine.occupancy_max                            ? 
_refine.correlation_coeff_Fo_to_Fc               ? 
_refine.correlation_coeff_Fo_to_Fc_free          ? 
_refine.B_iso_mean                               23.2 
_refine.aniso_B[1][1]                            -0.63 
_refine.aniso_B[2][2]                            -2.16 
_refine.aniso_B[3][3]                            2.79 
_refine.aniso_B[1][2]                            0.00 
_refine.aniso_B[1][3]                            0.00 
_refine.aniso_B[2][3]                            0.00 
_refine.solvent_model_details                    'FLAT MODEL' 
_refine.solvent_model_param_ksol                 0.472405 
_refine.solvent_model_param_bsol                 95.3113 
_refine.pdbx_solvent_vdw_probe_radii             ? 
_refine.pdbx_solvent_ion_probe_radii             ? 
_refine.pdbx_solvent_shrinkage_radii             ? 
_refine.pdbx_ls_cross_valid_method               THROUGHOUT 
_refine.details                                  ? 
_refine.pdbx_starting_model                      1X3K 
_refine.pdbx_method_to_determine_struct          'MOLECULAR REPLACEMENT' 
_refine.pdbx_isotropic_thermal_model             RESTRAINED 
_refine.pdbx_stereochemistry_target_values       ? 
_refine.pdbx_stereochem_target_val_spec_case     ? 
_refine.pdbx_R_Free_selection_details            RANDOM 
_refine.pdbx_overall_ESU_R                       ? 
_refine.pdbx_overall_ESU_R_Free                  ? 
_refine.overall_SU_ML                            ? 
_refine.overall_SU_B                             ? 
_refine.ls_redundancy_reflns_obs                 ? 
_refine.B_iso_min                                ? 
_refine.B_iso_max                                ? 
_refine.overall_SU_R_Cruickshank_DPI             ? 
_refine.overall_SU_R_free                        ? 
_refine.ls_wR_factor_R_free                      ? 
_refine.ls_wR_factor_R_work                      ? 
_refine.overall_FOM_free_R_set                   ? 
_refine.overall_FOM_work_R_set                   ? 
_refine.pdbx_refine_id                           'X-RAY DIFFRACTION' 
_refine.pdbx_overall_phase_error                 ? 
_refine.pdbx_diffrn_id                           1 
_refine.pdbx_TLS_residual_ADP_flag               ? 
_refine.pdbx_overall_SU_R_free_Cruickshank_DPI   ? 
_refine.pdbx_overall_SU_R_Blow_DPI               ? 
_refine.pdbx_overall_SU_R_free_Blow_DPI          ? 
# 
_refine_analyze.entry_id                        3A9M 
_refine_analyze.Luzzati_coordinate_error_obs    0.18 
_refine_analyze.Luzzati_sigma_a_obs             0.10 
_refine_analyze.Luzzati_d_res_low_obs           5.00 
_refine_analyze.Luzzati_coordinate_error_free   0.23 
_refine_analyze.Luzzati_sigma_a_free            0.18 
_refine_analyze.Luzzati_d_res_low_free          ? 
_refine_analyze.number_disordered_residues      ? 
_refine_analyze.occupancy_sum_hydrogen          ? 
_refine_analyze.occupancy_sum_non_hydrogen      ? 
_refine_analyze.pdbx_Luzzati_d_res_high_obs     ? 
_refine_analyze.pdbx_refine_id                  'X-RAY DIFFRACTION' 
# 
_refine_hist.pdbx_refine_id                   'X-RAY DIFFRACTION' 
_refine_hist.cycle_id                         LAST 
_refine_hist.pdbx_number_atoms_protein        1213 
_refine_hist.pdbx_number_atoms_nucleic_acid   0 
_refine_hist.pdbx_number_atoms_ligand         45 
_refine_hist.number_atoms_solvent             316 
_refine_hist.number_atoms_total               1574 
_refine_hist.d_res_high                       1.80 
_refine_hist.d_res_low                        24.14 
# 
loop_
_refine_ls_restr.type 
_refine_ls_restr.dev_ideal 
_refine_ls_restr.dev_ideal_target 
_refine_ls_restr.weight 
_refine_ls_restr.number 
_refine_ls_restr.pdbx_refine_id 
_refine_ls_restr.pdbx_restraint_function 
c_bond_d                0.023 ?    ? ? 'X-RAY DIFFRACTION' ? 
c_bond_d_na             ?     ?    ? ? 'X-RAY DIFFRACTION' ? 
c_bond_d_prot           ?     ?    ? ? 'X-RAY DIFFRACTION' ? 
c_angle_d               ?     ?    ? ? 'X-RAY DIFFRACTION' ? 
c_angle_d_na            ?     ?    ? ? 'X-RAY DIFFRACTION' ? 
c_angle_d_prot          ?     ?    ? ? 'X-RAY DIFFRACTION' ? 
c_angle_deg             1.7   ?    ? ? 'X-RAY DIFFRACTION' ? 
c_angle_deg_na          ?     ?    ? ? 'X-RAY DIFFRACTION' ? 
c_angle_deg_prot        ?     ?    ? ? 'X-RAY DIFFRACTION' ? 
c_dihedral_angle_d      19.4  ?    ? ? 'X-RAY DIFFRACTION' ? 
c_dihedral_angle_d_na   ?     ?    ? ? 'X-RAY DIFFRACTION' ? 
c_dihedral_angle_d_prot ?     ?    ? ? 'X-RAY DIFFRACTION' ? 
c_improper_angle_d      2.13  ?    ? ? 'X-RAY DIFFRACTION' ? 
c_improper_angle_d_na   ?     ?    ? ? 'X-RAY DIFFRACTION' ? 
c_improper_angle_d_prot ?     ?    ? ? 'X-RAY DIFFRACTION' ? 
c_mcbond_it             3.43  1.50 ? ? 'X-RAY DIFFRACTION' ? 
c_mcangle_it            4.00  2.00 ? ? 'X-RAY DIFFRACTION' ? 
c_scbond_it             4.64  2.00 ? ? 'X-RAY DIFFRACTION' ? 
c_scangle_it            5.87  2.50 ? ? 'X-RAY DIFFRACTION' ? 
# 
_refine_ls_shell.pdbx_total_number_of_bins_used   6 
_refine_ls_shell.d_res_high                       1.80 
_refine_ls_shell.d_res_low                        1.91 
_refine_ls_shell.number_reflns_R_work             2257 
_refine_ls_shell.R_factor_R_work                  0.221 
_refine_ls_shell.percent_reflns_obs               99.8 
_refine_ls_shell.R_factor_R_free                  0.317 
_refine_ls_shell.R_factor_R_free_error            0.021 
_refine_ls_shell.percent_reflns_R_free            9.5 
_refine_ls_shell.number_reflns_R_free             236 
_refine_ls_shell.number_reflns_all                ? 
_refine_ls_shell.R_factor_all                     ? 
_refine_ls_shell.number_reflns_obs                ? 
_refine_ls_shell.redundancy_reflns_obs            ? 
_refine_ls_shell.pdbx_refine_id                   'X-RAY DIFFRACTION' 
# 
_pdbx_refine.pdbx_refine_id                              'X-RAY DIFFRACTION' 
_pdbx_refine.entry_id                                    3A9M 
_pdbx_refine.R_factor_all_no_cutoff                      0.217 
_pdbx_refine.R_factor_obs_no_cutoff                      0.214 
_pdbx_refine.free_R_factor_no_cutoff                     0.243 
_pdbx_refine.free_R_error_no_cutoff                      0.006 
_pdbx_refine.free_R_val_test_set_size_perc_no_cutoff     10.1 
_pdbx_refine.free_R_val_test_set_ct_no_cutoff            1546 
_pdbx_refine.R_factor_all_4sig_cutoff                    ? 
_pdbx_refine.R_factor_obs_4sig_cutoff                    ? 
_pdbx_refine.free_R_factor_4sig_cutoff                   ? 
_pdbx_refine.free_R_val_test_set_size_perc_4sig_cutoff   ? 
_pdbx_refine.free_R_val_test_set_ct_4sig_cutoff          ? 
_pdbx_refine.number_reflns_obs_4sig_cutoff               ? 
# 
loop_
_pdbx_xplor_file.pdbx_refine_id 
_pdbx_xplor_file.serial_no 
_pdbx_xplor_file.param_file 
_pdbx_xplor_file.topol_file 
'X-RAY DIFFRACTION' 1 protein_rep.parm protein.top   
'X-RAY DIFFRACTION' 2 water_rep.param  water.top     
'X-RAY DIFFRACTION' 3 PaV-heme.param   PaV-heme.top  
'X-RAY DIFFRACTION' 4 cmo_xplor.param  cmo_xplor.top 
# 
_struct.entry_id                  3A9M 
_struct.title                     'Crystal structure of a hemoglobin component V from Propsilocerus akamusi (pH9.0 coordinates)' 
_struct.pdbx_model_details        ? 
_struct.pdbx_CASP_flag            ? 
_struct.pdbx_model_type_details   ? 
# 
_struct_keywords.entry_id        3A9M 
_struct_keywords.pdbx_keywords   'OXYGEN TRANSPORT' 
_struct_keywords.text            
'hemoglobin, insect, Diptera, Propsilocerus akamusi, midge larva, Heme, Oxygen transport, Transport' 
# 
loop_
_struct_asym.id 
_struct_asym.pdbx_blank_PDB_chainid_flag 
_struct_asym.pdbx_modified 
_struct_asym.entity_id 
_struct_asym.details 
A N N 1 ? 
B N N 2 ? 
C N N 3 ? 
D N N 4 ? 
# 
_struct_ref.id                         1 
_struct_ref.db_name                    UNP 
_struct_ref.db_code                    Q7M422_9DIPT 
_struct_ref.pdbx_db_accession          Q7M422 
_struct_ref.entity_id                  1 
_struct_ref.pdbx_seq_one_letter_code   
;AFVGLSDSEEKLVRDAWAPIHGDLQGTANTVFYNYLKKYPSNQDKFETLKGHPLDEVKDTANFKLIAGRIFTIFDNCVKN
VGNDKGFQKVIADMSGPHVARPITHGSYNDLRGVIYDSMHLDSTHGAAWNKMMDNFFYVFYECLDGRCSQFS
;
_struct_ref.pdbx_align_begin           1 
_struct_ref.pdbx_db_isoform            ? 
# 
_struct_ref_seq.align_id                      1 
_struct_ref_seq.ref_id                        1 
_struct_ref_seq.pdbx_PDB_id_code              3A9M 
_struct_ref_seq.pdbx_strand_id                A 
_struct_ref_seq.seq_align_beg                 1 
_struct_ref_seq.pdbx_seq_align_beg_ins_code   ? 
_struct_ref_seq.seq_align_end                 152 
_struct_ref_seq.pdbx_seq_align_end_ins_code   ? 
_struct_ref_seq.pdbx_db_accession             Q7M422 
_struct_ref_seq.db_align_beg                  1 
_struct_ref_seq.pdbx_db_align_beg_ins_code    ? 
_struct_ref_seq.db_align_end                  152 
_struct_ref_seq.pdbx_db_align_end_ins_code    ? 
_struct_ref_seq.pdbx_auth_seq_align_beg       1 
_struct_ref_seq.pdbx_auth_seq_align_end       152 
# 
_pdbx_struct_assembly.id                   1 
_pdbx_struct_assembly.details              author_and_software_defined_assembly 
_pdbx_struct_assembly.method_details       PISA 
_pdbx_struct_assembly.oligomeric_details   monomeric 
_pdbx_struct_assembly.oligomeric_count     1 
# 
_pdbx_struct_assembly_gen.assembly_id       1 
_pdbx_struct_assembly_gen.oper_expression   1 
_pdbx_struct_assembly_gen.asym_id_list      A,B,C,D 
# 
_pdbx_struct_oper_list.id                   1 
_pdbx_struct_oper_list.type                 'identity operation' 
_pdbx_struct_oper_list.name                 1_555 
_pdbx_struct_oper_list.symmetry_operation   x,y,z 
_pdbx_struct_oper_list.matrix[1][1]         1.0000000000 
_pdbx_struct_oper_list.matrix[1][2]         0.0000000000 
_pdbx_struct_oper_list.matrix[1][3]         0.0000000000 
_pdbx_struct_oper_list.vector[1]            0.0000000000 
_pdbx_struct_oper_list.matrix[2][1]         0.0000000000 
_pdbx_struct_oper_list.matrix[2][2]         1.0000000000 
_pdbx_struct_oper_list.matrix[2][3]         0.0000000000 
_pdbx_struct_oper_list.vector[2]            0.0000000000 
_pdbx_struct_oper_list.matrix[3][1]         0.0000000000 
_pdbx_struct_oper_list.matrix[3][2]         0.0000000000 
_pdbx_struct_oper_list.matrix[3][3]         1.0000000000 
_pdbx_struct_oper_list.vector[3]            0.0000000000 
# 
_struct_biol.id        1 
_struct_biol.details   ? 
# 
loop_
_struct_conf.conf_type_id 
_struct_conf.id 
_struct_conf.pdbx_PDB_helix_id 
_struct_conf.beg_label_comp_id 
_struct_conf.beg_label_asym_id 
_struct_conf.beg_label_seq_id 
_struct_conf.pdbx_beg_PDB_ins_code 
_struct_conf.end_label_comp_id 
_struct_conf.end_label_asym_id 
_struct_conf.end_label_seq_id 
_struct_conf.pdbx_end_PDB_ins_code 
_struct_conf.beg_auth_comp_id 
_struct_conf.beg_auth_asym_id 
_struct_conf.beg_auth_seq_id 
_struct_conf.end_auth_comp_id 
_struct_conf.end_auth_asym_id 
_struct_conf.end_auth_seq_id 
_struct_conf.pdbx_PDB_helix_class 
_struct_conf.details 
_struct_conf.pdbx_PDB_helix_length 
HELX_P HELX_P1  1  SER A 6   ? GLY A 22  ? SER A 6   GLY A 22  1 ? 17 
HELX_P HELX_P2  2  ASP A 23  ? TYR A 39  ? ASP A 23  TYR A 39  1 ? 17 
HELX_P HELX_P3  3  PRO A 40  ? PHE A 46  ? PRO A 40  PHE A 46  5 ? 7  
HELX_P HELX_P4  4  PRO A 53  ? LYS A 58  ? PRO A 53  LYS A 58  1 ? 6  
HELX_P HELX_P5  5  THR A 60  ? ASN A 80  ? THR A 60  ASN A 80  1 ? 21 
HELX_P HELX_P6  6  ASN A 83  ? GLY A 96  ? ASN A 83  GLY A 96  1 ? 14 
HELX_P HELX_P7  7  PRO A 97  ? VAL A 99  ? PRO A 97  VAL A 99  5 ? 3  
HELX_P HELX_P8  8  THR A 104 ? HIS A 120 ? THR A 104 HIS A 120 1 ? 17 
HELX_P HELX_P9  9  ASP A 122 ? ASP A 145 ? ASP A 122 ASP A 145 1 ? 24 
HELX_P HELX_P10 10 CYS A 148 ? SER A 152 ? CYS A 148 SER A 152 5 ? 5  
# 
_struct_conf_type.id          HELX_P 
_struct_conf_type.criteria    ? 
_struct_conf_type.reference   ? 
# 
loop_
_struct_conn.id 
_struct_conn.conn_type_id 
_struct_conn.pdbx_leaving_atom_flag 
_struct_conn.pdbx_PDB_id 
_struct_conn.ptnr1_label_asym_id 
_struct_conn.ptnr1_label_comp_id 
_struct_conn.ptnr1_label_seq_id 
_struct_conn.ptnr1_label_atom_id 
_struct_conn.pdbx_ptnr1_label_alt_id 
_struct_conn.pdbx_ptnr1_PDB_ins_code 
_struct_conn.pdbx_ptnr1_standard_comp_id 
_struct_conn.ptnr1_symmetry 
_struct_conn.ptnr2_label_asym_id 
_struct_conn.ptnr2_label_comp_id 
_struct_conn.ptnr2_label_seq_id 
_struct_conn.ptnr2_label_atom_id 
_struct_conn.pdbx_ptnr2_label_alt_id 
_struct_conn.pdbx_ptnr2_PDB_ins_code 
_struct_conn.ptnr1_auth_asym_id 
_struct_conn.ptnr1_auth_comp_id 
_struct_conn.ptnr1_auth_seq_id 
_struct_conn.ptnr2_auth_asym_id 
_struct_conn.ptnr2_auth_comp_id 
_struct_conn.ptnr2_auth_seq_id 
_struct_conn.ptnr2_symmetry 
_struct_conn.pdbx_ptnr3_label_atom_id 
_struct_conn.pdbx_ptnr3_label_seq_id 
_struct_conn.pdbx_ptnr3_label_comp_id 
_struct_conn.pdbx_ptnr3_label_asym_id 
_struct_conn.pdbx_ptnr3_label_alt_id 
_struct_conn.pdbx_ptnr3_PDB_ins_code 
_struct_conn.details 
_struct_conn.pdbx_dist_value 
_struct_conn.pdbx_value_order 
_struct_conn.pdbx_role 
disulf1 disulf ? ? A CYS 143 SG  ? ? ? 1_555 A CYS 148 SG ? ? A CYS 143 A CYS 148 1_555 ? ? ? ? ? ? ? 2.032 ? ? 
metalc1 metalc ? ? A HIS 98  NE2 ? ? ? 1_555 B HEM .   FE ? ? A HIS 98  A HEM 153 1_555 ? ? ? ? ? ? ? 2.204 ? ? 
# 
loop_
_struct_conn_type.id 
_struct_conn_type.criteria 
_struct_conn_type.reference 
disulf ? ? 
metalc ? ? 
# 
loop_
_pdbx_struct_conn_angle.id 
_pdbx_struct_conn_angle.ptnr1_label_atom_id 
_pdbx_struct_conn_angle.ptnr1_label_alt_id 
_pdbx_struct_conn_angle.ptnr1_label_asym_id 
_pdbx_struct_conn_angle.ptnr1_label_comp_id 
_pdbx_struct_conn_angle.ptnr1_label_seq_id 
_pdbx_struct_conn_angle.ptnr1_auth_atom_id 
_pdbx_struct_conn_angle.ptnr1_auth_asym_id 
_pdbx_struct_conn_angle.ptnr1_auth_comp_id 
_pdbx_struct_conn_angle.ptnr1_auth_seq_id 
_pdbx_struct_conn_angle.ptnr1_PDB_ins_code 
_pdbx_struct_conn_angle.ptnr1_symmetry 
_pdbx_struct_conn_angle.ptnr2_label_atom_id 
_pdbx_struct_conn_angle.ptnr2_label_alt_id 
_pdbx_struct_conn_angle.ptnr2_label_asym_id 
_pdbx_struct_conn_angle.ptnr2_label_comp_id 
_pdbx_struct_conn_angle.ptnr2_label_seq_id 
_pdbx_struct_conn_angle.ptnr2_auth_atom_id 
_pdbx_struct_conn_angle.ptnr2_auth_asym_id 
_pdbx_struct_conn_angle.ptnr2_auth_comp_id 
_pdbx_struct_conn_angle.ptnr2_auth_seq_id 
_pdbx_struct_conn_angle.ptnr2_PDB_ins_code 
_pdbx_struct_conn_angle.ptnr2_symmetry 
_pdbx_struct_conn_angle.ptnr3_label_atom_id 
_pdbx_struct_conn_angle.ptnr3_label_alt_id 
_pdbx_struct_conn_angle.ptnr3_label_asym_id 
_pdbx_struct_conn_angle.ptnr3_label_comp_id 
_pdbx_struct_conn_angle.ptnr3_label_seq_id 
_pdbx_struct_conn_angle.ptnr3_auth_atom_id 
_pdbx_struct_conn_angle.ptnr3_auth_asym_id 
_pdbx_struct_conn_angle.ptnr3_auth_comp_id 
_pdbx_struct_conn_angle.ptnr3_auth_seq_id 
_pdbx_struct_conn_angle.ptnr3_PDB_ins_code 
_pdbx_struct_conn_angle.ptnr3_symmetry 
_pdbx_struct_conn_angle.value 
_pdbx_struct_conn_angle.value_esd 
1  NE2 ? A HIS 98 ? A HIS 98  ? 1_555 FE ? B HEM . ? A HEM 153 ? 1_555 NA ? B HEM . ? A HEM 153 ? 1_555 83.9  ? 
2  NE2 ? A HIS 98 ? A HIS 98  ? 1_555 FE ? B HEM . ? A HEM 153 ? 1_555 NB ? B HEM . ? A HEM 153 ? 1_555 90.8  ? 
3  NA  ? B HEM .  ? A HEM 153 ? 1_555 FE ? B HEM . ? A HEM 153 ? 1_555 NB ? B HEM . ? A HEM 153 ? 1_555 89.7  ? 
4  NE2 ? A HIS 98 ? A HIS 98  ? 1_555 FE ? B HEM . ? A HEM 153 ? 1_555 NC ? B HEM . ? A HEM 153 ? 1_555 90.2  ? 
5  NA  ? B HEM .  ? A HEM 153 ? 1_555 FE ? B HEM . ? A HEM 153 ? 1_555 NC ? B HEM . ? A HEM 153 ? 1_555 174.0 ? 
6  NB  ? B HEM .  ? A HEM 153 ? 1_555 FE ? B HEM . ? A HEM 153 ? 1_555 NC ? B HEM . ? A HEM 153 ? 1_555 91.0  ? 
7  NE2 ? A HIS 98 ? A HIS 98  ? 1_555 FE ? B HEM . ? A HEM 153 ? 1_555 ND ? B HEM . ? A HEM 153 ? 1_555 81.1  ? 
8  NA  ? B HEM .  ? A HEM 153 ? 1_555 FE ? B HEM . ? A HEM 153 ? 1_555 ND ? B HEM . ? A HEM 153 ? 1_555 88.4  ? 
9  NB  ? B HEM .  ? A HEM 153 ? 1_555 FE ? B HEM . ? A HEM 153 ? 1_555 ND ? B HEM . ? A HEM 153 ? 1_555 171.8 ? 
10 NC  ? B HEM .  ? A HEM 153 ? 1_555 FE ? B HEM . ? A HEM 153 ? 1_555 ND ? B HEM . ? A HEM 153 ? 1_555 90.0  ? 
# 
_pdbx_modification_feature.ordinal                            1 
_pdbx_modification_feature.label_comp_id                      CYS 
_pdbx_modification_feature.label_asym_id                      A 
_pdbx_modification_feature.label_seq_id                       143 
_pdbx_modification_feature.label_alt_id                       ? 
_pdbx_modification_feature.modified_residue_label_comp_id     CYS 
_pdbx_modification_feature.modified_residue_label_asym_id     A 
_pdbx_modification_feature.modified_residue_label_seq_id      148 
_pdbx_modification_feature.modified_residue_label_alt_id      ? 
_pdbx_modification_feature.auth_comp_id                       CYS 
_pdbx_modification_feature.auth_asym_id                       A 
_pdbx_modification_feature.auth_seq_id                        143 
_pdbx_modification_feature.PDB_ins_code                       ? 
_pdbx_modification_feature.symmetry                           1_555 
_pdbx_modification_feature.modified_residue_auth_comp_id      CYS 
_pdbx_modification_feature.modified_residue_auth_asym_id      A 
_pdbx_modification_feature.modified_residue_auth_seq_id       148 
_pdbx_modification_feature.modified_residue_PDB_ins_code      ? 
_pdbx_modification_feature.modified_residue_symmetry          1_555 
_pdbx_modification_feature.comp_id_linking_atom               SG 
_pdbx_modification_feature.modified_residue_id_linking_atom   SG 
_pdbx_modification_feature.modified_residue_id                . 
_pdbx_modification_feature.ref_pcm_id                         . 
_pdbx_modification_feature.ref_comp_id                        . 
_pdbx_modification_feature.type                               None 
_pdbx_modification_feature.category                           'Disulfide bridge' 
# 
loop_
_struct_site.id 
_struct_site.pdbx_evidence_code 
_struct_site.pdbx_auth_asym_id 
_struct_site.pdbx_auth_comp_id 
_struct_site.pdbx_auth_seq_id 
_struct_site.pdbx_auth_ins_code 
_struct_site.pdbx_num_residues 
_struct_site.details 
AC1 Software A HEM 153 ? 19 'BINDING SITE FOR RESIDUE HEM A 153' 
AC2 Software A CMO 154 ? 4  'BINDING SITE FOR RESIDUE CMO A 154' 
# 
loop_
_struct_site_gen.id 
_struct_site_gen.site_id 
_struct_site_gen.pdbx_num_res 
_struct_site_gen.label_comp_id 
_struct_site_gen.label_asym_id 
_struct_site_gen.label_seq_id 
_struct_site_gen.pdbx_auth_ins_code 
_struct_site_gen.auth_comp_id 
_struct_site_gen.auth_asym_id 
_struct_site_gen.auth_seq_id 
_struct_site_gen.label_atom_id 
_struct_site_gen.label_alt_id 
_struct_site_gen.symmetry 
_struct_site_gen.details 
1  AC1 19 TYR A 35  ? TYR A 35  . ? 1_555 ? 
2  AC1 19 LYS A 45  ? LYS A 45  . ? 1_555 ? 
3  AC1 19 PHE A 46  ? PHE A 46  . ? 1_555 ? 
4  AC1 19 ARG A 69  ? ARG A 69  . ? 1_555 ? 
5  AC1 19 ILE A 70  ? ILE A 70  . ? 1_555 ? 
6  AC1 19 ILE A 73  ? ILE A 73  . ? 1_555 ? 
7  AC1 19 PHE A 74  ? PHE A 74  . ? 1_555 ? 
8  AC1 19 MET A 94  ? MET A 94  . ? 1_555 ? 
9  AC1 19 PRO A 97  ? PRO A 97  . ? 1_555 ? 
10 AC1 19 HIS A 98  ? HIS A 98  . ? 1_555 ? 
11 AC1 19 ILE A 103 ? ILE A 103 . ? 1_555 ? 
12 AC1 19 TYR A 108 ? TYR A 108 . ? 1_555 ? 
13 AC1 19 CMO C .   ? CMO A 154 . ? 1_555 ? 
14 AC1 19 HOH D .   ? HOH A 165 . ? 1_555 ? 
15 AC1 19 HOH D .   ? HOH A 233 . ? 1_555 ? 
16 AC1 19 HOH D .   ? HOH A 286 . ? 1_555 ? 
17 AC1 19 HOH D .   ? HOH A 313 . ? 4_565 ? 
18 AC1 19 HOH D .   ? HOH A 374 . ? 1_555 ? 
19 AC1 19 HOH D .   ? HOH A 416 . ? 1_555 ? 
20 AC2 4  PHE A 46  ? PHE A 46  . ? 1_555 ? 
21 AC2 4  ILE A 66  ? ILE A 66  . ? 1_555 ? 
22 AC2 4  ILE A 70  ? ILE A 70  . ? 1_555 ? 
23 AC2 4  HEM B .   ? HEM A 153 . ? 1_555 ? 
# 
_pdbx_entry_details.entry_id                   3A9M 
_pdbx_entry_details.compound_details           ? 
_pdbx_entry_details.source_details             ? 
_pdbx_entry_details.nonpolymer_details         ? 
_pdbx_entry_details.sequence_details           ? 
_pdbx_entry_details.has_ligand_of_interest     ? 
_pdbx_entry_details.has_protein_modification   Y 
# 
loop_
_pdbx_validate_close_contact.id 
_pdbx_validate_close_contact.PDB_model_num 
_pdbx_validate_close_contact.auth_atom_id_1 
_pdbx_validate_close_contact.auth_asym_id_1 
_pdbx_validate_close_contact.auth_comp_id_1 
_pdbx_validate_close_contact.auth_seq_id_1 
_pdbx_validate_close_contact.PDB_ins_code_1 
_pdbx_validate_close_contact.label_alt_id_1 
_pdbx_validate_close_contact.auth_atom_id_2 
_pdbx_validate_close_contact.auth_asym_id_2 
_pdbx_validate_close_contact.auth_comp_id_2 
_pdbx_validate_close_contact.auth_seq_id_2 
_pdbx_validate_close_contact.PDB_ins_code_2 
_pdbx_validate_close_contact.label_alt_id_2 
_pdbx_validate_close_contact.dist 
1 1 FE A HEM 153 ? ? C A CMO 154 ? ? 1.88 
2 1 O  A HOH 192 ? ? O A HOH 302 ? ? 1.99 
# 
_pdbx_validate_symm_contact.id                1 
_pdbx_validate_symm_contact.PDB_model_num     1 
_pdbx_validate_symm_contact.auth_atom_id_1    O 
_pdbx_validate_symm_contact.auth_asym_id_1    A 
_pdbx_validate_symm_contact.auth_comp_id_1    HOH 
_pdbx_validate_symm_contact.auth_seq_id_1     169 
_pdbx_validate_symm_contact.PDB_ins_code_1    ? 
_pdbx_validate_symm_contact.label_alt_id_1    ? 
_pdbx_validate_symm_contact.site_symmetry_1   1_555 
_pdbx_validate_symm_contact.auth_atom_id_2    O 
_pdbx_validate_symm_contact.auth_asym_id_2    A 
_pdbx_validate_symm_contact.auth_comp_id_2    HOH 
_pdbx_validate_symm_contact.auth_seq_id_2     422 
_pdbx_validate_symm_contact.PDB_ins_code_2    ? 
_pdbx_validate_symm_contact.label_alt_id_2    ? 
_pdbx_validate_symm_contact.site_symmetry_2   1_655 
_pdbx_validate_symm_contact.dist              2.17 
# 
loop_
_chem_comp_atom.comp_id 
_chem_comp_atom.atom_id 
_chem_comp_atom.type_symbol 
_chem_comp_atom.pdbx_aromatic_flag 
_chem_comp_atom.pdbx_stereo_config 
_chem_comp_atom.pdbx_ordinal 
ALA N    N  N N 1   
ALA CA   C  N S 2   
ALA C    C  N N 3   
ALA O    O  N N 4   
ALA CB   C  N N 5   
ALA OXT  O  N N 6   
ALA H    H  N N 7   
ALA H2   H  N N 8   
ALA HA   H  N N 9   
ALA HB1  H  N N 10  
ALA HB2  H  N N 11  
ALA HB3  H  N N 12  
ALA HXT  H  N N 13  
ARG N    N  N N 14  
ARG CA   C  N S 15  
ARG C    C  N N 16  
ARG O    O  N N 17  
ARG CB   C  N N 18  
ARG CG   C  N N 19  
ARG CD   C  N N 20  
ARG NE   N  N N 21  
ARG CZ   C  N N 22  
ARG NH1  N  N N 23  
ARG NH2  N  N N 24  
ARG OXT  O  N N 25  
ARG H    H  N N 26  
ARG H2   H  N N 27  
ARG HA   H  N N 28  
ARG HB2  H  N N 29  
ARG HB3  H  N N 30  
ARG HG2  H  N N 31  
ARG HG3  H  N N 32  
ARG HD2  H  N N 33  
ARG HD3  H  N N 34  
ARG HE   H  N N 35  
ARG HH11 H  N N 36  
ARG HH12 H  N N 37  
ARG HH21 H  N N 38  
ARG HH22 H  N N 39  
ARG HXT  H  N N 40  
ASN N    N  N N 41  
ASN CA   C  N S 42  
ASN C    C  N N 43  
ASN O    O  N N 44  
ASN CB   C  N N 45  
ASN CG   C  N N 46  
ASN OD1  O  N N 47  
ASN ND2  N  N N 48  
ASN OXT  O  N N 49  
ASN H    H  N N 50  
ASN H2   H  N N 51  
ASN HA   H  N N 52  
ASN HB2  H  N N 53  
ASN HB3  H  N N 54  
ASN HD21 H  N N 55  
ASN HD22 H  N N 56  
ASN HXT  H  N N 57  
ASP N    N  N N 58  
ASP CA   C  N S 59  
ASP C    C  N N 60  
ASP O    O  N N 61  
ASP CB   C  N N 62  
ASP CG   C  N N 63  
ASP OD1  O  N N 64  
ASP OD2  O  N N 65  
ASP OXT  O  N N 66  
ASP H    H  N N 67  
ASP H2   H  N N 68  
ASP HA   H  N N 69  
ASP HB2  H  N N 70  
ASP HB3  H  N N 71  
ASP HD2  H  N N 72  
ASP HXT  H  N N 73  
CMO C    C  N N 74  
CMO O    O  N N 75  
CYS N    N  N N 76  
CYS CA   C  N R 77  
CYS C    C  N N 78  
CYS O    O  N N 79  
CYS CB   C  N N 80  
CYS SG   S  N N 81  
CYS OXT  O  N N 82  
CYS H    H  N N 83  
CYS H2   H  N N 84  
CYS HA   H  N N 85  
CYS HB2  H  N N 86  
CYS HB3  H  N N 87  
CYS HG   H  N N 88  
CYS HXT  H  N N 89  
GLN N    N  N N 90  
GLN CA   C  N S 91  
GLN C    C  N N 92  
GLN O    O  N N 93  
GLN CB   C  N N 94  
GLN CG   C  N N 95  
GLN CD   C  N N 96  
GLN OE1  O  N N 97  
GLN NE2  N  N N 98  
GLN OXT  O  N N 99  
GLN H    H  N N 100 
GLN H2   H  N N 101 
GLN HA   H  N N 102 
GLN HB2  H  N N 103 
GLN HB3  H  N N 104 
GLN HG2  H  N N 105 
GLN HG3  H  N N 106 
GLN HE21 H  N N 107 
GLN HE22 H  N N 108 
GLN HXT  H  N N 109 
GLU N    N  N N 110 
GLU CA   C  N S 111 
GLU C    C  N N 112 
GLU O    O  N N 113 
GLU CB   C  N N 114 
GLU CG   C  N N 115 
GLU CD   C  N N 116 
GLU OE1  O  N N 117 
GLU OE2  O  N N 118 
GLU OXT  O  N N 119 
GLU H    H  N N 120 
GLU H2   H  N N 121 
GLU HA   H  N N 122 
GLU HB2  H  N N 123 
GLU HB3  H  N N 124 
GLU HG2  H  N N 125 
GLU HG3  H  N N 126 
GLU HE2  H  N N 127 
GLU HXT  H  N N 128 
GLY N    N  N N 129 
GLY CA   C  N N 130 
GLY C    C  N N 131 
GLY O    O  N N 132 
GLY OXT  O  N N 133 
GLY H    H  N N 134 
GLY H2   H  N N 135 
GLY HA2  H  N N 136 
GLY HA3  H  N N 137 
GLY HXT  H  N N 138 
HEM CHA  C  N N 139 
HEM CHB  C  N N 140 
HEM CHC  C  N N 141 
HEM CHD  C  N N 142 
HEM C1A  C  Y N 143 
HEM C2A  C  Y N 144 
HEM C3A  C  Y N 145 
HEM C4A  C  Y N 146 
HEM CMA  C  N N 147 
HEM CAA  C  N N 148 
HEM CBA  C  N N 149 
HEM CGA  C  N N 150 
HEM O1A  O  N N 151 
HEM O2A  O  N N 152 
HEM C1B  C  N N 153 
HEM C2B  C  N N 154 
HEM C3B  C  N N 155 
HEM C4B  C  N N 156 
HEM CMB  C  N N 157 
HEM CAB  C  N N 158 
HEM CBB  C  N N 159 
HEM C1C  C  Y N 160 
HEM C2C  C  Y N 161 
HEM C3C  C  Y N 162 
HEM C4C  C  Y N 163 
HEM CMC  C  N N 164 
HEM CAC  C  N N 165 
HEM CBC  C  N N 166 
HEM C1D  C  N N 167 
HEM C2D  C  N N 168 
HEM C3D  C  N N 169 
HEM C4D  C  N N 170 
HEM CMD  C  N N 171 
HEM CAD  C  N N 172 
HEM CBD  C  N N 173 
HEM CGD  C  N N 174 
HEM O1D  O  N N 175 
HEM O2D  O  N N 176 
HEM NA   N  Y N 177 
HEM NB   N  N N 178 
HEM NC   N  Y N 179 
HEM ND   N  N N 180 
HEM FE   FE N N 181 
HEM HHB  H  N N 182 
HEM HHC  H  N N 183 
HEM HHD  H  N N 184 
HEM HMA  H  N N 185 
HEM HMAA H  N N 186 
HEM HMAB H  N N 187 
HEM HAA  H  N N 188 
HEM HAAA H  N N 189 
HEM HBA  H  N N 190 
HEM HBAA H  N N 191 
HEM HMB  H  N N 192 
HEM HMBA H  N N 193 
HEM HMBB H  N N 194 
HEM HAB  H  N N 195 
HEM HBB  H  N N 196 
HEM HBBA H  N N 197 
HEM HMC  H  N N 198 
HEM HMCA H  N N 199 
HEM HMCB H  N N 200 
HEM HAC  H  N N 201 
HEM HBC  H  N N 202 
HEM HBCA H  N N 203 
HEM HMD  H  N N 204 
HEM HMDA H  N N 205 
HEM HMDB H  N N 206 
HEM HAD  H  N N 207 
HEM HADA H  N N 208 
HEM HBD  H  N N 209 
HEM HBDA H  N N 210 
HEM H2A  H  N N 211 
HEM H2D  H  N N 212 
HEM HHA  H  N N 213 
HIS N    N  N N 214 
HIS CA   C  N S 215 
HIS C    C  N N 216 
HIS O    O  N N 217 
HIS CB   C  N N 218 
HIS CG   C  Y N 219 
HIS ND1  N  Y N 220 
HIS CD2  C  Y N 221 
HIS CE1  C  Y N 222 
HIS NE2  N  Y N 223 
HIS OXT  O  N N 224 
HIS H    H  N N 225 
HIS H2   H  N N 226 
HIS HA   H  N N 227 
HIS HB2  H  N N 228 
HIS HB3  H  N N 229 
HIS HD1  H  N N 230 
HIS HD2  H  N N 231 
HIS HE1  H  N N 232 
HIS HE2  H  N N 233 
HIS HXT  H  N N 234 
HOH O    O  N N 235 
HOH H1   H  N N 236 
HOH H2   H  N N 237 
ILE N    N  N N 238 
ILE CA   C  N S 239 
ILE C    C  N N 240 
ILE O    O  N N 241 
ILE CB   C  N S 242 
ILE CG1  C  N N 243 
ILE CG2  C  N N 244 
ILE CD1  C  N N 245 
ILE OXT  O  N N 246 
ILE H    H  N N 247 
ILE H2   H  N N 248 
ILE HA   H  N N 249 
ILE HB   H  N N 250 
ILE HG12 H  N N 251 
ILE HG13 H  N N 252 
ILE HG21 H  N N 253 
ILE HG22 H  N N 254 
ILE HG23 H  N N 255 
ILE HD11 H  N N 256 
ILE HD12 H  N N 257 
ILE HD13 H  N N 258 
ILE HXT  H  N N 259 
LEU N    N  N N 260 
LEU CA   C  N S 261 
LEU C    C  N N 262 
LEU O    O  N N 263 
LEU CB   C  N N 264 
LEU CG   C  N N 265 
LEU CD1  C  N N 266 
LEU CD2  C  N N 267 
LEU OXT  O  N N 268 
LEU H    H  N N 269 
LEU H2   H  N N 270 
LEU HA   H  N N 271 
LEU HB2  H  N N 272 
LEU HB3  H  N N 273 
LEU HG   H  N N 274 
LEU HD11 H  N N 275 
LEU HD12 H  N N 276 
LEU HD13 H  N N 277 
LEU HD21 H  N N 278 
LEU HD22 H  N N 279 
LEU HD23 H  N N 280 
LEU HXT  H  N N 281 
LYS N    N  N N 282 
LYS CA   C  N S 283 
LYS C    C  N N 284 
LYS O    O  N N 285 
LYS CB   C  N N 286 
LYS CG   C  N N 287 
LYS CD   C  N N 288 
LYS CE   C  N N 289 
LYS NZ   N  N N 290 
LYS OXT  O  N N 291 
LYS H    H  N N 292 
LYS H2   H  N N 293 
LYS HA   H  N N 294 
LYS HB2  H  N N 295 
LYS HB3  H  N N 296 
LYS HG2  H  N N 297 
LYS HG3  H  N N 298 
LYS HD2  H  N N 299 
LYS HD3  H  N N 300 
LYS HE2  H  N N 301 
LYS HE3  H  N N 302 
LYS HZ1  H  N N 303 
LYS HZ2  H  N N 304 
LYS HZ3  H  N N 305 
LYS HXT  H  N N 306 
MET N    N  N N 307 
MET CA   C  N S 308 
MET C    C  N N 309 
MET O    O  N N 310 
MET CB   C  N N 311 
MET CG   C  N N 312 
MET SD   S  N N 313 
MET CE   C  N N 314 
MET OXT  O  N N 315 
MET H    H  N N 316 
MET H2   H  N N 317 
MET HA   H  N N 318 
MET HB2  H  N N 319 
MET HB3  H  N N 320 
MET HG2  H  N N 321 
MET HG3  H  N N 322 
MET HE1  H  N N 323 
MET HE2  H  N N 324 
MET HE3  H  N N 325 
MET HXT  H  N N 326 
PHE N    N  N N 327 
PHE CA   C  N S 328 
PHE C    C  N N 329 
PHE O    O  N N 330 
PHE CB   C  N N 331 
PHE CG   C  Y N 332 
PHE CD1  C  Y N 333 
PHE CD2  C  Y N 334 
PHE CE1  C  Y N 335 
PHE CE2  C  Y N 336 
PHE CZ   C  Y N 337 
PHE OXT  O  N N 338 
PHE H    H  N N 339 
PHE H2   H  N N 340 
PHE HA   H  N N 341 
PHE HB2  H  N N 342 
PHE HB3  H  N N 343 
PHE HD1  H  N N 344 
PHE HD2  H  N N 345 
PHE HE1  H  N N 346 
PHE HE2  H  N N 347 
PHE HZ   H  N N 348 
PHE HXT  H  N N 349 
PRO N    N  N N 350 
PRO CA   C  N S 351 
PRO C    C  N N 352 
PRO O    O  N N 353 
PRO CB   C  N N 354 
PRO CG   C  N N 355 
PRO CD   C  N N 356 
PRO OXT  O  N N 357 
PRO H    H  N N 358 
PRO HA   H  N N 359 
PRO HB2  H  N N 360 
PRO HB3  H  N N 361 
PRO HG2  H  N N 362 
PRO HG3  H  N N 363 
PRO HD2  H  N N 364 
PRO HD3  H  N N 365 
PRO HXT  H  N N 366 
SER N    N  N N 367 
SER CA   C  N S 368 
SER C    C  N N 369 
SER O    O  N N 370 
SER CB   C  N N 371 
SER OG   O  N N 372 
SER OXT  O  N N 373 
SER H    H  N N 374 
SER H2   H  N N 375 
SER HA   H  N N 376 
SER HB2  H  N N 377 
SER HB3  H  N N 378 
SER HG   H  N N 379 
SER HXT  H  N N 380 
THR N    N  N N 381 
THR CA   C  N S 382 
THR C    C  N N 383 
THR O    O  N N 384 
THR CB   C  N R 385 
THR OG1  O  N N 386 
THR CG2  C  N N 387 
THR OXT  O  N N 388 
THR H    H  N N 389 
THR H2   H  N N 390 
THR HA   H  N N 391 
THR HB   H  N N 392 
THR HG1  H  N N 393 
THR HG21 H  N N 394 
THR HG22 H  N N 395 
THR HG23 H  N N 396 
THR HXT  H  N N 397 
TRP N    N  N N 398 
TRP CA   C  N S 399 
TRP C    C  N N 400 
TRP O    O  N N 401 
TRP CB   C  N N 402 
TRP CG   C  Y N 403 
TRP CD1  C  Y N 404 
TRP CD2  C  Y N 405 
TRP NE1  N  Y N 406 
TRP CE2  C  Y N 407 
TRP CE3  C  Y N 408 
TRP CZ2  C  Y N 409 
TRP CZ3  C  Y N 410 
TRP CH2  C  Y N 411 
TRP OXT  O  N N 412 
TRP H    H  N N 413 
TRP H2   H  N N 414 
TRP HA   H  N N 415 
TRP HB2  H  N N 416 
TRP HB3  H  N N 417 
TRP HD1  H  N N 418 
TRP HE1  H  N N 419 
TRP HE3  H  N N 420 
TRP HZ2  H  N N 421 
TRP HZ3  H  N N 422 
TRP HH2  H  N N 423 
TRP HXT  H  N N 424 
TYR N    N  N N 425 
TYR CA   C  N S 426 
TYR C    C  N N 427 
TYR O    O  N N 428 
TYR CB   C  N N 429 
TYR CG   C  Y N 430 
TYR CD1  C  Y N 431 
TYR CD2  C  Y N 432 
TYR CE1  C  Y N 433 
TYR CE2  C  Y N 434 
TYR CZ   C  Y N 435 
TYR OH   O  N N 436 
TYR OXT  O  N N 437 
TYR H    H  N N 438 
TYR H2   H  N N 439 
TYR HA   H  N N 440 
TYR HB2  H  N N 441 
TYR HB3  H  N N 442 
TYR HD1  H  N N 443 
TYR HD2  H  N N 444 
TYR HE1  H  N N 445 
TYR HE2  H  N N 446 
TYR HH   H  N N 447 
TYR HXT  H  N N 448 
VAL N    N  N N 449 
VAL CA   C  N S 450 
VAL C    C  N N 451 
VAL O    O  N N 452 
VAL CB   C  N N 453 
VAL CG1  C  N N 454 
VAL CG2  C  N N 455 
VAL OXT  O  N N 456 
VAL H    H  N N 457 
VAL H2   H  N N 458 
VAL HA   H  N N 459 
VAL HB   H  N N 460 
VAL HG11 H  N N 461 
VAL HG12 H  N N 462 
VAL HG13 H  N N 463 
VAL HG21 H  N N 464 
VAL HG22 H  N N 465 
VAL HG23 H  N N 466 
VAL HXT  H  N N 467 
# 
loop_
_chem_comp_bond.comp_id 
_chem_comp_bond.atom_id_1 
_chem_comp_bond.atom_id_2 
_chem_comp_bond.value_order 
_chem_comp_bond.pdbx_aromatic_flag 
_chem_comp_bond.pdbx_stereo_config 
_chem_comp_bond.pdbx_ordinal 
ALA N   CA   sing N N 1   
ALA N   H    sing N N 2   
ALA N   H2   sing N N 3   
ALA CA  C    sing N N 4   
ALA CA  CB   sing N N 5   
ALA CA  HA   sing N N 6   
ALA C   O    doub N N 7   
ALA C   OXT  sing N N 8   
ALA CB  HB1  sing N N 9   
ALA CB  HB2  sing N N 10  
ALA CB  HB3  sing N N 11  
ALA OXT HXT  sing N N 12  
ARG N   CA   sing N N 13  
ARG N   H    sing N N 14  
ARG N   H2   sing N N 15  
ARG CA  C    sing N N 16  
ARG CA  CB   sing N N 17  
ARG CA  HA   sing N N 18  
ARG C   O    doub N N 19  
ARG C   OXT  sing N N 20  
ARG CB  CG   sing N N 21  
ARG CB  HB2  sing N N 22  
ARG CB  HB3  sing N N 23  
ARG CG  CD   sing N N 24  
ARG CG  HG2  sing N N 25  
ARG CG  HG3  sing N N 26  
ARG CD  NE   sing N N 27  
ARG CD  HD2  sing N N 28  
ARG CD  HD3  sing N N 29  
ARG NE  CZ   sing N N 30  
ARG NE  HE   sing N N 31  
ARG CZ  NH1  sing N N 32  
ARG CZ  NH2  doub N N 33  
ARG NH1 HH11 sing N N 34  
ARG NH1 HH12 sing N N 35  
ARG NH2 HH21 sing N N 36  
ARG NH2 HH22 sing N N 37  
ARG OXT HXT  sing N N 38  
ASN N   CA   sing N N 39  
ASN N   H    sing N N 40  
ASN N   H2   sing N N 41  
ASN CA  C    sing N N 42  
ASN CA  CB   sing N N 43  
ASN CA  HA   sing N N 44  
ASN C   O    doub N N 45  
ASN C   OXT  sing N N 46  
ASN CB  CG   sing N N 47  
ASN CB  HB2  sing N N 48  
ASN CB  HB3  sing N N 49  
ASN CG  OD1  doub N N 50  
ASN CG  ND2  sing N N 51  
ASN ND2 HD21 sing N N 52  
ASN ND2 HD22 sing N N 53  
ASN OXT HXT  sing N N 54  
ASP N   CA   sing N N 55  
ASP N   H    sing N N 56  
ASP N   H2   sing N N 57  
ASP CA  C    sing N N 58  
ASP CA  CB   sing N N 59  
ASP CA  HA   sing N N 60  
ASP C   O    doub N N 61  
ASP C   OXT  sing N N 62  
ASP CB  CG   sing N N 63  
ASP CB  HB2  sing N N 64  
ASP CB  HB3  sing N N 65  
ASP CG  OD1  doub N N 66  
ASP CG  OD2  sing N N 67  
ASP OD2 HD2  sing N N 68  
ASP OXT HXT  sing N N 69  
CMO C   O    trip N N 70  
CYS N   CA   sing N N 71  
CYS N   H    sing N N 72  
CYS N   H2   sing N N 73  
CYS CA  C    sing N N 74  
CYS CA  CB   sing N N 75  
CYS CA  HA   sing N N 76  
CYS C   O    doub N N 77  
CYS C   OXT  sing N N 78  
CYS CB  SG   sing N N 79  
CYS CB  HB2  sing N N 80  
CYS CB  HB3  sing N N 81  
CYS SG  HG   sing N N 82  
CYS OXT HXT  sing N N 83  
GLN N   CA   sing N N 84  
GLN N   H    sing N N 85  
GLN N   H2   sing N N 86  
GLN CA  C    sing N N 87  
GLN CA  CB   sing N N 88  
GLN CA  HA   sing N N 89  
GLN C   O    doub N N 90  
GLN C   OXT  sing N N 91  
GLN CB  CG   sing N N 92  
GLN CB  HB2  sing N N 93  
GLN CB  HB3  sing N N 94  
GLN CG  CD   sing N N 95  
GLN CG  HG2  sing N N 96  
GLN CG  HG3  sing N N 97  
GLN CD  OE1  doub N N 98  
GLN CD  NE2  sing N N 99  
GLN NE2 HE21 sing N N 100 
GLN NE2 HE22 sing N N 101 
GLN OXT HXT  sing N N 102 
GLU N   CA   sing N N 103 
GLU N   H    sing N N 104 
GLU N   H2   sing N N 105 
GLU CA  C    sing N N 106 
GLU CA  CB   sing N N 107 
GLU CA  HA   sing N N 108 
GLU C   O    doub N N 109 
GLU C   OXT  sing N N 110 
GLU CB  CG   sing N N 111 
GLU CB  HB2  sing N N 112 
GLU CB  HB3  sing N N 113 
GLU CG  CD   sing N N 114 
GLU CG  HG2  sing N N 115 
GLU CG  HG3  sing N N 116 
GLU CD  OE1  doub N N 117 
GLU CD  OE2  sing N N 118 
GLU OE2 HE2  sing N N 119 
GLU OXT HXT  sing N N 120 
GLY N   CA   sing N N 121 
GLY N   H    sing N N 122 
GLY N   H2   sing N N 123 
GLY CA  C    sing N N 124 
GLY CA  HA2  sing N N 125 
GLY CA  HA3  sing N N 126 
GLY C   O    doub N N 127 
GLY C   OXT  sing N N 128 
GLY OXT HXT  sing N N 129 
HEM CHA C1A  sing N N 130 
HEM CHA C4D  doub N N 131 
HEM CHA HHA  sing N N 132 
HEM CHB C4A  sing N N 133 
HEM CHB C1B  doub N N 134 
HEM CHB HHB  sing N N 135 
HEM CHC C4B  sing N N 136 
HEM CHC C1C  doub N N 137 
HEM CHC HHC  sing N N 138 
HEM CHD C4C  doub N N 139 
HEM CHD C1D  sing N N 140 
HEM CHD HHD  sing N N 141 
HEM C1A C2A  doub Y N 142 
HEM C1A NA   sing Y N 143 
HEM C2A C3A  sing Y N 144 
HEM C2A CAA  sing N N 145 
HEM C3A C4A  doub Y N 146 
HEM C3A CMA  sing N N 147 
HEM C4A NA   sing Y N 148 
HEM CMA HMA  sing N N 149 
HEM CMA HMAA sing N N 150 
HEM CMA HMAB sing N N 151 
HEM CAA CBA  sing N N 152 
HEM CAA HAA  sing N N 153 
HEM CAA HAAA sing N N 154 
HEM CBA CGA  sing N N 155 
HEM CBA HBA  sing N N 156 
HEM CBA HBAA sing N N 157 
HEM CGA O1A  doub N N 158 
HEM CGA O2A  sing N N 159 
HEM C1B C2B  sing N N 160 
HEM C1B NB   sing N N 161 
HEM C2B C3B  doub N N 162 
HEM C2B CMB  sing N N 163 
HEM C3B C4B  sing N N 164 
HEM C3B CAB  sing N N 165 
HEM C4B NB   doub N N 166 
HEM CMB HMB  sing N N 167 
HEM CMB HMBA sing N N 168 
HEM CMB HMBB sing N N 169 
HEM CAB CBB  doub N N 170 
HEM CAB HAB  sing N N 171 
HEM CBB HBB  sing N N 172 
HEM CBB HBBA sing N N 173 
HEM C1C C2C  sing Y N 174 
HEM C1C NC   sing Y N 175 
HEM C2C C3C  doub Y N 176 
HEM C2C CMC  sing N N 177 
HEM C3C C4C  sing Y N 178 
HEM C3C CAC  sing N N 179 
HEM C4C NC   sing Y N 180 
HEM CMC HMC  sing N N 181 
HEM CMC HMCA sing N N 182 
HEM CMC HMCB sing N N 183 
HEM CAC CBC  doub N N 184 
HEM CAC HAC  sing N N 185 
HEM CBC HBC  sing N N 186 
HEM CBC HBCA sing N N 187 
HEM C1D C2D  sing N N 188 
HEM C1D ND   doub N N 189 
HEM C2D C3D  doub N N 190 
HEM C2D CMD  sing N N 191 
HEM C3D C4D  sing N N 192 
HEM C3D CAD  sing N N 193 
HEM C4D ND   sing N N 194 
HEM CMD HMD  sing N N 195 
HEM CMD HMDA sing N N 196 
HEM CMD HMDB sing N N 197 
HEM CAD CBD  sing N N 198 
HEM CAD HAD  sing N N 199 
HEM CAD HADA sing N N 200 
HEM CBD CGD  sing N N 201 
HEM CBD HBD  sing N N 202 
HEM CBD HBDA sing N N 203 
HEM CGD O1D  doub N N 204 
HEM CGD O2D  sing N N 205 
HEM O2A H2A  sing N N 206 
HEM O2D H2D  sing N N 207 
HEM FE  NA   sing N N 208 
HEM FE  NB   sing N N 209 
HEM FE  NC   sing N N 210 
HEM FE  ND   sing N N 211 
HIS N   CA   sing N N 212 
HIS N   H    sing N N 213 
HIS N   H2   sing N N 214 
HIS CA  C    sing N N 215 
HIS CA  CB   sing N N 216 
HIS CA  HA   sing N N 217 
HIS C   O    doub N N 218 
HIS C   OXT  sing N N 219 
HIS CB  CG   sing N N 220 
HIS CB  HB2  sing N N 221 
HIS CB  HB3  sing N N 222 
HIS CG  ND1  sing Y N 223 
HIS CG  CD2  doub Y N 224 
HIS ND1 CE1  doub Y N 225 
HIS ND1 HD1  sing N N 226 
HIS CD2 NE2  sing Y N 227 
HIS CD2 HD2  sing N N 228 
HIS CE1 NE2  sing Y N 229 
HIS CE1 HE1  sing N N 230 
HIS NE2 HE2  sing N N 231 
HIS OXT HXT  sing N N 232 
HOH O   H1   sing N N 233 
HOH O   H2   sing N N 234 
ILE N   CA   sing N N 235 
ILE N   H    sing N N 236 
ILE N   H2   sing N N 237 
ILE CA  C    sing N N 238 
ILE CA  CB   sing N N 239 
ILE CA  HA   sing N N 240 
ILE C   O    doub N N 241 
ILE C   OXT  sing N N 242 
ILE CB  CG1  sing N N 243 
ILE CB  CG2  sing N N 244 
ILE CB  HB   sing N N 245 
ILE CG1 CD1  sing N N 246 
ILE CG1 HG12 sing N N 247 
ILE CG1 HG13 sing N N 248 
ILE CG2 HG21 sing N N 249 
ILE CG2 HG22 sing N N 250 
ILE CG2 HG23 sing N N 251 
ILE CD1 HD11 sing N N 252 
ILE CD1 HD12 sing N N 253 
ILE CD1 HD13 sing N N 254 
ILE OXT HXT  sing N N 255 
LEU N   CA   sing N N 256 
LEU N   H    sing N N 257 
LEU N   H2   sing N N 258 
LEU CA  C    sing N N 259 
LEU CA  CB   sing N N 260 
LEU CA  HA   sing N N 261 
LEU C   O    doub N N 262 
LEU C   OXT  sing N N 263 
LEU CB  CG   sing N N 264 
LEU CB  HB2  sing N N 265 
LEU CB  HB3  sing N N 266 
LEU CG  CD1  sing N N 267 
LEU CG  CD2  sing N N 268 
LEU CG  HG   sing N N 269 
LEU CD1 HD11 sing N N 270 
LEU CD1 HD12 sing N N 271 
LEU CD1 HD13 sing N N 272 
LEU CD2 HD21 sing N N 273 
LEU CD2 HD22 sing N N 274 
LEU CD2 HD23 sing N N 275 
LEU OXT HXT  sing N N 276 
LYS N   CA   sing N N 277 
LYS N   H    sing N N 278 
LYS N   H2   sing N N 279 
LYS CA  C    sing N N 280 
LYS CA  CB   sing N N 281 
LYS CA  HA   sing N N 282 
LYS C   O    doub N N 283 
LYS C   OXT  sing N N 284 
LYS CB  CG   sing N N 285 
LYS CB  HB2  sing N N 286 
LYS CB  HB3  sing N N 287 
LYS CG  CD   sing N N 288 
LYS CG  HG2  sing N N 289 
LYS CG  HG3  sing N N 290 
LYS CD  CE   sing N N 291 
LYS CD  HD2  sing N N 292 
LYS CD  HD3  sing N N 293 
LYS CE  NZ   sing N N 294 
LYS CE  HE2  sing N N 295 
LYS CE  HE3  sing N N 296 
LYS NZ  HZ1  sing N N 297 
LYS NZ  HZ2  sing N N 298 
LYS NZ  HZ3  sing N N 299 
LYS OXT HXT  sing N N 300 
MET N   CA   sing N N 301 
MET N   H    sing N N 302 
MET N   H2   sing N N 303 
MET CA  C    sing N N 304 
MET CA  CB   sing N N 305 
MET CA  HA   sing N N 306 
MET C   O    doub N N 307 
MET C   OXT  sing N N 308 
MET CB  CG   sing N N 309 
MET CB  HB2  sing N N 310 
MET CB  HB3  sing N N 311 
MET CG  SD   sing N N 312 
MET CG  HG2  sing N N 313 
MET CG  HG3  sing N N 314 
MET SD  CE   sing N N 315 
MET CE  HE1  sing N N 316 
MET CE  HE2  sing N N 317 
MET CE  HE3  sing N N 318 
MET OXT HXT  sing N N 319 
PHE N   CA   sing N N 320 
PHE N   H    sing N N 321 
PHE N   H2   sing N N 322 
PHE CA  C    sing N N 323 
PHE CA  CB   sing N N 324 
PHE CA  HA   sing N N 325 
PHE C   O    doub N N 326 
PHE C   OXT  sing N N 327 
PHE CB  CG   sing N N 328 
PHE CB  HB2  sing N N 329 
PHE CB  HB3  sing N N 330 
PHE CG  CD1  doub Y N 331 
PHE CG  CD2  sing Y N 332 
PHE CD1 CE1  sing Y N 333 
PHE CD1 HD1  sing N N 334 
PHE CD2 CE2  doub Y N 335 
PHE CD2 HD2  sing N N 336 
PHE CE1 CZ   doub Y N 337 
PHE CE1 HE1  sing N N 338 
PHE CE2 CZ   sing Y N 339 
PHE CE2 HE2  sing N N 340 
PHE CZ  HZ   sing N N 341 
PHE OXT HXT  sing N N 342 
PRO N   CA   sing N N 343 
PRO N   CD   sing N N 344 
PRO N   H    sing N N 345 
PRO CA  C    sing N N 346 
PRO CA  CB   sing N N 347 
PRO CA  HA   sing N N 348 
PRO C   O    doub N N 349 
PRO C   OXT  sing N N 350 
PRO CB  CG   sing N N 351 
PRO CB  HB2  sing N N 352 
PRO CB  HB3  sing N N 353 
PRO CG  CD   sing N N 354 
PRO CG  HG2  sing N N 355 
PRO CG  HG3  sing N N 356 
PRO CD  HD2  sing N N 357 
PRO CD  HD3  sing N N 358 
PRO OXT HXT  sing N N 359 
SER N   CA   sing N N 360 
SER N   H    sing N N 361 
SER N   H2   sing N N 362 
SER CA  C    sing N N 363 
SER CA  CB   sing N N 364 
SER CA  HA   sing N N 365 
SER C   O    doub N N 366 
SER C   OXT  sing N N 367 
SER CB  OG   sing N N 368 
SER CB  HB2  sing N N 369 
SER CB  HB3  sing N N 370 
SER OG  HG   sing N N 371 
SER OXT HXT  sing N N 372 
THR N   CA   sing N N 373 
THR N   H    sing N N 374 
THR N   H2   sing N N 375 
THR CA  C    sing N N 376 
THR CA  CB   sing N N 377 
THR CA  HA   sing N N 378 
THR C   O    doub N N 379 
THR C   OXT  sing N N 380 
THR CB  OG1  sing N N 381 
THR CB  CG2  sing N N 382 
THR CB  HB   sing N N 383 
THR OG1 HG1  sing N N 384 
THR CG2 HG21 sing N N 385 
THR CG2 HG22 sing N N 386 
THR CG2 HG23 sing N N 387 
THR OXT HXT  sing N N 388 
TRP N   CA   sing N N 389 
TRP N   H    sing N N 390 
TRP N   H2   sing N N 391 
TRP CA  C    sing N N 392 
TRP CA  CB   sing N N 393 
TRP CA  HA   sing N N 394 
TRP C   O    doub N N 395 
TRP C   OXT  sing N N 396 
TRP CB  CG   sing N N 397 
TRP CB  HB2  sing N N 398 
TRP CB  HB3  sing N N 399 
TRP CG  CD1  doub Y N 400 
TRP CG  CD2  sing Y N 401 
TRP CD1 NE1  sing Y N 402 
TRP CD1 HD1  sing N N 403 
TRP CD2 CE2  doub Y N 404 
TRP CD2 CE3  sing Y N 405 
TRP NE1 CE2  sing Y N 406 
TRP NE1 HE1  sing N N 407 
TRP CE2 CZ2  sing Y N 408 
TRP CE3 CZ3  doub Y N 409 
TRP CE3 HE3  sing N N 410 
TRP CZ2 CH2  doub Y N 411 
TRP CZ2 HZ2  sing N N 412 
TRP CZ3 CH2  sing Y N 413 
TRP CZ3 HZ3  sing N N 414 
TRP CH2 HH2  sing N N 415 
TRP OXT HXT  sing N N 416 
TYR N   CA   sing N N 417 
TYR N   H    sing N N 418 
TYR N   H2   sing N N 419 
TYR CA  C    sing N N 420 
TYR CA  CB   sing N N 421 
TYR CA  HA   sing N N 422 
TYR C   O    doub N N 423 
TYR C   OXT  sing N N 424 
TYR CB  CG   sing N N 425 
TYR CB  HB2  sing N N 426 
TYR CB  HB3  sing N N 427 
TYR CG  CD1  doub Y N 428 
TYR CG  CD2  sing Y N 429 
TYR CD1 CE1  sing Y N 430 
TYR CD1 HD1  sing N N 431 
TYR CD2 CE2  doub Y N 432 
TYR CD2 HD2  sing N N 433 
TYR CE1 CZ   doub Y N 434 
TYR CE1 HE1  sing N N 435 
TYR CE2 CZ   sing Y N 436 
TYR CE2 HE2  sing N N 437 
TYR CZ  OH   sing N N 438 
TYR OH  HH   sing N N 439 
TYR OXT HXT  sing N N 440 
VAL N   CA   sing N N 441 
VAL N   H    sing N N 442 
VAL N   H2   sing N N 443 
VAL CA  C    sing N N 444 
VAL CA  CB   sing N N 445 
VAL CA  HA   sing N N 446 
VAL C   O    doub N N 447 
VAL C   OXT  sing N N 448 
VAL CB  CG1  sing N N 449 
VAL CB  CG2  sing N N 450 
VAL CB  HB   sing N N 451 
VAL CG1 HG11 sing N N 452 
VAL CG1 HG12 sing N N 453 
VAL CG1 HG13 sing N N 454 
VAL CG2 HG21 sing N N 455 
VAL CG2 HG22 sing N N 456 
VAL CG2 HG23 sing N N 457 
VAL OXT HXT  sing N N 458 
# 
_pdbx_initial_refinement_model.id               1 
_pdbx_initial_refinement_model.entity_id_list   ? 
_pdbx_initial_refinement_model.type             'experimental model' 
_pdbx_initial_refinement_model.source_name      PDB 
_pdbx_initial_refinement_model.accession_code   1X3K 
_pdbx_initial_refinement_model.details          ? 
# 
_atom_sites.entry_id                    3A9M 
_atom_sites.fract_transf_matrix[1][1]   0.02965790 
_atom_sites.fract_transf_matrix[1][2]   -0.00231241 
_atom_sites.fract_transf_matrix[1][3]   0.00138211 
_atom_sites.fract_transf_matrix[2][1]   -0.00118311 
_atom_sites.fract_transf_matrix[2][2]   -0.01544894 
_atom_sites.fract_transf_matrix[2][3]   -0.00045996 
_atom_sites.fract_transf_matrix[3][1]   0.00066681 
_atom_sites.fract_transf_matrix[3][2]   0.00035716 
_atom_sites.fract_transf_matrix[3][3]   -0.01371115 
_atom_sites.fract_transf_vector[1]      0.929576 
_atom_sites.fract_transf_vector[2]      0.531073 
_atom_sites.fract_transf_vector[3]      0.100396 
# 
loop_
_atom_type.symbol 
C  
FE 
N  
O  
S  
# 
loop_
_atom_site.group_PDB 
_atom_site.id 
_atom_site.type_symbol 
_atom_site.label_atom_id 
_atom_site.label_alt_id 
_atom_site.label_comp_id 
_atom_site.label_asym_id 
_atom_site.label_entity_id 
_atom_site.label_seq_id 
_atom_site.pdbx_PDB_ins_code 
_atom_site.Cartn_x 
_atom_site.Cartn_y 
_atom_site.Cartn_z 
_atom_site.occupancy 
_atom_site.B_iso_or_equiv 
_atom_site.pdbx_formal_charge 
_atom_site.auth_seq_id 
_atom_site.auth_comp_id 
_atom_site.auth_asym_id 
_atom_site.auth_atom_id 
_atom_site.pdbx_PDB_model_num 
ATOM   1    N  N   . ALA A 1 1   ? 11.851  12.151  3.478   1.00 32.68 ? 1   ALA A N   1 
ATOM   2    C  CA  . ALA A 1 1   ? 11.314  12.861  4.674   1.00 32.53 ? 1   ALA A CA  1 
ATOM   3    C  C   . ALA A 1 1   ? 9.791   12.773  4.754   1.00 31.07 ? 1   ALA A C   1 
ATOM   4    O  O   . ALA A 1 1   ? 9.140   12.383  3.793   1.00 28.00 ? 1   ALA A O   1 
ATOM   5    C  CB  . ALA A 1 1   ? 11.754  14.326  4.659   1.00 27.41 ? 1   ALA A CB  1 
ATOM   6    N  N   . PHE A 1 2   ? 9.230   13.145  5.904   1.00 32.32 ? 2   PHE A N   1 
ATOM   7    C  CA  . PHE A 1 2   ? 7.783   13.273  6.072   1.00 25.76 ? 2   PHE A CA  1 
ATOM   8    C  C   . PHE A 1 2   ? 7.423   14.744  5.836   1.00 32.80 ? 2   PHE A C   1 
ATOM   9    O  O   . PHE A 1 2   ? 7.935   15.643  6.530   1.00 28.11 ? 2   PHE A O   1 
ATOM   10   C  CB  . PHE A 1 2   ? 7.340   12.795  7.469   1.00 22.26 ? 2   PHE A CB  1 
ATOM   11   C  CG  . PHE A 1 2   ? 5.840   12.693  7.645   1.00 19.49 ? 2   PHE A CG  1 
ATOM   12   C  CD1 . PHE A 1 2   ? 5.076   13.798  8.008   1.00 24.73 ? 2   PHE A CD1 1 
ATOM   13   C  CD2 . PHE A 1 2   ? 5.188   11.462  7.500   1.00 15.11 ? 2   PHE A CD2 1 
ATOM   14   C  CE1 . PHE A 1 2   ? 3.693   13.700  8.173   1.00 22.95 ? 2   PHE A CE1 1 
ATOM   15   C  CE2 . PHE A 1 2   ? 3.798   11.342  7.663   1.00 20.63 ? 2   PHE A CE2 1 
ATOM   16   C  CZ  . PHE A 1 2   ? 3.037   12.448  7.995   1.00 24.41 ? 2   PHE A CZ  1 
ATOM   17   N  N   . VAL A 1 3   ? 6.575   14.993  4.834   1.00 22.54 ? 3   VAL A N   1 
ATOM   18   C  CA  . VAL A 1 3   ? 6.119   16.367  4.515   1.00 27.50 ? 3   VAL A CA  1 
ATOM   19   C  C   . VAL A 1 3   ? 4.597   16.398  4.660   1.00 26.70 ? 3   VAL A C   1 
ATOM   20   O  O   . VAL A 1 3   ? 3.898   15.746  3.900   1.00 30.53 ? 3   VAL A O   1 
ATOM   21   C  CB  . VAL A 1 3   ? 6.566   16.821  3.089   1.00 22.25 ? 3   VAL A CB  1 
ATOM   22   C  CG1 . VAL A 1 3   ? 6.095   18.237  2.786   1.00 29.46 ? 3   VAL A CG1 1 
ATOM   23   C  CG2 . VAL A 1 3   ? 8.111   16.691  2.902   1.00 29.21 ? 3   VAL A CG2 1 
ATOM   24   N  N   . GLY A 1 4   ? 4.080   17.162  5.628   1.00 32.63 ? 4   GLY A N   1 
ATOM   25   C  CA  . GLY A 1 4   ? 2.626   17.282  5.852   1.00 31.27 ? 4   GLY A CA  1 
ATOM   26   C  C   . GLY A 1 4   ? 1.846   17.816  4.648   1.00 34.24 ? 4   GLY A C   1 
ATOM   27   O  O   . GLY A 1 4   ? 2.427   18.505  3.783   1.00 37.73 ? 4   GLY A O   1 
ATOM   28   N  N   . LEU A 1 5   ? 0.554   17.481  4.584   1.00 36.30 ? 5   LEU A N   1 
ATOM   29   C  CA  . LEU A 1 5   ? -0.349  17.877  3.472   1.00 36.78 ? 5   LEU A CA  1 
ATOM   30   C  C   . LEU A 1 5   ? -1.334  19.007  3.883   1.00 39.20 ? 5   LEU A C   1 
ATOM   31   O  O   . LEU A 1 5   ? -1.777  19.041  5.020   1.00 38.44 ? 5   LEU A O   1 
ATOM   32   C  CB  . LEU A 1 5   ? -1.184  16.680  2.988   1.00 30.39 ? 5   LEU A CB  1 
ATOM   33   C  CG  . LEU A 1 5   ? -0.674  15.543  2.077   1.00 31.88 ? 5   LEU A CG  1 
ATOM   34   C  CD1 . LEU A 1 5   ? 0.334   14.644  2.771   1.00 32.39 ? 5   LEU A CD1 1 
ATOM   35   C  CD2 . LEU A 1 5   ? -1.850  14.690  1.553   1.00 24.61 ? 5   LEU A CD2 1 
ATOM   36   N  N   . SER A 1 6   ? -1.722  19.882  2.954   1.00 39.55 ? 6   SER A N   1 
ATOM   37   C  CA  . SER A 1 6   ? -2.808  20.865  3.230   1.00 42.34 ? 6   SER A CA  1 
ATOM   38   C  C   . SER A 1 6   ? -4.195  20.206  3.404   1.00 45.81 ? 6   SER A C   1 
ATOM   39   O  O   . SER A 1 6   ? -4.343  19.034  3.055   1.00 43.61 ? 6   SER A O   1 
ATOM   40   C  CB  . SER A 1 6   ? -2.832  21.964  2.147   1.00 46.14 ? 6   SER A CB  1 
ATOM   41   O  OG  . SER A 1 6   ? -2.975  21.447  0.822   1.00 31.26 ? 6   SER A OG  1 
ATOM   42   N  N   . ASP A 1 7   ? -5.208  20.918  3.938   1.00 39.54 ? 7   ASP A N   1 
ATOM   43   C  CA  . ASP A 1 7   ? -6.580  20.343  4.021   1.00 36.66 ? 7   ASP A CA  1 
ATOM   44   C  C   . ASP A 1 7   ? -7.186  20.118  2.633   1.00 34.97 ? 7   ASP A C   1 
ATOM   45   O  O   . ASP A 1 7   ? -8.029  19.216  2.458   1.00 34.57 ? 7   ASP A O   1 
ATOM   46   C  CB  . ASP A 1 7   ? -7.579  21.141  4.918   1.00 37.73 ? 7   ASP A CB  1 
ATOM   47   C  CG  . ASP A 1 7   ? -8.091  22.411  4.249   1.00 39.59 ? 7   ASP A CG  1 
ATOM   48   O  OD1 . ASP A 1 7   ? -7.422  23.468  4.401   1.00 44.07 ? 7   ASP A OD1 1 
ATOM   49   O  OD2 . ASP A 1 7   ? -9.149  22.354  3.565   1.00 27.99 ? 7   ASP A OD2 1 
ATOM   50   N  N   . SER A 1 8   ? -6.785  20.951  1.668   1.00 32.71 ? 8   SER A N   1 
ATOM   51   C  CA  . SER A 1 8   ? -7.182  20.738  0.278   1.00 29.93 ? 8   SER A CA  1 
ATOM   52   C  C   . SER A 1 8   ? -6.547  19.439  -0.238  1.00 20.09 ? 8   SER A C   1 
ATOM   53   O  O   . SER A 1 8   ? -7.235  18.664  -0.850  1.00 21.64 ? 8   SER A O   1 
ATOM   54   C  CB  . SER A 1 8   ? -6.836  21.922  -0.636  1.00 34.32 ? 8   SER A CB  1 
ATOM   55   O  OG  . SER A 1 8   ? -5.442  22.187  -0.666  1.00 47.80 ? 8   SER A OG  1 
ATOM   56   N  N   . GLU A 1 9   ? -5.255  19.243  0.029   1.00 24.86 ? 9   GLU A N   1 
ATOM   57   C  CA  . GLU A 1 9   ? -4.498  18.027  -0.380  1.00 20.41 ? 9   GLU A CA  1 
ATOM   58   C  C   . GLU A 1 9   ? -5.031  16.793  0.368   1.00 25.93 ? 9   GLU A C   1 
ATOM   59   O  O   . GLU A 1 9   ? -5.220  15.729  -0.244  1.00 18.84 ? 9   GLU A O   1 
ATOM   60   C  CB  . GLU A 1 9   ? -3.006  18.211  -0.179  1.00 19.13 ? 9   GLU A CB  1 
ATOM   61   C  CG  . GLU A 1 9   ? -2.225  19.006  -1.271  1.00 20.34 ? 9   GLU A CG  1 
ATOM   62   C  CD  . GLU A 1 9   ? -0.773  19.373  -0.875  1.00 20.52 ? 9   GLU A CD  1 
ATOM   63   O  OE1 . GLU A 1 9   ? -0.385  19.145  0.271   1.00 24.17 ? 9   GLU A OE1 1 
ATOM   64   O  OE2 . GLU A 1 9   ? -0.013  19.883  -1.724  1.00 33.35 ? 9   GLU A OE2 1 
ATOM   65   N  N   . GLU A 1 10  ? -5.319  16.941  1.668   1.00 24.89 ? 10  GLU A N   1 
ATOM   66   C  CA  . GLU A 1 10  ? -6.036  15.899  2.449   1.00 28.36 ? 10  GLU A CA  1 
ATOM   67   C  C   . GLU A 1 10  ? -7.352  15.501  1.801   1.00 25.38 ? 10  GLU A C   1 
ATOM   68   O  O   . GLU A 1 10  ? -7.646  14.304  1.634   1.00 24.74 ? 10  GLU A O   1 
ATOM   69   C  CB  . GLU A 1 10  ? -6.255  16.312  3.923   1.00 29.74 ? 10  GLU A CB  1 
ATOM   70   C  CG  . GLU A 1 10  ? -4.966  16.449  4.698   1.00 34.02 ? 10  GLU A CG  1 
ATOM   71   C  CD  . GLU A 1 10  ? -5.161  17.000  6.096   1.00 39.24 ? 10  GLU A CD  1 
ATOM   72   O  OE1 . GLU A 1 10  ? -6.321  17.195  6.540   1.00 44.02 ? 10  GLU A OE1 1 
ATOM   73   O  OE2 . GLU A 1 10  ? -4.130  17.219  6.753   1.00 40.52 ? 10  GLU A OE2 1 
ATOM   74   N  N   . LYS A 1 11  ? -8.139  16.501  1.390   1.00 23.29 ? 11  LYS A N   1 
ATOM   75   C  CA  . LYS A 1 11  ? -9.394  16.242  0.676   1.00 20.45 ? 11  LYS A CA  1 
ATOM   76   C  C   . LYS A 1 11  ? -9.209  15.579  -0.707  1.00 18.74 ? 11  LYS A C   1 
ATOM   77   O  O   . LYS A 1 11  ? -10.016 14.757  -1.111  1.00 18.95 ? 11  LYS A O   1 
ATOM   78   C  CB  . LYS A 1 11  ? -10.136 17.571  0.521   1.00 29.51 ? 11  LYS A CB  1 
ATOM   79   C  CG  . LYS A 1 11  ? -11.617 17.373  0.192   1.00 42.11 ? 11  LYS A CG  1 
ATOM   80   C  CD  . LYS A 1 11  ? -12.220 16.173  0.925   1.00 48.82 ? 11  LYS A CD  1 
ATOM   81   C  CE  . LYS A 1 11  ? -13.735 16.301  1.112   1.00 58.44 ? 11  LYS A CE  1 
ATOM   82   N  NZ  . LYS A 1 11  ? -14.109 17.713  1.157   1.00 59.84 ? 11  LYS A NZ  1 
ATOM   83   N  N   . LEU A 1 12  ? -8.199  16.005  -1.460  1.00 17.63 ? 12  LEU A N   1 
ATOM   84   C  CA  . LEU A 1 12  ? -7.972  15.441  -2.777  1.00 14.36 ? 12  LEU A CA  1 
ATOM   85   C  C   . LEU A 1 12  ? -7.641  13.931  -2.608  1.00 16.05 ? 12  LEU A C   1 
ATOM   86   O  O   . LEU A 1 12  ? -8.082  13.082  -3.404  1.00 13.64 ? 12  LEU A O   1 
ATOM   87   C  CB  . LEU A 1 12  ? -6.854  16.189  -3.494  1.00 19.02 ? 12  LEU A CB  1 
ATOM   88   C  CG  . LEU A 1 12  ? -7.214  17.644  -3.949  1.00 15.58 ? 12  LEU A CG  1 
ATOM   89   C  CD1 . LEU A 1 12  ? -5.937  18.364  -4.344  1.00 14.05 ? 12  LEU A CD1 1 
ATOM   90   C  CD2 . LEU A 1 12  ? -8.192  17.531  -5.125  1.00 20.51 ? 12  LEU A CD2 1 
ATOM   91   N  N   . VAL A 1 13  ? -6.900  13.634  -1.550  1.00 15.25 ? 13  VAL A N   1 
ATOM   92   C  CA  . VAL A 1 13  ? -6.513  12.231  -1.250  1.00 17.74 ? 13  VAL A CA  1 
ATOM   93   C  C   . VAL A 1 13  ? -7.760  11.368  -0.985  1.00 18.06 ? 13  VAL A C   1 
ATOM   94   O  O   . VAL A 1 13  ? -7.927  10.292  -1.579  1.00 12.39 ? 13  VAL A O   1 
ATOM   95   C  CB  . VAL A 1 13  ? -5.465  12.151  -0.094  1.00 17.40 ? 13  VAL A CB  1 
ATOM   96   C  CG1 . VAL A 1 13  ? -5.369  10.743  0.498   1.00 13.92 ? 13  VAL A CG1 1 
ATOM   97   C  CG2 . VAL A 1 13  ? -4.101  12.596  -0.573  1.00 12.91 ? 13  VAL A CG2 1 
ATOM   98   N  N   . ARG A 1 14  ? -8.629  11.829  -0.077  1.00 14.83 ? 14  ARG A N   1 
ATOM   99   C  CA  . ARG A 1 14  ? -9.896  11.111  0.126   1.00 17.98 ? 14  ARG A CA  1 
ATOM   100  C  C   . ARG A 1 14  ? -10.714 10.923  -1.171  1.00 14.64 ? 14  ARG A C   1 
ATOM   101  O  O   . ARG A 1 14  ? -11.168 9.834   -1.498  1.00 13.44 ? 14  ARG A O   1 
ATOM   102  C  CB  . ARG A 1 14  ? -10.721 11.886  1.153   1.00 22.64 ? 14  ARG A CB  1 
ATOM   103  C  CG  . ARG A 1 14  ? -11.998 11.147  1.552   1.00 36.22 ? 14  ARG A CG  1 
ATOM   104  C  CD  . ARG A 1 14  ? -12.937 12.029  2.381   1.00 44.02 ? 14  ARG A CD  1 
ATOM   105  N  NE  . ARG A 1 14  ? -12.369 12.281  3.708   1.00 50.96 ? 14  ARG A NE  1 
ATOM   106  C  CZ  . ARG A 1 14  ? -11.557 13.347  3.840   1.00 55.28 ? 14  ARG A CZ  1 
ATOM   107  N  NH1 . ARG A 1 14  ? -11.468 14.239  2.869   1.00 54.88 ? 14  ARG A NH1 1 
ATOM   108  N  NH2 . ARG A 1 14  ? -10.844 13.500  4.960   1.00 59.24 ? 14  ARG A NH2 1 
ATOM   109  N  N   . ASP A 1 15  ? -10.867 11.982  -1.964  1.00 17.09 ? 15  ASP A N   1 
ATOM   110  C  CA  . ASP A 1 15  ? -11.597 11.867  -3.232  1.00 17.68 ? 15  ASP A CA  1 
ATOM   111  C  C   . ASP A 1 15  ? -10.975 10.890  -4.225  1.00 13.94 ? 15  ASP A C   1 
ATOM   112  O  O   . ASP A 1 15  ? -11.684 10.162  -4.868  1.00 19.30 ? 15  ASP A O   1 
ATOM   113  C  CB  . ASP A 1 15  ? -11.779 13.241  -3.884  1.00 18.75 ? 15  ASP A CB  1 
ATOM   114  C  CG  . ASP A 1 15  ? -12.746 14.131  -3.092  1.00 32.51 ? 15  ASP A CG  1 
ATOM   115  O  OD1 . ASP A 1 15  ? -13.526 13.590  -2.264  1.00 35.47 ? 15  ASP A OD1 1 
ATOM   116  O  OD2 . ASP A 1 15  ? -12.699 15.361  -3.273  1.00 32.59 ? 15  ASP A OD2 1 
ATOM   117  N  N   . ALA A 1 16  ? -9.633  10.918  -4.311  1.00 15.94 ? 16  ALA A N   1 
ATOM   118  C  CA  . ALA A 1 16  ? -8.870  10.042  -5.169  1.00 12.78 ? 16  ALA A CA  1 
ATOM   119  C  C   . ALA A 1 16  ? -9.163  8.566   -4.828  1.00 13.29 ? 16  ALA A C   1 
ATOM   120  O  O   . ALA A 1 16  ? -9.329  7.753   -5.735  1.00 11.53 ? 16  ALA A O   1 
ATOM   121  C  CB  . ALA A 1 16  ? -7.350  10.350  -5.060  1.00 11.71 ? 16  ALA A CB  1 
ATOM   122  N  N   . TRP A 1 17  ? -9.248  8.267   -3.529  1.00 15.50 ? 17  TRP A N   1 
ATOM   123  C  CA  . TRP A 1 17  ? -9.384  6.901   -3.022  1.00 15.18 ? 17  TRP A CA  1 
ATOM   124  C  C   . TRP A 1 17  ? -10.830 6.398   -3.017  1.00 16.18 ? 17  TRP A C   1 
ATOM   125  O  O   . TRP A 1 17  ? -11.085 5.190   -2.887  1.00 19.36 ? 17  TRP A O   1 
ATOM   126  C  CB  . TRP A 1 17  ? -8.809  6.848   -1.598  1.00 11.59 ? 17  TRP A CB  1 
ATOM   127  C  CG  . TRP A 1 17  ? -8.717  5.490   -0.991  1.00 13.35 ? 17  TRP A CG  1 
ATOM   128  C  CD1 . TRP A 1 17  ? -9.422  5.059   0.093   1.00 14.48 ? 17  TRP A CD1 1 
ATOM   129  C  CD2 . TRP A 1 17  ? -7.814  4.422   -1.344  1.00 13.60 ? 17  TRP A CD2 1 
ATOM   130  N  NE1 . TRP A 1 17  ? -9.048  3.760   0.419   1.00 10.73 ? 17  TRP A NE1 1 
ATOM   131  C  CE2 . TRP A 1 17  ? -8.081  3.346   -0.452  1.00 12.44 ? 17  TRP A CE2 1 
ATOM   132  C  CE3 . TRP A 1 17  ? -6.863  4.228   -2.371  1.00 11.67 ? 17  TRP A CE3 1 
ATOM   133  C  CZ2 . TRP A 1 17  ? -7.385  2.126   -0.519  1.00 10.33 ? 17  TRP A CZ2 1 
ATOM   134  C  CZ3 . TRP A 1 17  ? -6.161  3.014   -2.420  1.00 12.95 ? 17  TRP A CZ3 1 
ATOM   135  C  CH2 . TRP A 1 17  ? -6.461  1.965   -1.510  1.00 14.55 ? 17  TRP A CH2 1 
ATOM   136  N  N   . ALA A 1 18  ? -11.772 7.312   -3.192  1.00 18.05 ? 18  ALA A N   1 
ATOM   137  C  CA  . ALA A 1 18  ? -13.188 6.986   -2.937  1.00 20.06 ? 18  ALA A CA  1 
ATOM   138  C  C   . ALA A 1 18  ? -13.731 5.816   -3.775  1.00 19.79 ? 18  ALA A C   1 
ATOM   139  O  O   . ALA A 1 18  ? -14.408 4.944   -3.198  1.00 15.88 ? 18  ALA A O   1 
ATOM   140  C  CB  . ALA A 1 18  ? -14.096 8.263   -3.039  1.00 19.86 ? 18  ALA A CB  1 
ATOM   141  N  N   . PRO A 1 19  ? -13.440 5.756   -5.109  1.00 20.79 ? 19  PRO A N   1 
ATOM   142  C  CA  . PRO A 1 19  ? -13.858 4.555   -5.869  1.00 17.87 ? 19  PRO A CA  1 
ATOM   143  C  C   . PRO A 1 19  ? -13.300 3.241   -5.313  1.00 20.99 ? 19  PRO A C   1 
ATOM   144  O  O   . PRO A 1 19  ? -14.023 2.227   -5.233  1.00 18.10 ? 19  PRO A O   1 
ATOM   145  C  CB  . PRO A 1 19  ? -13.346 4.832   -7.312  1.00 19.36 ? 19  PRO A CB  1 
ATOM   146  C  CG  . PRO A 1 19  ? -13.245 6.331   -7.367  1.00 20.34 ? 19  PRO A CG  1 
ATOM   147  C  CD  . PRO A 1 19  ? -12.779 6.747   -5.990  1.00 18.05 ? 19  PRO A CD  1 
ATOM   148  N  N   . ILE A 1 20  ? -12.020 3.251   -4.901  1.00 14.85 ? 20  ILE A N   1 
ATOM   149  C  CA  . ILE A 1 20  ? -11.459 2.102   -4.219  1.00 17.57 ? 20  ILE A CA  1 
ATOM   150  C  C   . ILE A 1 20  ? -12.069 1.818   -2.821  1.00 15.83 ? 20  ILE A C   1 
ATOM   151  O  O   . ILE A 1 20  ? -12.345 0.678   -2.473  1.00 14.36 ? 20  ILE A O   1 
ATOM   152  C  CB  . ILE A 1 20  ? -9.908  2.153   -4.165  1.00 17.62 ? 20  ILE A CB  1 
ATOM   153  C  CG1 . ILE A 1 20  ? -9.346  2.114   -5.610  1.00 18.87 ? 20  ILE A CG1 1 
ATOM   154  C  CG2 . ILE A 1 20  ? -9.398  1.022   -3.249  1.00 11.84 ? 20  ILE A CG2 1 
ATOM   155  C  CD1 . ILE A 1 20  ? -7.827  2.301   -5.724  1.00 12.79 ? 20  ILE A CD1 1 
ATOM   156  N  N   . HIS A 1 21  ? -12.286 2.860   -2.030  1.00 11.87 ? 21  HIS A N   1 
ATOM   157  C  CA  . HIS A 1 21  ? -12.911 2.735   -0.729  1.00 8.76  ? 21  HIS A CA  1 
ATOM   158  C  C   . HIS A 1 21  ? -14.277 2.010   -0.814  1.00 12.42 ? 21  HIS A C   1 
ATOM   159  O  O   . HIS A 1 21  ? -14.601 1.211   0.079   1.00 16.28 ? 21  HIS A O   1 
ATOM   160  C  CB  . HIS A 1 21  ? -13.131 4.096   -0.100  1.00 12.70 ? 21  HIS A CB  1 
ATOM   161  C  CG  . HIS A 1 21  ? -13.816 4.023   1.236   1.00 21.37 ? 21  HIS A CG  1 
ATOM   162  N  ND1 . HIS A 1 21  ? -13.194 3.512   2.359   1.00 19.21 ? 21  HIS A ND1 1 
ATOM   163  C  CD2 . HIS A 1 21  ? -15.064 4.380   1.626   1.00 24.18 ? 21  HIS A CD2 1 
ATOM   164  C  CE1 . HIS A 1 21  ? -14.018 3.590   3.387   1.00 23.70 ? 21  HIS A CE1 1 
ATOM   165  N  NE2 . HIS A 1 21  ? -15.163 4.094   2.970   1.00 25.56 ? 21  HIS A NE2 1 
ATOM   166  N  N   . GLY A 1 22  ? -15.033 2.279   -1.881  1.00 15.69 ? 22  GLY A N   1 
ATOM   167  C  CA  . GLY A 1 22  ? -16.378 1.683   -2.056  1.00 17.93 ? 22  GLY A CA  1 
ATOM   168  C  C   . GLY A 1 22  ? -16.338 0.262   -2.624  1.00 20.20 ? 22  GLY A C   1 
ATOM   169  O  O   . GLY A 1 22  ? -17.349 -0.446  -2.649  1.00 17.30 ? 22  GLY A O   1 
ATOM   170  N  N   . ASP A 1 23  ? -15.162 -0.157  -3.090  1.00 15.64 ? 23  ASP A N   1 
ATOM   171  C  CA  . ASP A 1 23  ? -14.937 -1.526  -3.561  1.00 14.47 ? 23  ASP A CA  1 
ATOM   172  C  C   . ASP A 1 23  ? -13.572 -2.085  -3.126  1.00 16.02 ? 23  ASP A C   1 
ATOM   173  O  O   . ASP A 1 23  ? -12.725 -2.430  -3.939  1.00 15.21 ? 23  ASP A O   1 
ATOM   174  C  CB  . ASP A 1 23  ? -15.036 -1.526  -5.087  1.00 17.39 ? 23  ASP A CB  1 
ATOM   175  C  CG  . ASP A 1 23  ? -15.046 -2.962  -5.591  1.00 17.82 ? 23  ASP A CG  1 
ATOM   176  O  OD1 . ASP A 1 23  ? -15.129 -3.862  -4.754  1.00 23.82 ? 23  ASP A OD1 1 
ATOM   177  O  OD2 . ASP A 1 23  ? -14.972 -3.165  -6.801  1.00 24.36 ? 23  ASP A OD2 1 
ATOM   178  N  N   . LEU A 1 24  ? -13.340 -2.136  -1.821  1.00 15.42 ? 24  LEU A N   1 
ATOM   179  C  CA  . LEU A 1 24  ? -11.962 -2.371  -1.321  1.00 17.43 ? 24  LEU A CA  1 
ATOM   180  C  C   . LEU A 1 24  ? -11.466 -3.765  -1.679  1.00 26.00 ? 24  LEU A C   1 
ATOM   181  O  O   . LEU A 1 24  ? -10.376 -3.900  -2.233  1.00 17.32 ? 24  LEU A O   1 
ATOM   182  C  CB  . LEU A 1 24  ? -11.882 -2.148  0.182   1.00 16.93 ? 24  LEU A CB  1 
ATOM   183  C  CG  . LEU A 1 24  ? -11.615 -0.721  0.661   1.00 28.60 ? 24  LEU A CG  1 
ATOM   184  C  CD1 . LEU A 1 24  ? -11.762 -0.676  2.171   1.00 30.34 ? 24  LEU A CD1 1 
ATOM   185  C  CD2 . LEU A 1 24  ? -10.182 -0.275  0.286   1.00 20.52 ? 24  LEU A CD2 1 
ATOM   186  N  N   . GLN A 1 25  ? -12.268 -4.790  -1.379  1.00 18.11 ? 25  GLN A N   1 
ATOM   187  C  CA  . GLN A 1 25  ? -11.851 -6.182  -1.653  1.00 17.02 ? 25  GLN A CA  1 
ATOM   188  C  C   . GLN A 1 25  ? -11.688 -6.426  -3.162  1.00 17.92 ? 25  GLN A C   1 
ATOM   189  O  O   . GLN A 1 25  ? -10.709 -7.031  -3.577  1.00 17.01 ? 25  GLN A O   1 
ATOM   190  C  CB  . GLN A 1 25  ? -12.787 -7.200  -0.987  1.00 19.99 ? 25  GLN A CB  1 
ATOM   191  C  CG  . GLN A 1 25  ? -12.269 -8.652  -1.096  1.00 23.84 ? 25  GLN A CG  1 
ATOM   192  C  CD  . GLN A 1 25  ? -10.959 -8.841  -0.352  1.00 19.92 ? 25  GLN A CD  1 
ATOM   193  O  OE1 . GLN A 1 25  ? -10.893 -8.648  0.851   1.00 26.86 ? 25  GLN A OE1 1 
ATOM   194  N  NE2 . GLN A 1 25  ? -9.899  -9.207  -1.075  1.00 15.41 ? 25  GLN A NE2 1 
ATOM   195  N  N   . GLY A 1 26  ? -12.645 -5.957  -3.970  1.00 15.21 ? 26  GLY A N   1 
ATOM   196  C  CA  . GLY A 1 26  ? -12.610 -6.115  -5.435  1.00 19.36 ? 26  GLY A CA  1 
ATOM   197  C  C   . GLY A 1 26  ? -11.403 -5.503  -6.138  1.00 17.62 ? 26  GLY A C   1 
ATOM   198  O  O   . GLY A 1 26  ? -10.716 -6.146  -6.968  1.00 15.74 ? 26  GLY A O   1 
ATOM   199  N  N   . THR A 1 27  ? -11.158 -4.244  -5.799  1.00 16.05 ? 27  THR A N   1 
ATOM   200  C  CA  . THR A 1 27  ? -10.027 -3.502  -6.301  1.00 18.06 ? 27  THR A CA  1 
ATOM   201  C  C   . THR A 1 27  ? -8.719  -4.184  -5.839  1.00 11.23 ? 27  THR A C   1 
ATOM   202  O  O   . THR A 1 27  ? -7.818  -4.368  -6.658  1.00 14.20 ? 27  THR A O   1 
ATOM   203  C  CB  . THR A 1 27  ? -10.124 -1.965  -5.967  1.00 19.17 ? 27  THR A CB  1 
ATOM   204  O  OG1 . THR A 1 27  ? -10.215 -1.765  -4.557  1.00 29.74 ? 27  THR A OG1 1 
ATOM   205  C  CG2 . THR A 1 27  ? -11.380 -1.374  -6.608  1.00 24.61 ? 27  THR A CG2 1 
ATOM   206  N  N   . ALA A 1 28  ? -8.663  -4.575  -4.572  1.00 10.80 ? 28  ALA A N   1 
ATOM   207  C  CA  . ALA A 1 28  ? -7.471  -5.271  -3.977  1.00 13.31 ? 28  ALA A CA  1 
ATOM   208  C  C   . ALA A 1 28  ? -7.158  -6.544  -4.768  1.00 16.67 ? 28  ALA A C   1 
ATOM   209  O  O   . ALA A 1 28  ? -6.026  -6.753  -5.177  1.00 12.36 ? 28  ALA A O   1 
ATOM   210  C  CB  . ALA A 1 28  ? -7.682  -5.609  -2.500  1.00 17.03 ? 28  ALA A CB  1 
ATOM   211  N  N   . ASN A 1 29  ? -8.171  -7.370  -5.040  1.00 16.33 ? 29  ASN A N   1 
ATOM   212  C  CA  . ASN A 1 29  ? -7.954  -8.626  -5.813  1.00 14.93 ? 29  ASN A CA  1 
ATOM   213  C  C   . ASN A 1 29  ? -7.335  -8.383  -7.192  1.00 13.88 ? 29  ASN A C   1 
ATOM   214  O  O   . ASN A 1 29  ? -6.382  -9.090  -7.578  1.00 12.63 ? 29  ASN A O   1 
ATOM   215  C  CB  . ASN A 1 29  ? -9.266  -9.448  -5.952  1.00 15.20 ? 29  ASN A CB  1 
ATOM   216  C  CG  . ASN A 1 29  ? -9.760  -10.025 -4.613  1.00 21.93 ? 29  ASN A CG  1 
ATOM   217  O  OD1 . ASN A 1 29  ? -9.033  -10.071 -3.629  1.00 17.78 ? 29  ASN A OD1 1 
ATOM   218  N  ND2 . ASN A 1 29  ? -11.041 -10.457 -4.582  1.00 25.10 ? 29  ASN A ND2 1 
ATOM   219  N  N   . THR A 1 30  ? -7.850  -7.365  -7.906  1.00 12.46 ? 30  THR A N   1 
ATOM   220  C  CA  . THR A 1 30  ? -7.388  -7.016  -9.230  1.00 12.59 ? 30  THR A CA  1 
ATOM   221  C  C   . THR A 1 30  ? -5.947  -6.438  -9.194  1.00 12.79 ? 30  THR A C   1 
ATOM   222  O  O   . THR A 1 30  ? -5.094  -6.891  -9.989  1.00 12.91 ? 30  THR A O   1 
ATOM   223  C  CB  . THR A 1 30  ? -8.322  -6.021  -9.903  1.00 19.02 ? 30  THR A CB  1 
ATOM   224  O  OG1 . THR A 1 30  ? -9.590  -6.643  -10.060 1.00 20.54 ? 30  THR A OG1 1 
ATOM   225  C  CG2 . THR A 1 30  ? -7.750  -5.571  -11.308 1.00 13.61 ? 30  THR A CG2 1 
ATOM   226  N  N   . VAL A 1 31  ? -5.703  -5.481  -8.286  1.00 13.45 ? 31  VAL A N   1 
ATOM   227  C  CA  . VAL A 1 31  ? -4.356  -4.826  -8.206  1.00 9.24  ? 31  VAL A CA  1 
ATOM   228  C  C   . VAL A 1 31  ? -3.283  -5.877  -7.805  1.00 9.76  ? 31  VAL A C   1 
ATOM   229  O  O   . VAL A 1 31  ? -2.194  -5.965  -8.427  1.00 11.78 ? 31  VAL A O   1 
ATOM   230  C  CB  . VAL A 1 31  ? -4.379  -3.606  -7.231  1.00 11.93 ? 31  VAL A CB  1 
ATOM   231  C  CG1 . VAL A 1 31  ? -2.966  -3.203  -6.800  1.00 15.70 ? 31  VAL A CG1 1 
ATOM   232  C  CG2 . VAL A 1 31  ? -5.147  -2.428  -7.864  1.00 14.02 ? 31  VAL A CG2 1 
ATOM   233  N  N   . PHE A 1 32  ? -3.597  -6.673  -6.790  1.00 6.95  ? 32  PHE A N   1 
ATOM   234  C  CA  . PHE A 1 32  ? -2.659  -7.720  -6.322  1.00 8.48  ? 32  PHE A CA  1 
ATOM   235  C  C   . PHE A 1 32  ? -2.352  -8.759  -7.433  1.00 14.19 ? 32  PHE A C   1 
ATOM   236  O  O   . PHE A 1 32  ? -1.176  -9.100  -7.619  1.00 10.83 ? 32  PHE A O   1 
ATOM   237  C  CB  . PHE A 1 32  ? -3.142  -8.393  -5.049  1.00 11.82 ? 32  PHE A CB  1 
ATOM   238  C  CG  . PHE A 1 32  ? -2.098  -9.196  -4.344  1.00 12.66 ? 32  PHE A CG  1 
ATOM   239  C  CD1 . PHE A 1 32  ? -0.886  -8.616  -3.935  1.00 13.32 ? 32  PHE A CD1 1 
ATOM   240  C  CD2 . PHE A 1 32  ? -2.302  -10.567 -4.117  1.00 13.39 ? 32  PHE A CD2 1 
ATOM   241  C  CE1 . PHE A 1 32  ? 0.086   -9.386  -3.222  1.00 16.93 ? 32  PHE A CE1 1 
ATOM   242  C  CE2 . PHE A 1 32  ? -1.335  -11.338 -3.454  1.00 11.29 ? 32  PHE A CE2 1 
ATOM   243  C  CZ  . PHE A 1 32  ? -0.149  -10.769 -3.015  1.00 17.25 ? 32  PHE A CZ  1 
ATOM   244  N  N   . TYR A 1 33  ? -3.381  -9.226  -8.147  1.00 11.43 ? 33  TYR A N   1 
ATOM   245  C  CA  . TYR A 1 33  ? -3.180  -10.067 -9.347  1.00 11.98 ? 33  TYR A CA  1 
ATOM   246  C  C   . TYR A 1 33  ? -2.222  -9.386  -10.362 1.00 15.31 ? 33  TYR A C   1 
ATOM   247  O  O   . TYR A 1 33  ? -1.259  -9.994  -10.785 1.00 10.92 ? 33  TYR A O   1 
ATOM   248  C  CB  . TYR A 1 33  ? -4.495  -10.438 -10.019 1.00 12.23 ? 33  TYR A CB  1 
ATOM   249  C  CG  . TYR A 1 33  ? -4.268  -11.274 -11.258 1.00 14.31 ? 33  TYR A CG  1 
ATOM   250  C  CD1 . TYR A 1 33  ? -3.998  -12.643 -11.159 1.00 16.34 ? 33  TYR A CD1 1 
ATOM   251  C  CD2 . TYR A 1 33  ? -4.289  -10.693 -12.533 1.00 19.10 ? 33  TYR A CD2 1 
ATOM   252  C  CE1 . TYR A 1 33  ? -3.808  -13.428 -12.319 1.00 17.47 ? 33  TYR A CE1 1 
ATOM   253  C  CE2 . TYR A 1 33  ? -4.060  -11.460 -13.679 1.00 21.84 ? 33  TYR A CE2 1 
ATOM   254  C  CZ  . TYR A 1 33  ? -3.833  -12.823 -13.556 1.00 23.67 ? 33  TYR A CZ  1 
ATOM   255  O  OH  . TYR A 1 33  ? -3.623  -13.557 -14.701 1.00 21.70 ? 33  TYR A OH  1 
ATOM   256  N  N   . ASN A 1 34  ? -2.517  -8.136  -10.714 1.00 11.39 ? 34  ASN A N   1 
ATOM   257  C  CA  . ASN A 1 34  ? -1.776  -7.393  -11.712 1.00 9.00  ? 34  ASN A CA  1 
ATOM   258  C  C   . ASN A 1 34  ? -0.311  -7.179  -11.297 1.00 5.35  ? 34  ASN A C   1 
ATOM   259  O  O   . ASN A 1 34  ? 0.586   -7.223  -12.143 1.00 11.99 ? 34  ASN A O   1 
ATOM   260  C  CB  . ASN A 1 34  ? -2.467  -6.058  -11.972 1.00 14.77 ? 34  ASN A CB  1 
ATOM   261  C  CG  . ASN A 1 34  ? -3.742  -6.212  -12.815 1.00 19.61 ? 34  ASN A CG  1 
ATOM   262  O  OD1 . ASN A 1 34  ? -3.990  -7.260  -13.370 1.00 18.15 ? 34  ASN A OD1 1 
ATOM   263  N  ND2 . ASN A 1 34  ? -4.548  -5.165  -12.880 1.00 17.44 ? 34  ASN A ND2 1 
ATOM   264  N  N   . TYR A 1 35  ? -0.129  -6.980  -9.994  1.00 9.17  ? 35  TYR A N   1 
ATOM   265  C  CA  . TYR A 1 35  ? 1.223   -6.821  -9.410  1.00 10.66 ? 35  TYR A CA  1 
ATOM   266  C  C   . TYR A 1 35  ? 2.021   -8.146  -9.542  1.00 8.36  ? 35  TYR A C   1 
ATOM   267  O  O   . TYR A 1 35  ? 3.134   -8.140  -10.054 1.00 11.04 ? 35  TYR A O   1 
ATOM   268  C  CB  . TYR A 1 35  ? 1.091   -6.460  -7.947  1.00 9.32  ? 35  TYR A CB  1 
ATOM   269  C  CG  . TYR A 1 35  ? 2.399   -6.462  -7.167  1.00 8.59  ? 35  TYR A CG  1 
ATOM   270  C  CD1 . TYR A 1 35  ? 3.434   -5.573  -7.510  1.00 9.76  ? 35  TYR A CD1 1 
ATOM   271  C  CD2 . TYR A 1 35  ? 2.549   -7.284  -6.046  1.00 11.53 ? 35  TYR A CD2 1 
ATOM   272  C  CE1 . TYR A 1 35  ? 4.645   -5.589  -6.757  1.00 9.21  ? 35  TYR A CE1 1 
ATOM   273  C  CE2 . TYR A 1 35  ? 3.691   -7.298  -5.303  1.00 12.22 ? 35  TYR A CE2 1 
ATOM   274  C  CZ  . TYR A 1 35  ? 4.752   -6.429  -5.658  1.00 12.41 ? 35  TYR A CZ  1 
ATOM   275  O  OH  . TYR A 1 35  ? 5.899   -6.416  -4.903  1.00 10.12 ? 35  TYR A OH  1 
ATOM   276  N  N   . LEU A 1 36  ? 1.437   -9.253  -9.070  1.00 10.86 ? 36  LEU A N   1 
ATOM   277  C  CA  . LEU A 1 36  ? 2.119   -10.562 -9.217  1.00 12.44 ? 36  LEU A CA  1 
ATOM   278  C  C   . LEU A 1 36  ? 2.330   -11.037 -10.684 1.00 10.05 ? 36  LEU A C   1 
ATOM   279  O  O   . LEU A 1 36  ? 3.292   -11.719 -11.013 1.00 11.59 ? 36  LEU A O   1 
ATOM   280  C  CB  . LEU A 1 36  ? 1.314   -11.609 -8.444  1.00 7.38  ? 36  LEU A CB  1 
ATOM   281  C  CG  . LEU A 1 36  ? 1.383   -11.398 -6.930  1.00 13.91 ? 36  LEU A CG  1 
ATOM   282  C  CD1 . LEU A 1 36  ? 0.791   -12.574 -6.150  1.00 12.80 ? 36  LEU A CD1 1 
ATOM   283  C  CD2 . LEU A 1 36  ? 2.813   -11.222 -6.419  1.00 12.39 ? 36  LEU A CD2 1 
ATOM   284  N  N   . LYS A 1 37  ? 1.425   -10.646 -11.590 1.00 8.23  ? 37  LYS A N   1 
ATOM   285  C  CA  . LYS A 1 37  ? 1.586   -10.907 -13.026 1.00 9.98  ? 37  LYS A CA  1 
ATOM   286  C  C   . LYS A 1 37  ? 2.731   -10.062 -13.659 1.00 12.60 ? 37  LYS A C   1 
ATOM   287  O  O   . LYS A 1 37  ? 3.538   -10.577 -14.411 1.00 12.77 ? 37  LYS A O   1 
ATOM   288  C  CB  . LYS A 1 37  ? 0.279   -10.675 -13.786 1.00 18.09 ? 37  LYS A CB  1 
ATOM   289  C  CG  . LYS A 1 37  ? 0.361   -10.988 -15.275 1.00 17.90 ? 37  LYS A CG  1 
ATOM   290  C  CD  . LYS A 1 37  ? -0.815  -11.810 -15.710 1.00 32.22 ? 37  LYS A CD  1 
ATOM   291  C  CE  . LYS A 1 37  ? -0.565  -12.397 -17.081 1.00 31.30 ? 37  LYS A CE  1 
ATOM   292  N  NZ  . LYS A 1 37  ? -1.664  -13.311 -17.399 1.00 36.88 ? 37  LYS A NZ  1 
ATOM   293  N  N   . LYS A 1 38  ? 2.793   -8.770  -13.337 1.00 10.91 ? 38  LYS A N   1 
ATOM   294  C  CA  . LYS A 1 38  ? 3.809   -7.893  -13.912 1.00 12.76 ? 38  LYS A CA  1 
ATOM   295  C  C   . LYS A 1 38  ? 5.187   -8.114  -13.271 1.00 11.01 ? 38  LYS A C   1 
ATOM   296  O  O   . LYS A 1 38  ? 6.237   -7.955  -13.932 1.00 10.11 ? 38  LYS A O   1 
ATOM   297  C  CB  . LYS A 1 38  ? 3.342   -6.424  -13.778 1.00 12.05 ? 38  LYS A CB  1 
ATOM   298  C  CG  . LYS A 1 38  ? 4.236   -5.410  -14.521 1.00 12.13 ? 38  LYS A CG  1 
ATOM   299  C  CD  . LYS A 1 38  ? 3.542   -4.011  -14.598 1.00 16.70 ? 38  LYS A CD  1 
ATOM   300  C  CE  . LYS A 1 38  ? 4.524   -3.008  -15.046 1.00 17.92 ? 38  LYS A CE  1 
ATOM   301  N  NZ  . LYS A 1 38  ? 3.843   -1.728  -15.344 1.00 19.22 ? 38  LYS A NZ  1 
ATOM   302  N  N   . TYR A 1 39  ? 5.203   -8.427  -11.975 1.00 8.65  ? 39  TYR A N   1 
ATOM   303  C  CA  . TYR A 1 39  ? 6.421   -8.572  -11.152 1.00 11.54 ? 39  TYR A CA  1 
ATOM   304  C  C   . TYR A 1 39  ? 6.379   -9.945  -10.489 1.00 10.40 ? 39  TYR A C   1 
ATOM   305  O  O   . TYR A 1 39  ? 6.208   -10.057 -9.274  1.00 11.67 ? 39  TYR A O   1 
ATOM   306  C  CB  . TYR A 1 39  ? 6.471   -7.460  -10.095 1.00 12.87 ? 39  TYR A CB  1 
ATOM   307  C  CG  . TYR A 1 39  ? 6.384   -6.080  -10.734 1.00 15.31 ? 39  TYR A CG  1 
ATOM   308  C  CD1 . TYR A 1 39  ? 7.504   -5.533  -11.376 1.00 11.63 ? 39  TYR A CD1 1 
ATOM   309  C  CD2 . TYR A 1 39  ? 5.190   -5.341  -10.708 1.00 16.37 ? 39  TYR A CD2 1 
ATOM   310  C  CE1 . TYR A 1 39  ? 7.464   -4.261  -11.955 1.00 9.85  ? 39  TYR A CE1 1 
ATOM   311  C  CE2 . TYR A 1 39  ? 5.105   -4.076  -11.310 1.00 15.85 ? 39  TYR A CE2 1 
ATOM   312  C  CZ  . TYR A 1 39  ? 6.262   -3.549  -11.937 1.00 16.79 ? 39  TYR A CZ  1 
ATOM   313  O  OH  . TYR A 1 39  ? 6.269   -2.306  -12.536 1.00 16.62 ? 39  TYR A OH  1 
ATOM   314  N  N   . PRO A 1 40  ? 6.466   -11.006 -11.302 1.00 12.47 ? 40  PRO A N   1 
ATOM   315  C  CA  . PRO A 1 40  ? 6.282   -12.368 -10.741 1.00 12.67 ? 40  PRO A CA  1 
ATOM   316  C  C   . PRO A 1 40  ? 7.298   -12.861 -9.708  1.00 12.60 ? 40  PRO A C   1 
ATOM   317  O  O   . PRO A 1 40  ? 6.961   -13.749 -8.921  1.00 16.11 ? 40  PRO A O   1 
ATOM   318  C  CB  . PRO A 1 40  ? 6.334   -13.267 -12.000 1.00 15.17 ? 40  PRO A CB  1 
ATOM   319  C  CG  . PRO A 1 40  ? 7.205   -12.484 -12.987 1.00 12.55 ? 40  PRO A CG  1 
ATOM   320  C  CD  . PRO A 1 40  ? 6.678   -11.061 -12.761 1.00 12.56 ? 40  PRO A CD  1 
ATOM   321  N  N   . SER A 1 41  ? 8.501   -12.274 -9.661  1.00 14.10 ? 41  SER A N   1 
ATOM   322  C  CA  . SER A 1 41  ? 9.451   -12.659 -8.624  1.00 14.76 ? 41  SER A CA  1 
ATOM   323  C  C   . SER A 1 41  ? 8.844   -12.563 -7.210  1.00 12.79 ? 41  SER A C   1 
ATOM   324  O  O   . SER A 1 41  ? 9.224   -13.304 -6.308  1.00 13.87 ? 41  SER A O   1 
ATOM   325  C  CB  . SER A 1 41  ? 10.755  -11.831 -8.756  1.00 17.38 ? 41  SER A CB  1 
ATOM   326  O  OG  . SER A 1 41  ? 10.510  -10.476 -8.379  1.00 17.47 ? 41  SER A OG  1 
ATOM   327  N  N   . ASN A 1 42  ? 7.913   -11.606 -7.011  1.00 14.30 ? 42  ASN A N   1 
ATOM   328  C  CA  . ASN A 1 42  ? 7.248   -11.411 -5.730  1.00 12.67 ? 42  ASN A CA  1 
ATOM   329  C  C   . ASN A 1 42  ? 6.344   -12.525 -5.187  1.00 8.72  ? 42  ASN A C   1 
ATOM   330  O  O   . ASN A 1 42  ? 6.131   -12.611 -3.973  1.00 12.98 ? 42  ASN A O   1 
ATOM   331  C  CB  . ASN A 1 42  ? 6.470   -10.086 -5.781  1.00 12.57 ? 42  ASN A CB  1 
ATOM   332  C  CG  . ASN A 1 42  ? 7.409   -8.932  -6.019  1.00 12.67 ? 42  ASN A CG  1 
ATOM   333  O  OD1 . ASN A 1 42  ? 7.363   -8.248  -7.059  1.00 18.79 ? 42  ASN A OD1 1 
ATOM   334  N  ND2 . ASN A 1 42  ? 8.330   -8.774  -5.095  1.00 9.87  ? 42  ASN A ND2 1 
ATOM   335  N  N   . GLN A 1 43  ? 5.810   -13.363 -6.081  1.00 10.59 ? 43  GLN A N   1 
ATOM   336  C  CA  . GLN A 1 43  ? 4.892   -14.414 -5.627  1.00 12.43 ? 43  GLN A CA  1 
ATOM   337  C  C   . GLN A 1 43  ? 5.571   -15.336 -4.605  1.00 11.08 ? 43  GLN A C   1 
ATOM   338  O  O   . GLN A 1 43  ? 4.933   -15.704 -3.619  1.00 13.81 ? 43  GLN A O   1 
ATOM   339  C  CB  . GLN A 1 43  ? 4.310   -15.217 -6.824  1.00 7.51  ? 43  GLN A CB  1 
ATOM   340  C  CG  . GLN A 1 43  ? 3.138   -16.167 -6.324  1.00 17.70 ? 43  GLN A CG  1 
ATOM   341  C  CD  . GLN A 1 43  ? 2.335   -16.780 -7.442  1.00 18.78 ? 43  GLN A CD  1 
ATOM   342  O  OE1 . GLN A 1 43  ? 2.277   -16.247 -8.543  1.00 19.91 ? 43  GLN A OE1 1 
ATOM   343  N  NE2 . GLN A 1 43  ? 1.692   -17.927 -7.154  1.00 17.05 ? 43  GLN A NE2 1 
ATOM   344  N  N   . ASP A 1 44  ? 6.847   -15.705 -4.849  1.00 13.79 ? 44  ASP A N   1 
ATOM   345  C  CA  . ASP A 1 44  ? 7.585   -16.591 -3.905  1.00 15.46 ? 44  ASP A CA  1 
ATOM   346  C  C   . ASP A 1 44  ? 7.743   -16.003 -2.500  1.00 19.37 ? 44  ASP A C   1 
ATOM   347  O  O   . ASP A 1 44  ? 7.992   -16.734 -1.558  1.00 18.81 ? 44  ASP A O   1 
ATOM   348  C  CB  . ASP A 1 44  ? 8.979   -16.992 -4.407  1.00 16.18 ? 44  ASP A CB  1 
ATOM   349  C  CG  . ASP A 1 44  ? 8.836   -17.925 -5.602  1.00 17.11 ? 44  ASP A CG  1 
ATOM   350  O  OD1 . ASP A 1 44  ? 7.752   -18.486 -5.763  1.00 17.27 ? 44  ASP A OD1 1 
ATOM   351  O  OD2 . ASP A 1 44  ? 9.795   -18.073 -6.353  1.00 19.78 ? 44  ASP A OD2 1 
ATOM   352  N  N   . LYS A 1 45  ? 7.589   -14.682 -2.363  1.00 12.23 ? 45  LYS A N   1 
ATOM   353  C  CA  . LYS A 1 45  ? 7.675   -14.064 -1.050  1.00 14.25 ? 45  LYS A CA  1 
ATOM   354  C  C   . LYS A 1 45  ? 6.513   -14.464 -0.131  1.00 12.99 ? 45  LYS A C   1 
ATOM   355  O  O   . LYS A 1 45  ? 6.605   -14.291 1.068   1.00 17.38 ? 45  LYS A O   1 
ATOM   356  C  CB  . LYS A 1 45  ? 7.805   -12.537 -1.154  1.00 14.11 ? 45  LYS A CB  1 
ATOM   357  C  CG  . LYS A 1 45  ? 8.941   -12.048 -2.019  1.00 19.10 ? 45  LYS A CG  1 
ATOM   358  C  CD  . LYS A 1 45  ? 10.334  -12.264 -1.377  1.00 22.57 ? 45  LYS A CD  1 
ATOM   359  C  CE  . LYS A 1 45  ? 11.457  -11.863 -2.372  1.00 26.21 ? 45  LYS A CE  1 
ATOM   360  N  NZ  . LYS A 1 45  ? 12.811  -12.110 -1.818  1.00 32.38 ? 45  LYS A NZ  1 
ATOM   361  N  N   . PHE A 1 46  ? 5.451   -15.028 -0.697  1.00 15.32 ? 46  PHE A N   1 
ATOM   362  C  CA  . PHE A 1 46  ? 4.271   -15.439 0.068   1.00 17.66 ? 46  PHE A CA  1 
ATOM   363  C  C   . PHE A 1 46  ? 4.234   -16.961 0.175   1.00 21.97 ? 46  PHE A C   1 
ATOM   364  O  O   . PHE A 1 46  ? 3.857   -17.642 -0.784  1.00 21.61 ? 46  PHE A O   1 
ATOM   365  C  CB  . PHE A 1 46  ? 2.998   -14.931 -0.616  1.00 12.52 ? 46  PHE A CB  1 
ATOM   366  C  CG  . PHE A 1 46  ? 2.972   -13.417 -0.740  1.00 13.68 ? 46  PHE A CG  1 
ATOM   367  C  CD1 . PHE A 1 46  ? 2.482   -12.644 0.308   1.00 18.56 ? 46  PHE A CD1 1 
ATOM   368  C  CD2 . PHE A 1 46  ? 3.520   -12.789 -1.857  1.00 16.38 ? 46  PHE A CD2 1 
ATOM   369  C  CE1 . PHE A 1 46  ? 2.470   -11.232 0.209   1.00 16.22 ? 46  PHE A CE1 1 
ATOM   370  C  CE2 . PHE A 1 46  ? 3.529   -11.378 -1.969  1.00 20.03 ? 46  PHE A CE2 1 
ATOM   371  C  CZ  . PHE A 1 46  ? 2.989   -10.607 -0.904  1.00 16.47 ? 46  PHE A CZ  1 
ATOM   372  N  N   . GLU A 1 47  ? 4.625   -17.477 1.337   1.00 20.69 ? 47  GLU A N   1 
ATOM   373  C  CA  . GLU A 1 47  ? 4.758   -18.927 1.501   1.00 24.63 ? 47  GLU A CA  1 
ATOM   374  C  C   . GLU A 1 47  ? 3.501   -19.657 1.023   1.00 21.45 ? 47  GLU A C   1 
ATOM   375  O  O   . GLU A 1 47  ? 3.587   -20.737 0.430   1.00 27.31 ? 47  GLU A O   1 
ATOM   376  C  CB  . GLU A 1 47  ? 5.087   -19.263 2.951   1.00 23.83 ? 47  GLU A CB  1 
ATOM   377  C  CG  . GLU A 1 47  ? 5.637   -20.670 3.193   1.00 38.43 ? 47  GLU A CG  1 
ATOM   378  C  CD  . GLU A 1 47  ? 6.792   -21.072 2.281   1.00 38.52 ? 47  GLU A CD  1 
ATOM   379  O  OE1 . GLU A 1 47  ? 7.693   -20.250 1.996   1.00 38.90 ? 47  GLU A OE1 1 
ATOM   380  O  OE2 . GLU A 1 47  ? 6.800   -22.252 1.864   1.00 46.24 ? 47  GLU A OE2 1 
ATOM   381  N  N   . THR A 1 48  ? 2.333   -19.067 1.283   1.00 20.01 ? 48  THR A N   1 
ATOM   382  C  CA  . THR A 1 48  ? 1.070   -19.690 0.870   1.00 23.55 ? 48  THR A CA  1 
ATOM   383  C  C   . THR A 1 48  ? 0.816   -19.766 -0.641  1.00 28.23 ? 48  THR A C   1 
ATOM   384  O  O   . THR A 1 48  ? -0.014  -20.566 -1.093  1.00 26.98 ? 48  THR A O   1 
ATOM   385  C  CB  . THR A 1 48  ? -0.175  -19.052 1.543   1.00 28.00 ? 48  THR A CB  1 
ATOM   386  O  OG1 . THR A 1 48  ? -0.322  -17.671 1.150   1.00 23.81 ? 48  THR A OG1 1 
ATOM   387  C  CG2 . THR A 1 48  ? -0.126  -19.187 3.037   1.00 26.93 ? 48  THR A CG2 1 
ATOM   388  N  N   . LEU A 1 49  ? 1.500   -18.928 -1.418  1.00 23.73 ? 49  LEU A N   1 
ATOM   389  C  CA  . LEU A 1 49  ? 1.313   -18.867 -2.885  1.00 18.66 ? 49  LEU A CA  1 
ATOM   390  C  C   . LEU A 1 49  ? 2.480   -19.510 -3.651  1.00 13.34 ? 49  LEU A C   1 
ATOM   391  O  O   . LEU A 1 49  ? 2.387   -19.728 -4.874  1.00 19.31 ? 49  LEU A O   1 
ATOM   392  C  CB  . LEU A 1 49  ? 1.182   -17.399 -3.342  1.00 18.47 ? 49  LEU A CB  1 
ATOM   393  C  CG  . LEU A 1 49  ? 0.189   -16.503 -2.585  1.00 19.59 ? 49  LEU A CG  1 
ATOM   394  C  CD1 . LEU A 1 49  ? 0.168   -15.046 -3.202  1.00 19.45 ? 49  LEU A CD1 1 
ATOM   395  C  CD2 . LEU A 1 49  ? -1.194  -17.118 -2.648  1.00 18.97 ? 49  LEU A CD2 1 
ATOM   396  N  N   . LYS A 1 50  ? 3.579   -19.732 -2.938  1.00 21.95 ? 50  LYS A N   1 
ATOM   397  C  CA  . LYS A 1 50  ? 4.820   -20.218 -3.530  1.00 21.68 ? 50  LYS A CA  1 
ATOM   398  C  C   . LYS A 1 50  ? 4.598   -21.570 -4.209  1.00 21.81 ? 50  LYS A C   1 
ATOM   399  O  O   . LYS A 1 50  ? 3.958   -22.459 -3.609  1.00 22.09 ? 50  LYS A O   1 
ATOM   400  C  CB  . LYS A 1 50  ? 5.876   -20.341 -2.452  1.00 22.76 ? 50  LYS A CB  1 
ATOM   401  C  CG  . LYS A 1 50  ? 7.234   -20.568 -2.985  1.00 22.15 ? 50  LYS A CG  1 
ATOM   402  C  CD  . LYS A 1 50  ? 8.265   -20.268 -1.909  1.00 27.62 ? 50  LYS A CD  1 
ATOM   403  C  CE  . LYS A 1 50  ? 9.592   -20.878 -2.291  1.00 31.55 ? 50  LYS A CE  1 
ATOM   404  N  NZ  . LYS A 1 50  ? 10.606  -20.731 -1.201  1.00 46.13 ? 50  LYS A NZ  1 
ATOM   405  N  N   . GLY A 1 51  ? 5.086   -21.712 -5.447  1.00 19.73 ? 51  GLY A N   1 
ATOM   406  C  CA  . GLY A 1 51  ? 5.106   -23.018 -6.133  1.00 21.03 ? 51  GLY A CA  1 
ATOM   407  C  C   . GLY A 1 51  ? 3.857   -23.323 -6.950  1.00 24.94 ? 51  GLY A C   1 
ATOM   408  O  O   . GLY A 1 51  ? 3.800   -24.341 -7.631  1.00 31.88 ? 51  GLY A O   1 
ATOM   409  N  N   . HIS A 1 52  ? 2.880   -22.422 -6.909  1.00 19.61 ? 52  HIS A N   1 
ATOM   410  C  CA  . HIS A 1 52  ? 1.651   -22.521 -7.720  1.00 22.92 ? 52  HIS A CA  1 
ATOM   411  C  C   . HIS A 1 52  ? 1.637   -21.521 -8.845  1.00 22.64 ? 52  HIS A C   1 
ATOM   412  O  O   . HIS A 1 52  ? 2.097   -20.386 -8.631  1.00 16.58 ? 52  HIS A O   1 
ATOM   413  C  CB  . HIS A 1 52  ? 0.393   -22.259 -6.890  1.00 27.13 ? 52  HIS A CB  1 
ATOM   414  C  CG  . HIS A 1 52  ? 0.267   -23.128 -5.680  1.00 36.06 ? 52  HIS A CG  1 
ATOM   415  N  ND1 . HIS A 1 52  ? 0.787   -22.771 -4.455  1.00 36.01 ? 52  HIS A ND1 1 
ATOM   416  C  CD2 . HIS A 1 52  ? -0.316  -24.338 -5.507  1.00 29.87 ? 52  HIS A CD2 1 
ATOM   417  C  CE1 . HIS A 1 52  ? 0.531   -23.724 -3.578  1.00 45.43 ? 52  HIS A CE1 1 
ATOM   418  N  NE2 . HIS A 1 52  ? -0.138  -24.687 -4.191  1.00 41.45 ? 52  HIS A NE2 1 
ATOM   419  N  N   . PRO A 1 53  ? 1.072   -21.907 -10.032 1.00 21.14 ? 53  PRO A N   1 
ATOM   420  C  CA  . PRO A 1 53  ? 0.813   -20.944 -11.119 1.00 16.93 ? 53  PRO A CA  1 
ATOM   421  C  C   . PRO A 1 53  ? -0.083  -19.806 -10.552 1.00 19.68 ? 53  PRO A C   1 
ATOM   422  O  O   . PRO A 1 53  ? -0.999  -20.093 -9.769  1.00 18.78 ? 53  PRO A O   1 
ATOM   423  C  CB  . PRO A 1 53  ? 0.034   -21.774 -12.152 1.00 21.21 ? 53  PRO A CB  1 
ATOM   424  C  CG  . PRO A 1 53  ? 0.499   -23.196 -11.892 1.00 19.09 ? 53  PRO A CG  1 
ATOM   425  C  CD  . PRO A 1 53  ? 0.663   -23.281 -10.414 1.00 19.71 ? 53  PRO A CD  1 
ATOM   426  N  N   . LEU A 1 54  ? 0.185   -18.547 -10.917 1.00 13.51 ? 54  LEU A N   1 
ATOM   427  C  CA  . LEU A 1 54  ? -0.589  -17.442 -10.354 1.00 18.70 ? 54  LEU A CA  1 
ATOM   428  C  C   . LEU A 1 54  ? -2.087  -17.627 -10.641 1.00 13.93 ? 54  LEU A C   1 
ATOM   429  O  O   . LEU A 1 54  ? -2.924  -17.380 -9.763  1.00 16.37 ? 54  LEU A O   1 
ATOM   430  C  CB  . LEU A 1 54  ? -0.103  -16.097 -10.935 1.00 17.57 ? 54  LEU A CB  1 
ATOM   431  C  CG  . LEU A 1 54  ? -0.982  -14.879 -10.610 1.00 13.26 ? 54  LEU A CG  1 
ATOM   432  C  CD1 . LEU A 1 54  ? -0.864  -14.569 -9.096  1.00 19.73 ? 54  LEU A CD1 1 
ATOM   433  C  CD2 . LEU A 1 54  ? -0.536  -13.715 -11.430 1.00 14.02 ? 54  LEU A CD2 1 
ATOM   434  N  N   . ASP A 1 55  ? -2.414  -18.086 -11.867 1.00 17.21 ? 55  ASP A N   1 
ATOM   435  C  CA  . ASP A 1 55  ? -3.835  -18.259 -12.287 1.00 18.38 ? 55  ASP A CA  1 
ATOM   436  C  C   . ASP A 1 55  ? -4.559  -19.306 -11.489 1.00 20.92 ? 55  ASP A C   1 
ATOM   437  O  O   . ASP A 1 55  ? -5.777  -19.250 -11.363 1.00 21.80 ? 55  ASP A O   1 
ATOM   438  C  CB  . ASP A 1 55  ? -3.971  -18.553 -13.787 1.00 25.14 ? 55  ASP A CB  1 
ATOM   439  C  CG  . ASP A 1 55  ? -3.763  -17.320 -14.631 1.00 28.51 ? 55  ASP A CG  1 
ATOM   440  O  OD1 . ASP A 1 55  ? -3.959  -16.218 -14.105 1.00 32.82 ? 55  ASP A OD1 1 
ATOM   441  O  OD2 . ASP A 1 55  ? -3.398  -17.450 -15.815 1.00 42.40 ? 55  ASP A OD2 1 
ATOM   442  N  N   . GLU A 1 56  ? -3.812  -20.242 -10.907 1.00 19.99 ? 56  GLU A N   1 
ATOM   443  C  CA  . GLU A 1 56  ? -4.396  -21.241 -10.022 1.00 24.77 ? 56  GLU A CA  1 
ATOM   444  C  C   . GLU A 1 56  ? -4.641  -20.747 -8.605  1.00 28.25 ? 56  GLU A C   1 
ATOM   445  O  O   . GLU A 1 56  ? -5.532  -21.227 -7.921  1.00 35.22 ? 56  GLU A O   1 
ATOM   446  C  CB  . GLU A 1 56  ? -3.533  -22.488 -9.993  1.00 27.26 ? 56  GLU A CB  1 
ATOM   447  C  CG  . GLU A 1 56  ? -3.359  -23.130 -11.353 1.00 35.90 ? 56  GLU A CG  1 
ATOM   448  C  CD  . GLU A 1 56  ? -3.081  -24.617 -11.249 1.00 46.72 ? 56  GLU A CD  1 
ATOM   449  O  OE1 . GLU A 1 56  ? -2.426  -25.043 -10.272 1.00 46.51 ? 56  GLU A OE1 1 
ATOM   450  O  OE2 . GLU A 1 56  ? -3.527  -25.360 -12.143 1.00 48.82 ? 56  GLU A OE2 1 
ATOM   451  N  N   . VAL A 1 57  ? -3.818  -19.813 -8.156  1.00 17.08 ? 57  VAL A N   1 
ATOM   452  C  CA  . VAL A 1 57  ? -3.912  -19.306 -6.807  1.00 18.49 ? 57  VAL A CA  1 
ATOM   453  C  C   . VAL A 1 57  ? -4.795  -18.018 -6.675  1.00 15.23 ? 57  VAL A C   1 
ATOM   454  O  O   . VAL A 1 57  ? -5.262  -17.691 -5.567  1.00 20.21 ? 57  VAL A O   1 
ATOM   455  C  CB  . VAL A 1 57  ? -2.491  -19.180 -6.203  1.00 25.58 ? 57  VAL A CB  1 
ATOM   456  C  CG1 . VAL A 1 57  ? -1.779  -17.865 -6.631  1.00 20.89 ? 57  VAL A CG1 1 
ATOM   457  C  CG2 . VAL A 1 57  ? -2.551  -19.373 -4.725  1.00 35.30 ? 57  VAL A CG2 1 
ATOM   458  N  N   . LYS A 1 58  ? -5.048  -17.336 -7.798  1.00 19.61 ? 58  LYS A N   1 
ATOM   459  C  CA  . LYS A 1 58  ? -5.798  -16.053 -7.784  1.00 20.00 ? 58  LYS A CA  1 
ATOM   460  C  C   . LYS A 1 58  ? -7.250  -16.127 -7.256  1.00 22.21 ? 58  LYS A C   1 
ATOM   461  O  O   . LYS A 1 58  ? -7.758  -15.142 -6.718  1.00 22.95 ? 58  LYS A O   1 
ATOM   462  C  CB  . LYS A 1 58  ? -5.759  -15.366 -9.163  1.00 26.23 ? 58  LYS A CB  1 
ATOM   463  C  CG  . LYS A 1 58  ? -6.983  -15.561 -10.010 1.00 30.10 ? 58  LYS A CG  1 
ATOM   464  C  CD  . LYS A 1 58  ? -6.773  -15.139 -11.449 1.00 44.09 ? 58  LYS A CD  1 
ATOM   465  C  CE  . LYS A 1 58  ? -7.907  -15.650 -12.323 1.00 49.80 ? 58  LYS A CE  1 
ATOM   466  N  NZ  . LYS A 1 58  ? -7.664  -15.353 -13.764 1.00 57.05 ? 58  LYS A NZ  1 
ATOM   467  N  N   . ASP A 1 59  ? -7.909  -17.282 -7.408  1.00 22.59 ? 59  ASP A N   1 
ATOM   468  C  CA  . ASP A 1 59  ? -9.283  -17.424 -6.909  1.00 26.13 ? 59  ASP A CA  1 
ATOM   469  C  C   . ASP A 1 59  ? -9.415  -17.948 -5.471  1.00 23.46 ? 59  ASP A C   1 
ATOM   470  O  O   . ASP A 1 59  ? -10.532 -18.055 -4.973  1.00 33.90 ? 59  ASP A O   1 
ATOM   471  C  CB  . ASP A 1 59  ? -10.158 -18.242 -7.895  1.00 31.47 ? 59  ASP A CB  1 
ATOM   472  C  CG  . ASP A 1 59  ? -10.220 -17.627 -9.281  1.00 33.58 ? 59  ASP A CG  1 
ATOM   473  O  OD1 . ASP A 1 59  ? -10.607 -16.442 -9.413  1.00 40.38 ? 59  ASP A OD1 1 
ATOM   474  O  OD2 . ASP A 1 59  ? -9.894  -18.343 -10.255 1.00 35.18 ? 59  ASP A OD2 1 
ATOM   475  N  N   . THR A 1 60  ? -8.291  -18.248 -4.801  1.00 23.81 ? 60  THR A N   1 
ATOM   476  C  CA  . THR A 1 60  ? -8.298  -18.741 -3.411  1.00 20.80 ? 60  THR A CA  1 
ATOM   477  C  C   . THR A 1 60  ? -8.633  -17.716 -2.336  1.00 30.55 ? 60  THR A C   1 
ATOM   478  O  O   . THR A 1 60  ? -8.328  -16.525 -2.480  1.00 19.96 ? 60  THR A O   1 
ATOM   479  C  CB  . THR A 1 60  ? -6.990  -19.496 -3.003  1.00 28.37 ? 60  THR A CB  1 
ATOM   480  O  OG1 . THR A 1 60  ? -5.856  -18.604 -2.965  1.00 24.10 ? 60  THR A OG1 1 
ATOM   481  C  CG2 . THR A 1 60  ? -6.738  -20.716 -3.915  1.00 23.74 ? 60  THR A CG2 1 
ATOM   482  N  N   . ALA A 1 61  ? -9.286  -18.174 -1.262  1.00 25.87 ? 61  ALA A N   1 
ATOM   483  C  CA  . ALA A 1 61  ? -9.587  -17.295 -0.130  1.00 32.95 ? 61  ALA A CA  1 
ATOM   484  C  C   . ALA A 1 61  ? -8.310  -16.667 0.408   1.00 26.13 ? 61  ALA A C   1 
ATOM   485  O  O   . ALA A 1 61  ? -8.276  -15.489 0.771   1.00 30.28 ? 61  ALA A O   1 
ATOM   486  C  CB  . ALA A 1 61  ? -10.314 -18.064 0.971   1.00 38.70 ? 61  ALA A CB  1 
ATOM   487  N  N   . ASN A 1 62  ? -7.254  -17.456 0.414   1.00 19.46 ? 62  ASN A N   1 
ATOM   488  C  CA  . ASN A 1 62  ? -6.002  -17.035 0.957   1.00 26.49 ? 62  ASN A CA  1 
ATOM   489  C  C   . ASN A 1 62  ? -5.381  -15.853 0.178   1.00 29.44 ? 62  ASN A C   1 
ATOM   490  O  O   . ASN A 1 62  ? -4.946  -14.883 0.787   1.00 28.72 ? 62  ASN A O   1 
ATOM   491  C  CB  . ASN A 1 62  ? -5.059  -18.200 0.981   1.00 25.70 ? 62  ASN A CB  1 
ATOM   492  C  CG  . ASN A 1 62  ? -3.721  -17.838 1.522   1.00 31.61 ? 62  ASN A CG  1 
ATOM   493  O  OD1 . ASN A 1 62  ? -2.725  -17.942 0.808   1.00 34.57 ? 62  ASN A OD1 1 
ATOM   494  N  ND2 . ASN A 1 62  ? -3.673  -17.409 2.795   1.00 30.89 ? 62  ASN A ND2 1 
ATOM   495  N  N   . PHE A 1 63  ? -5.327  -15.976 -1.154  1.00 25.59 ? 63  PHE A N   1 
ATOM   496  C  CA  . PHE A 1 63  ? -4.896  -14.885 -2.058  1.00 27.10 ? 63  PHE A CA  1 
ATOM   497  C  C   . PHE A 1 63  ? -5.668  -13.570 -1.805  1.00 23.40 ? 63  PHE A C   1 
ATOM   498  O  O   . PHE A 1 63  ? -5.072  -12.469 -1.732  1.00 17.19 ? 63  PHE A O   1 
ATOM   499  C  CB  . PHE A 1 63  ? -5.041  -15.359 -3.512  1.00 21.81 ? 63  PHE A CB  1 
ATOM   500  C  CG  . PHE A 1 63  ? -4.698  -14.319 -4.562  1.00 18.07 ? 63  PHE A CG  1 
ATOM   501  C  CD1 . PHE A 1 63  ? -3.420  -14.314 -5.163  1.00 22.38 ? 63  PHE A CD1 1 
ATOM   502  C  CD2 . PHE A 1 63  ? -5.659  -13.387 -4.992  1.00 15.56 ? 63  PHE A CD2 1 
ATOM   503  C  CE1 . PHE A 1 63  ? -3.092  -13.388 -6.162  1.00 17.60 ? 63  PHE A CE1 1 
ATOM   504  C  CE2 . PHE A 1 63  ? -5.342  -12.425 -6.005  1.00 18.55 ? 63  PHE A CE2 1 
ATOM   505  C  CZ  . PHE A 1 63  ? -4.042  -12.437 -6.591  1.00 15.82 ? 63  PHE A CZ  1 
ATOM   506  N  N   . LYS A 1 64  ? -6.987  -13.695 -1.691  1.00 17.23 ? 64  LYS A N   1 
ATOM   507  C  CA  . LYS A 1 64  ? -7.861  -12.574 -1.469  1.00 20.58 ? 64  LYS A CA  1 
ATOM   508  C  C   . LYS A 1 64  ? -7.649  -11.980 -0.052  1.00 23.91 ? 64  LYS A C   1 
ATOM   509  O  O   . LYS A 1 64  ? -7.701  -10.774 0.100   1.00 20.92 ? 64  LYS A O   1 
ATOM   510  C  CB  . LYS A 1 64  ? -9.325  -12.975 -1.710  1.00 19.81 ? 64  LYS A CB  1 
ATOM   511  C  CG  . LYS A 1 64  ? -9.577  -13.414 -3.092  1.00 24.73 ? 64  LYS A CG  1 
ATOM   512  C  CD  . LYS A 1 64  ? -10.961 -13.979 -3.265  1.00 18.61 ? 64  LYS A CD  1 
ATOM   513  C  CE  . LYS A 1 64  ? -11.113 -14.524 -4.673  1.00 21.37 ? 64  LYS A CE  1 
ATOM   514  N  NZ  . LYS A 1 64  ? -12.415 -15.233 -4.828  1.00 26.94 ? 64  LYS A NZ  1 
ATOM   515  N  N   . LEU A 1 65  ? -7.382  -12.823 0.954   1.00 26.32 ? 65  LEU A N   1 
ATOM   516  C  CA  . LEU A 1 65  ? -6.965  -12.350 2.294   1.00 24.53 ? 65  LEU A CA  1 
ATOM   517  C  C   . LEU A 1 65  ? -5.719  -11.449 2.233   1.00 20.65 ? 65  LEU A C   1 
ATOM   518  O  O   . LEU A 1 65  ? -5.709  -10.318 2.782   1.00 18.07 ? 65  LEU A O   1 
ATOM   519  C  CB  . LEU A 1 65  ? -6.730  -13.526 3.255   1.00 31.20 ? 65  LEU A CB  1 
ATOM   520  C  CG  . LEU A 1 65  ? -6.378  -13.252 4.733   1.00 34.50 ? 65  LEU A CG  1 
ATOM   521  C  CD1 . LEU A 1 65  ? -7.339  -12.241 5.413   1.00 42.87 ? 65  LEU A CD1 1 
ATOM   522  C  CD2 . LEU A 1 65  ? -6.370  -14.556 5.507   1.00 32.71 ? 65  LEU A CD2 1 
ATOM   523  N  N   . ILE A 1 66  ? -4.692  -11.960 1.552   1.00 14.71 ? 66  ILE A N   1 
ATOM   524  C  CA  . ILE A 1 66  ? -3.438  -11.221 1.354   1.00 17.29 ? 66  ILE A CA  1 
ATOM   525  C  C   . ILE A 1 66  ? -3.728  -9.859  0.655   1.00 13.85 ? 66  ILE A C   1 
ATOM   526  O  O   . ILE A 1 66  ? -3.308  -8.802  1.135   1.00 15.97 ? 66  ILE A O   1 
ATOM   527  C  CB  . ILE A 1 66  ? -2.416  -12.075 0.589   1.00 16.94 ? 66  ILE A CB  1 
ATOM   528  C  CG1 . ILE A 1 66  ? -2.122  -13.390 1.382   1.00 20.77 ? 66  ILE A CG1 1 
ATOM   529  C  CG2 . ILE A 1 66  ? -1.137  -11.249 0.301   1.00 21.91 ? 66  ILE A CG2 1 
ATOM   530  C  CD1 . ILE A 1 66  ? -1.270  -14.420 0.603   1.00 30.08 ? 66  ILE A CD1 1 
ATOM   531  N  N   . ALA A 1 67  ? -4.405  -9.899  -0.488  1.00 16.55 ? 67  ALA A N   1 
ATOM   532  C  CA  . ALA A 1 67  ? -4.686  -8.678  -1.273  1.00 16.67 ? 67  ALA A CA  1 
ATOM   533  C  C   . ALA A 1 67  ? -5.504  -7.688  -0.413  1.00 17.64 ? 67  ALA A C   1 
ATOM   534  O  O   . ALA A 1 67  ? -5.193  -6.491  -0.341  1.00 13.26 ? 67  ALA A O   1 
ATOM   535  C  CB  . ALA A 1 67  ? -5.447  -9.037  -2.583  1.00 13.55 ? 67  ALA A CB  1 
ATOM   536  N  N   . GLY A 1 68  ? -6.512  -8.218  0.284   1.00 12.39 ? 68  GLY A N   1 
ATOM   537  C  CA  . GLY A 1 68  ? -7.410  -7.390  1.113   1.00 15.95 ? 68  GLY A CA  1 
ATOM   538  C  C   . GLY A 1 68  ? -6.666  -6.710  2.239   1.00 14.04 ? 68  GLY A C   1 
ATOM   539  O  O   . GLY A 1 68  ? -6.961  -5.557  2.524   1.00 16.38 ? 68  GLY A O   1 
ATOM   540  N  N   . ARG A 1 69  ? -5.681  -7.412  2.809   1.00 16.43 ? 69  ARG A N   1 
ATOM   541  C  CA  . ARG A 1 69  ? -5.028  -6.811  3.974   1.00 17.86 ? 69  ARG A CA  1 
ATOM   542  C  C   . ARG A 1 69  ? -4.178  -5.585  3.605   1.00 17.27 ? 69  ARG A C   1 
ATOM   543  O  O   . ARG A 1 69  ? -4.090  -4.613  4.344   1.00 16.00 ? 69  ARG A O   1 
ATOM   544  C  CB  . ARG A 1 69  ? -4.148  -7.877  4.629   1.00 18.07 ? 69  ARG A CB  1 
ATOM   545  C  CG  . ARG A 1 69  ? -4.968  -8.949  5.345   1.00 36.88 ? 69  ARG A CG  1 
ATOM   546  C  CD  . ARG A 1 69  ? -4.189  -9.594  6.498   1.00 38.00 ? 69  ARG A CD  1 
ATOM   547  N  NE  . ARG A 1 69  ? -4.646  -10.968 6.723   1.00 52.75 ? 69  ARG A NE  1 
ATOM   548  C  CZ  . ARG A 1 69  ? -3.717  -11.878 7.072   1.00 50.50 ? 69  ARG A CZ  1 
ATOM   549  N  NH1 . ARG A 1 69  ? -2.461  -11.508 7.255   1.00 55.18 ? 69  ARG A NH1 1 
ATOM   550  N  NH2 . ARG A 1 69  ? -4.071  -13.155 7.236   1.00 57.09 ? 69  ARG A NH2 1 
ATOM   551  N  N   . ILE A 1 70  ? -3.565  -5.615  2.385   1.00 16.47 ? 70  ILE A N   1 
ATOM   552  C  CA  . ILE A 1 70  ? -2.835  -4.475  1.821   1.00 13.33 ? 70  ILE A CA  1 
ATOM   553  C  C   . ILE A 1 70  ? -3.746  -3.267  1.726   1.00 13.07 ? 70  ILE A C   1 
ATOM   554  O  O   . ILE A 1 70  ? -3.426  -2.174  2.229   1.00 11.82 ? 70  ILE A O   1 
ATOM   555  C  CB  . ILE A 1 70  ? -2.277  -4.818  0.390   1.00 12.47 ? 70  ILE A CB  1 
ATOM   556  C  CG1 . ILE A 1 70  ? -1.304  -5.989  0.482   1.00 12.70 ? 70  ILE A CG1 1 
ATOM   557  C  CG2 . ILE A 1 70  ? -1.561  -3.607  -0.227  1.00 11.80 ? 70  ILE A CG2 1 
ATOM   558  C  CD1 . ILE A 1 70  ? -0.797  -6.546  -0.877  1.00 12.92 ? 70  ILE A CD1 1 
ATOM   559  N  N   . PHE A 1 71  ? -4.920  -3.485  1.121   1.00 13.40 ? 71  PHE A N   1 
ATOM   560  C  CA  . PHE A 1 71  ? -5.849  -2.402  0.858   1.00 9.63  ? 71  PHE A CA  1 
ATOM   561  C  C   . PHE A 1 71  ? -6.473  -1.830  2.121   1.00 14.44 ? 71  PHE A C   1 
ATOM   562  O  O   . PHE A 1 71  ? -6.752  -0.639  2.184   1.00 11.65 ? 71  PHE A O   1 
ATOM   563  C  CB  . PHE A 1 71  ? -6.857  -2.801  -0.239  1.00 13.96 ? 71  PHE A CB  1 
ATOM   564  C  CG  . PHE A 1 71  ? -6.337  -2.502  -1.657  1.00 14.14 ? 71  PHE A CG  1 
ATOM   565  C  CD1 . PHE A 1 71  ? -5.140  -3.082  -2.140  1.00 21.26 ? 71  PHE A CD1 1 
ATOM   566  C  CD2 . PHE A 1 71  ? -6.982  -1.597  -2.456  1.00 16.47 ? 71  PHE A CD2 1 
ATOM   567  C  CE1 . PHE A 1 71  ? -4.620  -2.738  -3.464  1.00 18.72 ? 71  PHE A CE1 1 
ATOM   568  C  CE2 . PHE A 1 71  ? -6.494  -1.268  -3.771  1.00 19.53 ? 71  PHE A CE2 1 
ATOM   569  C  CZ  . PHE A 1 71  ? -5.305  -1.834  -4.255  1.00 14.59 ? 71  PHE A CZ  1 
ATOM   570  N  N   . THR A 1 72  ? -6.690  -2.687  3.122   1.00 15.94 ? 72  THR A N   1 
ATOM   571  C  CA  . THR A 1 72  ? -7.151  -2.231  4.447   1.00 16.31 ? 72  THR A CA  1 
ATOM   572  C  C   . THR A 1 72  ? -6.192  -1.224  5.071   1.00 15.20 ? 72  THR A C   1 
ATOM   573  O  O   . THR A 1 72  ? -6.626  -0.179  5.571   1.00 14.51 ? 72  THR A O   1 
ATOM   574  C  CB  . THR A 1 72  ? -7.500  -3.427  5.364   1.00 21.06 ? 72  THR A CB  1 
ATOM   575  O  OG1 . THR A 1 72  ? -8.615  -4.113  4.767   1.00 17.92 ? 72  THR A OG1 1 
ATOM   576  C  CG2 . THR A 1 72  ? -7.822  -2.962  6.805   1.00 21.09 ? 72  THR A CG2 1 
ATOM   577  N  N   . ILE A 1 73  ? -4.890  -1.514  4.968   1.00 13.05 ? 73  ILE A N   1 
ATOM   578  C  CA  . ILE A 1 73  ? -3.890  -0.583  5.468   1.00 12.78 ? 73  ILE A CA  1 
ATOM   579  C  C   . ILE A 1 73  ? -4.017  0.786   4.774   1.00 10.14 ? 73  ILE A C   1 
ATOM   580  O  O   . ILE A 1 73  ? -4.043  1.827   5.471   1.00 11.72 ? 73  ILE A O   1 
ATOM   581  C  CB  . ILE A 1 73  ? -2.432  -1.162  5.407   1.00 10.82 ? 73  ILE A CB  1 
ATOM   582  C  CG1 . ILE A 1 73  ? -2.289  -2.380  6.358   1.00 14.67 ? 73  ILE A CG1 1 
ATOM   583  C  CG2 . ILE A 1 73  ? -1.393  -0.078  5.773   1.00 10.01 ? 73  ILE A CG2 1 
ATOM   584  C  CD1 . ILE A 1 73  ? -2.581  -2.013  7.862   1.00 11.95 ? 73  ILE A CD1 1 
ATOM   585  N  N   . PHE A 1 74  ? -4.022  0.790   3.425   1.00 10.98 ? 74  PHE A N   1 
ATOM   586  C  CA  . PHE A 1 74  ? -4.089  2.080   2.708   1.00 10.14 ? 74  PHE A CA  1 
ATOM   587  C  C   . PHE A 1 74  ? -5.390  2.807   3.047   1.00 15.34 ? 74  PHE A C   1 
ATOM   588  O  O   . PHE A 1 74  ? -5.387  4.016   3.228   1.00 11.42 ? 74  PHE A O   1 
ATOM   589  C  CB  . PHE A 1 74  ? -3.886  1.896   1.210   1.00 10.46 ? 74  PHE A CB  1 
ATOM   590  C  CG  . PHE A 1 74  ? -2.427  1.589   0.852   1.00 12.47 ? 74  PHE A CG  1 
ATOM   591  C  CD1 . PHE A 1 74  ? -1.405  2.542   1.117   1.00 12.39 ? 74  PHE A CD1 1 
ATOM   592  C  CD2 . PHE A 1 74  ? -2.075  0.370   0.268   1.00 10.57 ? 74  PHE A CD2 1 
ATOM   593  C  CE1 . PHE A 1 74  ? -0.049  2.250   0.803   1.00 11.26 ? 74  PHE A CE1 1 
ATOM   594  C  CE2 . PHE A 1 74  ? -0.715  0.100   -0.060  1.00 14.52 ? 74  PHE A CE2 1 
ATOM   595  C  CZ  . PHE A 1 74  ? 0.258   1.024   0.195   1.00 9.59  ? 74  PHE A CZ  1 
ATOM   596  N  N   . ASP A 1 75  ? -6.483  2.051   3.142   1.00 14.34 ? 75  ASP A N   1 
ATOM   597  C  CA  . ASP A 1 75  ? -7.787  2.621   3.569   1.00 16.38 ? 75  ASP A CA  1 
ATOM   598  C  C   . ASP A 1 75  ? -7.653  3.359   4.925   1.00 14.58 ? 75  ASP A C   1 
ATOM   599  O  O   . ASP A 1 75  ? -8.134  4.518   5.076   1.00 13.85 ? 75  ASP A O   1 
ATOM   600  C  CB  . ASP A 1 75  ? -8.891  1.517   3.642   1.00 14.48 ? 75  ASP A CB  1 
ATOM   601  C  CG  . ASP A 1 75  ? -10.320 2.118   3.621   1.00 21.53 ? 75  ASP A CG  1 
ATOM   602  O  OD1 . ASP A 1 75  ? -10.637 2.818   2.662   1.00 18.62 ? 75  ASP A OD1 1 
ATOM   603  O  OD2 . ASP A 1 75  ? -11.137 1.850   4.534   1.00 18.04 ? 75  ASP A OD2 1 
ATOM   604  N  N   . ASN A 1 76  ? -6.966  2.713   5.886   1.00 11.88 ? 76  ASN A N   1 
ATOM   605  C  CA  . ASN A 1 76  ? -6.755  3.276   7.210   1.00 15.96 ? 76  ASN A CA  1 
ATOM   606  C  C   . ASN A 1 76  ? -5.808  4.506   7.190   1.00 16.63 ? 76  ASN A C   1 
ATOM   607  O  O   . ASN A 1 76  ? -6.036  5.486   7.920   1.00 15.09 ? 76  ASN A O   1 
ATOM   608  C  CB  . ASN A 1 76  ? -6.303  2.189   8.211   1.00 11.18 ? 76  ASN A CB  1 
ATOM   609  C  CG  . ASN A 1 76  ? -7.400  1.178   8.523   1.00 16.63 ? 76  ASN A CG  1 
ATOM   610  O  OD1 . ASN A 1 76  ? -8.614  1.436   8.336   1.00 22.43 ? 76  ASN A OD1 1 
ATOM   611  N  ND2 . ASN A 1 76  ? -6.992  0.033   9.016   1.00 18.53 ? 76  ASN A ND2 1 
ATOM   612  N  N   . CYS A 1 77  ? -4.795  4.490   6.305   1.00 16.15 ? 77  CYS A N   1 
ATOM   613  C  CA  . CYS A 1 77  ? -3.927  5.658   6.114   1.00 13.79 ? 77  CYS A CA  1 
ATOM   614  C  C   . CYS A 1 77  ? -4.704  6.825   5.534   1.00 13.95 ? 77  CYS A C   1 
ATOM   615  O  O   . CYS A 1 77  ? -4.560  7.960   5.976   1.00 14.16 ? 77  CYS A O   1 
ATOM   616  C  CB  . CYS A 1 77  ? -2.718  5.332   5.197   1.00 14.10 ? 77  CYS A CB  1 
ATOM   617  S  SG  . CYS A 1 77  ? -1.536  4.220   5.987   1.00 14.62 ? 77  CYS A SG  1 
ATOM   618  N  N   . VAL A 1 78  ? -5.555  6.526   4.560   1.00 10.89 ? 78  VAL A N   1 
ATOM   619  C  CA  . VAL A 1 78  ? -6.376  7.578   3.938   1.00 12.93 ? 78  VAL A CA  1 
ATOM   620  C  C   . VAL A 1 78  ? -7.306  8.215   5.008   1.00 16.72 ? 78  VAL A C   1 
ATOM   621  O  O   . VAL A 1 78  ? -7.416  9.462   5.098   1.00 17.41 ? 78  VAL A O   1 
ATOM   622  C  CB  . VAL A 1 78  ? -7.163  7.027   2.717   1.00 12.71 ? 78  VAL A CB  1 
ATOM   623  C  CG1 . VAL A 1 78  ? -8.204  8.010   2.222   1.00 17.54 ? 78  VAL A CG1 1 
ATOM   624  C  CG2 . VAL A 1 78  ? -6.185  6.763   1.529   1.00 10.38 ? 78  VAL A CG2 1 
ATOM   625  N  N   . LYS A 1 79  ? -7.913  7.356   5.812   1.00 17.08 ? 79  LYS A N   1 
ATOM   626  C  CA  . LYS A 1 79  ? -8.770  7.795   6.946   1.00 21.30 ? 79  LYS A CA  1 
ATOM   627  C  C   . LYS A 1 79  ? -8.022  8.684   7.939   1.00 22.71 ? 79  LYS A C   1 
ATOM   628  O  O   . LYS A 1 79  ? -8.610  9.584   8.549   1.00 21.03 ? 79  LYS A O   1 
ATOM   629  C  CB  . LYS A 1 79  ? -9.356  6.587   7.664   1.00 21.42 ? 79  LYS A CB  1 
ATOM   630  C  CG  . LYS A 1 79  ? -10.531 5.938   6.955   1.00 33.94 ? 79  LYS A CG  1 
ATOM   631  C  CD  . LYS A 1 79  ? -11.038 4.732   7.766   1.00 27.53 ? 79  LYS A CD  1 
ATOM   632  C  CE  . LYS A 1 79  ? -12.131 3.984   7.017   1.00 34.50 ? 79  LYS A CE  1 
ATOM   633  N  NZ  . LYS A 1 79  ? -13.021 3.236   7.962   1.00 23.12 ? 79  LYS A NZ  1 
ATOM   634  N  N   . ASN A 1 80  ? -6.724  8.427   8.085   1.00 15.99 ? 80  ASN A N   1 
ATOM   635  C  CA  . ASN A 1 80  ? -5.831  9.147   9.005   1.00 21.36 ? 80  ASN A CA  1 
ATOM   636  C  C   . ASN A 1 80  ? -4.938  10.223  8.401   1.00 19.60 ? 80  ASN A C   1 
ATOM   637  O  O   . ASN A 1 80  ? -3.997  10.704  9.082   1.00 21.68 ? 80  ASN A O   1 
ATOM   638  C  CB  . ASN A 1 80  ? -4.959  8.118   9.759   1.00 18.71 ? 80  ASN A CB  1 
ATOM   639  C  CG  . ASN A 1 80  ? -5.724  7.441   10.874  1.00 19.40 ? 80  ASN A CG  1 
ATOM   640  O  OD1 . ASN A 1 80  ? -5.807  7.972   11.987  1.00 27.20 ? 80  ASN A OD1 1 
ATOM   641  N  ND2 . ASN A 1 80  ? -6.291  6.265   10.588  1.00 18.72 ? 80  ASN A ND2 1 
ATOM   642  N  N   . VAL A 1 81  ? -5.211  10.619  7.151   1.00 20.69 ? 81  VAL A N   1 
ATOM   643  C  CA  . VAL A 1 81  ? -4.340  11.566  6.435   1.00 26.02 ? 81  VAL A CA  1 
ATOM   644  C  C   . VAL A 1 81  ? -4.202  12.917  7.164   1.00 26.71 ? 81  VAL A C   1 
ATOM   645  O  O   . VAL A 1 81  ? -3.144  13.551  7.106   1.00 28.93 ? 81  VAL A O   1 
ATOM   646  C  CB  . VAL A 1 81  ? -4.705  11.745  4.915   1.00 23.03 ? 81  VAL A CB  1 
ATOM   647  C  CG1 . VAL A 1 81  ? -5.967  12.566  4.701   1.00 23.46 ? 81  VAL A CG1 1 
ATOM   648  C  CG2 . VAL A 1 81  ? -3.527  12.337  4.144   1.00 33.79 ? 81  VAL A CG2 1 
ATOM   649  N  N   . GLY A 1 82  ? -5.257  13.308  7.878   1.00 24.59 ? 82  GLY A N   1 
ATOM   650  C  CA  . GLY A 1 82  ? -5.236  14.527  8.679   1.00 27.48 ? 82  GLY A CA  1 
ATOM   651  C  C   . GLY A 1 82  ? -4.646  14.434  10.080  1.00 32.11 ? 82  GLY A C   1 
ATOM   652  O  O   . GLY A 1 82  ? -4.610  15.441  10.787  1.00 27.86 ? 82  GLY A O   1 
ATOM   653  N  N   . ASN A 1 83  ? -4.183  13.241  10.480  1.00 27.32 ? 83  ASN A N   1 
ATOM   654  C  CA  . ASN A 1 83  ? -3.568  12.996  11.801  1.00 25.81 ? 83  ASN A CA  1 
ATOM   655  C  C   . ASN A 1 83  ? -2.186  12.336  11.590  1.00 24.05 ? 83  ASN A C   1 
ATOM   656  O  O   . ASN A 1 83  ? -2.118  11.101  11.496  1.00 23.79 ? 83  ASN A O   1 
ATOM   657  C  CB  . ASN A 1 83  ? -4.490  12.081  12.647  1.00 26.92 ? 83  ASN A CB  1 
ATOM   658  C  CG  . ASN A 1 83  ? -3.888  11.664  14.012  1.00 26.30 ? 83  ASN A CG  1 
ATOM   659  O  OD1 . ASN A 1 83  ? -2.841  12.166  14.456  1.00 34.33 ? 83  ASN A OD1 1 
ATOM   660  N  ND2 . ASN A 1 83  ? -4.551  10.715  14.662  1.00 39.34 ? 83  ASN A ND2 1 
ATOM   661  N  N   . ASP A 1 84  ? -1.120  13.147  11.531  1.00 19.39 ? 84  ASP A N   1 
ATOM   662  C  CA  . ASP A 1 84  ? 0.253   12.645  11.306  1.00 21.56 ? 84  ASP A CA  1 
ATOM   663  C  C   . ASP A 1 84  ? 0.605   11.444  12.192  1.00 26.98 ? 84  ASP A C   1 
ATOM   664  O  O   . ASP A 1 84  ? 0.965   10.385  11.692  1.00 21.51 ? 84  ASP A O   1 
ATOM   665  C  CB  . ASP A 1 84  ? 1.316   13.765  11.382  1.00 26.22 ? 84  ASP A CB  1 
ATOM   666  C  CG  . ASP A 1 84  ? 1.145   14.787  10.274  1.00 26.00 ? 84  ASP A CG  1 
ATOM   667  O  OD1 . ASP A 1 84  ? 0.360   14.522  9.335   1.00 29.92 ? 84  ASP A OD1 1 
ATOM   668  O  OD2 . ASP A 1 84  ? 1.805   15.836  10.336  1.00 38.67 ? 84  ASP A OD2 1 
ATOM   669  N  N   . LYS A 1 85  ? 0.438   11.589  13.503  1.00 25.75 ? 85  LYS A N   1 
ATOM   670  C  CA  . LYS A 1 85  ? 0.738   10.503  14.407  1.00 22.82 ? 85  LYS A CA  1 
ATOM   671  C  C   . LYS A 1 85  ? -0.150  9.257   14.187  1.00 23.54 ? 85  LYS A C   1 
ATOM   672  O  O   . LYS A 1 85  ? 0.361   8.166   14.272  1.00 19.14 ? 85  LYS A O   1 
ATOM   673  C  CB  . LYS A 1 85  ? 0.767   10.968  15.882  1.00 23.09 ? 85  LYS A CB  1 
ATOM   674  C  CG  . LYS A 1 85  ? 1.900   11.955  16.177  1.00 33.91 ? 85  LYS A CG  1 
ATOM   675  C  CD  . LYS A 1 85  ? 2.302   11.939  17.645  1.00 39.28 ? 85  LYS A CD  1 
ATOM   676  C  CE  . LYS A 1 85  ? 3.443   12.913  17.911  1.00 47.71 ? 85  LYS A CE  1 
ATOM   677  N  NZ  . LYS A 1 85  ? 4.713   12.516  17.239  1.00 45.01 ? 85  LYS A NZ  1 
ATOM   678  N  N   . GLY A 1 86  ? -1.437  9.416   13.872  1.00 20.37 ? 86  GLY A N   1 
ATOM   679  C  CA  . GLY A 1 86  ? -2.326  8.239   13.602  1.00 20.76 ? 86  GLY A CA  1 
ATOM   680  C  C   . GLY A 1 86  ? -2.021  7.537   12.270  1.00 13.34 ? 86  GLY A C   1 
ATOM   681  O  O   . GLY A 1 86  ? -2.071  6.312   12.175  1.00 20.03 ? 86  GLY A O   1 
ATOM   682  N  N   . PHE A 1 87  ? -1.648  8.337   11.264  1.00 13.04 ? 87  PHE A N   1 
ATOM   683  C  CA  . PHE A 1 87  ? -1.226  7.829   9.935   1.00 15.02 ? 87  PHE A CA  1 
ATOM   684  C  C   . PHE A 1 87  ? 0.066   7.022   10.145  1.00 16.34 ? 87  PHE A C   1 
ATOM   685  O  O   . PHE A 1 87  ? 0.195   5.884   9.686   1.00 16.29 ? 87  PHE A O   1 
ATOM   686  C  CB  . PHE A 1 87  ? -1.011  9.046   9.008   1.00 11.23 ? 87  PHE A CB  1 
ATOM   687  C  CG  . PHE A 1 87  ? -0.459  8.742   7.656   1.00 12.62 ? 87  PHE A CG  1 
ATOM   688  C  CD1 . PHE A 1 87  ? -1.324  8.568   6.540   1.00 17.19 ? 87  PHE A CD1 1 
ATOM   689  C  CD2 . PHE A 1 87  ? 0.933   8.710   7.459   1.00 14.38 ? 87  PHE A CD2 1 
ATOM   690  C  CE1 . PHE A 1 87  ? -0.792  8.308   5.258   1.00 13.55 ? 87  PHE A CE1 1 
ATOM   691  C  CE2 . PHE A 1 87  ? 1.495   8.486   6.167   1.00 16.84 ? 87  PHE A CE2 1 
ATOM   692  C  CZ  . PHE A 1 87  ? 0.611   8.290   5.067   1.00 15.53 ? 87  PHE A CZ  1 
ATOM   693  N  N   . GLN A 1 88  ? 1.022   7.626   10.855  1.00 16.39 ? 88  GLN A N   1 
ATOM   694  C  CA  . GLN A 1 88  ? 2.274   6.932   11.227  1.00 17.31 ? 88  GLN A CA  1 
ATOM   695  C  C   . GLN A 1 88  ? 2.078   5.632   12.002  1.00 18.62 ? 88  GLN A C   1 
ATOM   696  O  O   . GLN A 1 88  ? 2.731   4.604   11.713  1.00 14.21 ? 88  GLN A O   1 
ATOM   697  C  CB  . GLN A 1 88  ? 3.204   7.892   11.980  1.00 16.36 ? 88  GLN A CB  1 
ATOM   698  C  CG  . GLN A 1 88  ? 3.608   9.060   11.061  1.00 17.60 ? 88  GLN A CG  1 
ATOM   699  C  CD  . GLN A 1 88  ? 4.186   10.231  11.826  1.00 21.53 ? 88  GLN A CD  1 
ATOM   700  O  OE1 . GLN A 1 88  ? 4.252   10.188  13.054  1.00 22.01 ? 88  GLN A OE1 1 
ATOM   701  N  NE2 . GLN A 1 88  ? 4.611   11.276  11.106  1.00 19.05 ? 88  GLN A NE2 1 
ATOM   702  N  N   . LYS A 1 89  ? 1.169   5.665   12.972  1.00 17.52 ? 89  LYS A N   1 
ATOM   703  C  CA  . LYS A 1 89  ? 0.854   4.465   13.755  1.00 17.83 ? 89  LYS A CA  1 
ATOM   704  C  C   . LYS A 1 89  ? 0.306   3.333   12.896  1.00 14.22 ? 89  LYS A C   1 
ATOM   705  O  O   . LYS A 1 89  ? 0.711   2.175   13.083  1.00 16.74 ? 89  LYS A O   1 
ATOM   706  C  CB  . LYS A 1 89  ? -0.090  4.772   14.915  1.00 19.29 ? 89  LYS A CB  1 
ATOM   707  C  CG  . LYS A 1 89  ? -0.457  3.537   15.733  1.00 24.33 ? 89  LYS A CG  1 
ATOM   708  C  CD  . LYS A 1 89  ? -1.398  3.878   16.878  1.00 32.11 ? 89  LYS A CD  1 
ATOM   709  C  CE  . LYS A 1 89  ? -1.975  2.602   17.497  1.00 38.57 ? 89  LYS A CE  1 
ATOM   710  N  NZ  . LYS A 1 89  ? -0.942  1.613   17.869  1.00 40.84 ? 89  LYS A NZ  1 
ATOM   711  N  N   . VAL A 1 90  ? -0.574  3.645   11.946  1.00 13.61 ? 90  VAL A N   1 
ATOM   712  C  CA  . VAL A 1 90  ? -1.073  2.606   11.014  1.00 13.50 ? 90  VAL A CA  1 
ATOM   713  C  C   . VAL A 1 90  ? 0.094   1.859   10.347  1.00 13.74 ? 90  VAL A C   1 
ATOM   714  O  O   . VAL A 1 90  ? 0.103   0.613   10.279  1.00 14.49 ? 90  VAL A O   1 
ATOM   715  C  CB  . VAL A 1 90  ? -2.049  3.153   9.912   1.00 13.52 ? 90  VAL A CB  1 
ATOM   716  C  CG1 . VAL A 1 90  ? -2.451  2.077   8.938   1.00 12.51 ? 90  VAL A CG1 1 
ATOM   717  C  CG2 . VAL A 1 90  ? -3.364  3.783   10.573  1.00 23.67 ? 90  VAL A CG2 1 
ATOM   718  N  N   . ILE A 1 91  ? 1.071   2.648   9.897   1.00 13.22 ? 91  ILE A N   1 
ATOM   719  C  CA  . ILE A 1 91  ? 2.203   2.148   9.141   1.00 14.96 ? 91  ILE A CA  1 
ATOM   720  C  C   . ILE A 1 91  ? 3.152   1.417   10.069  1.00 19.79 ? 91  ILE A C   1 
ATOM   721  O  O   . ILE A 1 91  ? 3.581   0.321   9.758   1.00 13.20 ? 91  ILE A O   1 
ATOM   722  C  CB  . ILE A 1 91  ? 2.924   3.292   8.412   1.00 18.76 ? 91  ILE A CB  1 
ATOM   723  C  CG1 . ILE A 1 91  ? 1.980   3.920   7.378   1.00 14.88 ? 91  ILE A CG1 1 
ATOM   724  C  CG2 . ILE A 1 91  ? 4.282   2.797   7.758   1.00 16.89 ? 91  ILE A CG2 1 
ATOM   725  C  CD1 . ILE A 1 91  ? 2.512   5.294   6.948   1.00 15.91 ? 91  ILE A CD1 1 
ATOM   726  N  N   . ALA A 1 92  ? 3.445   2.016   11.223  1.00 17.00 ? 92  ALA A N   1 
ATOM   727  C  CA  . ALA A 1 92  ? 4.310   1.387   12.229  1.00 21.80 ? 92  ALA A CA  1 
ATOM   728  C  C   . ALA A 1 92  ? 3.860   -0.025  12.571  1.00 20.21 ? 92  ALA A C   1 
ATOM   729  O  O   . ALA A 1 92  ? 4.664   -0.970  12.544  1.00 23.38 ? 92  ALA A O   1 
ATOM   730  C  CB  . ALA A 1 92  ? 4.391   2.260   13.500  1.00 19.18 ? 92  ALA A CB  1 
ATOM   731  N  N   . ASP A 1 93  ? 2.563   -0.188  12.847  1.00 17.41 ? 93  ASP A N   1 
ATOM   732  C  CA  . ASP A 1 93  ? 2.019   -1.500  13.195  1.00 19.85 ? 93  ASP A CA  1 
ATOM   733  C  C   . ASP A 1 93  ? 2.053   -2.514  12.058  1.00 24.54 ? 93  ASP A C   1 
ATOM   734  O  O   . ASP A 1 93  ? 2.268   -3.728  12.285  1.00 22.62 ? 93  ASP A O   1 
ATOM   735  C  CB  . ASP A 1 93  ? 0.592   -1.377  13.773  1.00 20.38 ? 93  ASP A CB  1 
ATOM   736  C  CG  . ASP A 1 93  ? 0.564   -0.644  15.134  1.00 17.94 ? 93  ASP A CG  1 
ATOM   737  O  OD1 . ASP A 1 93  ? 1.601   -0.611  15.827  1.00 21.93 ? 93  ASP A OD1 1 
ATOM   738  O  OD2 . ASP A 1 93  ? -0.483  -0.090  15.503  1.00 22.15 ? 93  ASP A OD2 1 
ATOM   739  N  N   . MET A 1 94  ? 1.877   -2.059  10.829  1.00 19.74 ? 94  MET A N   1 
ATOM   740  C  CA  . MET A 1 94  ? 2.003   -3.029  9.722   1.00 19.85 ? 94  MET A CA  1 
ATOM   741  C  C   . MET A 1 94  ? 3.453   -3.305  9.334   1.00 17.40 ? 94  MET A C   1 
ATOM   742  O  O   . MET A 1 94  ? 3.727   -4.321  8.737   1.00 16.70 ? 94  MET A O   1 
ATOM   743  C  CB  . MET A 1 94  ? 1.151   -2.636  8.512   1.00 22.02 ? 94  MET A CB  1 
ATOM   744  C  CG  . MET A 1 94  ? 1.506   -1.345  7.895   1.00 21.69 ? 94  MET A CG  1 
ATOM   745  S  SD  . MET A 1 94  ? 3.051   -1.334  6.952   1.00 24.68 ? 94  MET A SD  1 
ATOM   746  C  CE  . MET A 1 94  ? 2.796   -2.696  5.923   1.00 18.11 ? 94  MET A CE  1 
ATOM   747  N  N   . SER A 1 95  ? 4.370   -2.416  9.698   1.00 19.75 ? 95  SER A N   1 
ATOM   748  C  CA  . SER A 1 95  ? 5.781   -2.563  9.289   1.00 19.39 ? 95  SER A CA  1 
ATOM   749  C  C   . SER A 1 95  ? 6.441   -3.796  9.960   1.00 24.96 ? 95  SER A C   1 
ATOM   750  O  O   . SER A 1 95  ? 7.263   -4.460  9.335   1.00 17.81 ? 95  SER A O   1 
ATOM   751  C  CB  . SER A 1 95  ? 6.594   -1.325  9.597   1.00 16.90 ? 95  SER A CB  1 
ATOM   752  O  OG  . SER A 1 95  ? 6.940   -1.304  10.977  1.00 18.68 ? 95  SER A OG  1 
ATOM   753  N  N   . GLY A 1 96  ? 6.012   -4.114  11.188  1.00 26.50 ? 96  GLY A N   1 
ATOM   754  C  CA  . GLY A 1 96  ? 6.640   -5.145  12.023  1.00 22.21 ? 96  GLY A CA  1 
ATOM   755  C  C   . GLY A 1 96  ? 6.841   -6.501  11.369  1.00 17.46 ? 96  GLY A C   1 
ATOM   756  O  O   . GLY A 1 96  ? 7.969   -6.997  11.289  1.00 27.09 ? 96  GLY A O   1 
ATOM   757  N  N   . PRO A 1 97  ? 5.766   -7.093  10.847  1.00 22.81 ? 97  PRO A N   1 
ATOM   758  C  CA  . PRO A 1 97  ? 5.959   -8.321  10.085  1.00 25.58 ? 97  PRO A CA  1 
ATOM   759  C  C   . PRO A 1 97  ? 6.784   -8.284  8.775   1.00 26.71 ? 97  PRO A C   1 
ATOM   760  O  O   . PRO A 1 97  ? 7.220   -9.344  8.329   1.00 25.03 ? 97  PRO A O   1 
ATOM   761  C  CB  . PRO A 1 97  ? 4.532   -8.789  9.823   1.00 24.40 ? 97  PRO A CB  1 
ATOM   762  C  CG  . PRO A 1 97  ? 3.685   -8.106  10.888  1.00 30.33 ? 97  PRO A CG  1 
ATOM   763  C  CD  . PRO A 1 97  ? 4.333   -6.755  10.972  1.00 25.45 ? 97  PRO A CD  1 
ATOM   764  N  N   . HIS A 1 98  ? 7.044   -7.091  8.199   1.00 21.73 ? 98  HIS A N   1 
ATOM   765  C  CA  . HIS A 1 98  ? 7.892   -6.945  6.998   1.00 16.59 ? 98  HIS A CA  1 
ATOM   766  C  C   . HIS A 1 98  ? 9.359   -6.781  7.314   1.00 20.76 ? 98  HIS A C   1 
ATOM   767  O  O   . HIS A 1 98  ? 10.237  -6.944  6.444   1.00 21.49 ? 98  HIS A O   1 
ATOM   768  C  CB  . HIS A 1 98  ? 7.415   -5.734  6.142   1.00 15.03 ? 98  HIS A CB  1 
ATOM   769  C  CG  . HIS A 1 98  ? 6.035   -5.914  5.640   1.00 13.51 ? 98  HIS A CG  1 
ATOM   770  N  ND1 . HIS A 1 98  ? 4.944   -5.526  6.363   1.00 15.45 ? 98  HIS A ND1 1 
ATOM   771  C  CD2 . HIS A 1 98  ? 5.561   -6.557  4.543   1.00 9.60  ? 98  HIS A CD2 1 
ATOM   772  C  CE1 . HIS A 1 98  ? 3.845   -5.894  5.732   1.00 14.95 ? 98  HIS A CE1 1 
ATOM   773  N  NE2 . HIS A 1 98  ? 4.198   -6.493  4.606   1.00 12.47 ? 98  HIS A NE2 1 
ATOM   774  N  N   . VAL A 1 99  ? 9.624   -6.427  8.574   1.00 18.84 ? 99  VAL A N   1 
ATOM   775  C  CA  . VAL A 1 99  ? 10.997  -6.233  9.008   1.00 23.27 ? 99  VAL A CA  1 
ATOM   776  C  C   . VAL A 1 99  ? 11.801  -7.511  8.764   1.00 21.94 ? 99  VAL A C   1 
ATOM   777  O  O   . VAL A 1 99  ? 11.303  -8.615  8.997   1.00 26.36 ? 99  VAL A O   1 
ATOM   778  C  CB  . VAL A 1 99  ? 11.075  -5.771  10.490  1.00 24.49 ? 99  VAL A CB  1 
ATOM   779  C  CG1 . VAL A 1 99  ? 12.540  -5.752  10.973  1.00 24.44 ? 99  VAL A CG1 1 
ATOM   780  C  CG2 . VAL A 1 99  ? 10.465  -4.359  10.620  1.00 14.67 ? 99  VAL A CG2 1 
ATOM   781  N  N   . ALA A 1 100 ? 13.007  -7.326  8.250   1.00 27.32 ? 100 ALA A N   1 
ATOM   782  C  CA  . ALA A 1 100 ? 13.994  -8.376  8.006   1.00 36.85 ? 100 ALA A CA  1 
ATOM   783  C  C   . ALA A 1 100 ? 13.493  -9.417  6.997   1.00 35.99 ? 100 ALA A C   1 
ATOM   784  O  O   . ALA A 1 100 ? 14.059  -10.492 6.840   1.00 40.62 ? 100 ALA A O   1 
ATOM   785  C  CB  . ALA A 1 100 ? 14.309  -9.053  9.341   1.00 29.79 ? 100 ALA A CB  1 
ATOM   786  N  N   . ARG A 1 101 ? 12.391  -9.010  6.343   1.00 35.63 ? 101 ARG A N   1 
ATOM   787  C  CA  . ARG A 1 101 ? 11.871  -9.872  5.300   1.00 37.25 ? 101 ARG A CA  1 
ATOM   788  C  C   . ARG A 1 101 ? 12.627  -9.415  4.073   1.00 34.08 ? 101 ARG A C   1 
ATOM   789  O  O   . ARG A 1 101 ? 12.878  -8.193  3.904   1.00 34.27 ? 101 ARG A O   1 
ATOM   790  C  CB  . ARG A 1 101 ? 10.355  -9.812  5.013   1.00 40.04 ? 101 ARG A CB  1 
ATOM   791  C  CG  . ARG A 1 101 ? 9.599   -10.717 5.916   1.00 39.78 ? 101 ARG A CG  1 
ATOM   792  C  CD  . ARG A 1 101 ? 8.203   -10.897 5.398   1.00 44.95 ? 101 ARG A CD  1 
ATOM   793  N  NE  . ARG A 1 101 ? 7.448   -11.844 6.205   1.00 47.20 ? 101 ARG A NE  1 
ATOM   794  C  CZ  . ARG A 1 101 ? 7.635   -13.164 6.215   1.00 44.53 ? 101 ARG A CZ  1 
ATOM   795  N  NH1 . ARG A 1 101 ? 8.582   -13.748 5.476   1.00 43.92 ? 101 ARG A NH1 1 
ATOM   796  N  NH2 . ARG A 1 101 ? 6.874   -13.900 6.995   1.00 38.56 ? 101 ARG A NH2 1 
ATOM   797  N  N   . PRO A 1 102 ? 13.013  -10.372 3.224   1.00 25.96 ? 102 PRO A N   1 
ATOM   798  C  CA  . PRO A 1 102 ? 13.924  -10.066 2.147   1.00 26.90 ? 102 PRO A CA  1 
ATOM   799  C  C   . PRO A 1 102 ? 13.095  -9.506  0.990   1.00 23.69 ? 102 PRO A C   1 
ATOM   800  O  O   . PRO A 1 102 ? 12.942  -10.140 -0.058  1.00 24.16 ? 102 PRO A O   1 
ATOM   801  C  CB  . PRO A 1 102 ? 14.556  -11.432 1.827   1.00 26.35 ? 102 PRO A CB  1 
ATOM   802  C  CG  . PRO A 1 102 ? 13.556  -12.441 2.293   1.00 26.49 ? 102 PRO A CG  1 
ATOM   803  C  CD  . PRO A 1 102 ? 12.559  -11.783 3.200   1.00 24.53 ? 102 PRO A CD  1 
ATOM   804  N  N   . ILE A 1 103 ? 12.515  -8.328  1.221   1.00 16.59 ? 103 ILE A N   1 
ATOM   805  C  CA  . ILE A 1 103 ? 11.759  -7.671  0.158   1.00 17.76 ? 103 ILE A CA  1 
ATOM   806  C  C   . ILE A 1 103 ? 12.451  -6.327  -0.107  1.00 14.34 ? 103 ILE A C   1 
ATOM   807  O  O   . ILE A 1 103 ? 12.713  -5.542  0.819   1.00 20.66 ? 103 ILE A O   1 
ATOM   808  C  CB  . ILE A 1 103 ? 10.255  -7.518  0.547   1.00 16.13 ? 103 ILE A CB  1 
ATOM   809  C  CG1 . ILE A 1 103 ? 9.643   -8.905  0.848   1.00 18.68 ? 103 ILE A CG1 1 
ATOM   810  C  CG2 . ILE A 1 103 ? 9.468   -6.724  -0.554  1.00 17.57 ? 103 ILE A CG2 1 
ATOM   811  C  CD1 . ILE A 1 103 ? 8.480   -8.859  1.816   1.00 18.26 ? 103 ILE A CD1 1 
ATOM   812  N  N   . THR A 1 104 ? 12.755  -6.083  -1.365  1.00 14.73 ? 104 THR A N   1 
ATOM   813  C  CA  . THR A 1 104 ? 13.540  -4.900  -1.758  1.00 17.67 ? 104 THR A CA  1 
ATOM   814  C  C   . THR A 1 104 ? 12.624  -3.675  -1.768  1.00 19.64 ? 104 THR A C   1 
ATOM   815  O  O   . THR A 1 104 ? 11.397  -3.808  -1.929  1.00 15.83 ? 104 THR A O   1 
ATOM   816  C  CB  . THR A 1 104 ? 14.116  -5.070  -3.148  1.00 25.71 ? 104 THR A CB  1 
ATOM   817  O  OG1 . THR A 1 104 ? 13.051  -5.130  -4.099  1.00 19.81 ? 104 THR A OG1 1 
ATOM   818  C  CG2 . THR A 1 104 ? 14.991  -6.346  -3.255  1.00 22.51 ? 104 THR A CG2 1 
ATOM   819  N  N   . HIS A 1 105 ? 13.218  -2.491  -1.653  1.00 13.65 ? 105 HIS A N   1 
ATOM   820  C  CA  . HIS A 1 105 ? 12.473  -1.247  -1.884  1.00 11.43 ? 105 HIS A CA  1 
ATOM   821  C  C   . HIS A 1 105 ? 11.869  -1.252  -3.281  1.00 15.05 ? 105 HIS A C   1 
ATOM   822  O  O   . HIS A 1 105 ? 10.781  -0.721  -3.485  1.00 16.87 ? 105 HIS A O   1 
ATOM   823  C  CB  . HIS A 1 105 ? 13.376  -0.058  -1.639  1.00 11.83 ? 105 HIS A CB  1 
ATOM   824  C  CG  . HIS A 1 105 ? 13.760  0.068   -0.191  1.00 16.46 ? 105 HIS A CG  1 
ATOM   825  N  ND1 . HIS A 1 105 ? 14.375  1.186   0.329   1.00 18.55 ? 105 HIS A ND1 1 
ATOM   826  C  CD2 . HIS A 1 105 ? 13.652  -0.818  0.828   1.00 17.70 ? 105 HIS A CD2 1 
ATOM   827  C  CE1 . HIS A 1 105 ? 14.581  0.993   1.621   1.00 13.41 ? 105 HIS A CE1 1 
ATOM   828  N  NE2 . HIS A 1 105 ? 14.139  -0.203  1.951   1.00 20.28 ? 105 HIS A NE2 1 
ATOM   829  N  N   . GLY A 1 106 ? 12.584  -1.836  -4.248  1.00 13.64 ? 106 GLY A N   1 
ATOM   830  C  CA  . GLY A 1 106 ? 12.040  -2.004  -5.593  1.00 16.54 ? 106 GLY A CA  1 
ATOM   831  C  C   . GLY A 1 106 ? 10.692  -2.746  -5.623  1.00 12.67 ? 106 GLY A C   1 
ATOM   832  O  O   . GLY A 1 106 ? 9.732   -2.268  -6.267  1.00 11.39 ? 106 GLY A O   1 
ATOM   833  N  N   . SER A 1 107 ? 10.584  -3.855  -4.887  1.00 9.88  ? 107 SER A N   1 
ATOM   834  C  CA  . SER A 1 107 ? 9.328   -4.657  -4.890  1.00 13.34 ? 107 SER A CA  1 
ATOM   835  C  C   . SER A 1 107 ? 8.174   -3.832  -4.302  1.00 12.36 ? 107 SER A C   1 
ATOM   836  O  O   . SER A 1 107 ? 7.042   -3.871  -4.810  1.00 10.22 ? 107 SER A O   1 
ATOM   837  C  CB  . SER A 1 107 ? 9.483   -5.969  -4.123  1.00 14.72 ? 107 SER A CB  1 
ATOM   838  O  OG  . SER A 1 107 ? 10.348  -6.856  -4.858  1.00 18.97 ? 107 SER A OG  1 
ATOM   839  N  N   . TYR A 1 108 ? 8.462   -3.099  -3.224  1.00 11.10 ? 108 TYR A N   1 
ATOM   840  C  CA  . TYR A 1 108 ? 7.456   -2.204  -2.631  1.00 11.94 ? 108 TYR A CA  1 
ATOM   841  C  C   . TYR A 1 108 ? 7.053   -1.046  -3.558  1.00 8.65  ? 108 TYR A C   1 
ATOM   842  O  O   . TYR A 1 108 ? 5.857   -0.766  -3.712  1.00 10.00 ? 108 TYR A O   1 
ATOM   843  C  CB  . TYR A 1 108 ? 7.939   -1.627  -1.276  1.00 14.00 ? 108 TYR A CB  1 
ATOM   844  C  CG  . TYR A 1 108 ? 8.166   -2.636  -0.161  1.00 15.16 ? 108 TYR A CG  1 
ATOM   845  C  CD1 . TYR A 1 108 ? 7.101   -3.416  0.311   1.00 14.59 ? 108 TYR A CD1 1 
ATOM   846  C  CD2 . TYR A 1 108 ? 9.421   -2.796  0.428   1.00 16.98 ? 108 TYR A CD2 1 
ATOM   847  C  CE1 . TYR A 1 108 ? 7.256   -4.305  1.350   1.00 16.86 ? 108 TYR A CE1 1 
ATOM   848  C  CE2 . TYR A 1 108 ? 9.601   -3.712  1.488   1.00 15.14 ? 108 TYR A CE2 1 
ATOM   849  C  CZ  . TYR A 1 108 ? 8.513   -4.470  1.930   1.00 18.31 ? 108 TYR A CZ  1 
ATOM   850  O  OH  . TYR A 1 108 ? 8.585   -5.391  2.967   1.00 19.62 ? 108 TYR A OH  1 
ATOM   851  N  N   . ASN A 1 109 ? 8.041   -0.352  -4.129  1.00 9.87  ? 109 ASN A N   1 
ATOM   852  C  CA  . ASN A 1 109 ? 7.816   0.668   -5.136  1.00 13.21 ? 109 ASN A CA  1 
ATOM   853  C  C   . ASN A 1 109 ? 7.033   0.167   -6.354  1.00 14.61 ? 109 ASN A C   1 
ATOM   854  O  O   . ASN A 1 109 ? 6.155   0.898   -6.847  1.00 11.65 ? 109 ASN A O   1 
ATOM   855  C  CB  . ASN A 1 109 ? 9.131   1.359   -5.512  1.00 15.36 ? 109 ASN A CB  1 
ATOM   856  C  CG  . ASN A 1 109 ? 9.741   2.083   -4.301  1.00 26.76 ? 109 ASN A CG  1 
ATOM   857  O  OD1 . ASN A 1 109 ? 9.037   2.349   -3.313  1.00 20.87 ? 109 ASN A OD1 1 
ATOM   858  N  ND2 . ASN A 1 109 ? 11.050  2.347   -4.347  1.00 21.19 ? 109 ASN A ND2 1 
ATOM   859  N  N   . ASP A 1 110 ? 7.268   -1.102  -6.736  1.00 9.66  ? 110 ASP A N   1 
ATOM   860  C  CA  . ASP A 1 110 ? 6.565   -1.686  -7.883  1.00 9.93  ? 110 ASP A CA  1 
ATOM   861  C  C   . ASP A 1 110 ? 5.051   -1.780  -7.531  1.00 7.68  ? 110 ASP A C   1 
ATOM   862  O  O   . ASP A 1 110 ? 4.222   -1.457  -8.364  1.00 8.04  ? 110 ASP A O   1 
ATOM   863  C  CB  . ASP A 1 110 ? 7.173   -3.046  -8.338  1.00 9.08  ? 110 ASP A CB  1 
ATOM   864  C  CG  . ASP A 1 110 ? 8.551   -2.906  -9.033  1.00 16.14 ? 110 ASP A CG  1 
ATOM   865  O  OD1 . ASP A 1 110 ? 8.895   -1.814  -9.549  1.00 13.33 ? 110 ASP A OD1 1 
ATOM   866  O  OD2 . ASP A 1 110 ? 9.294   -3.904  -9.074  1.00 10.26 ? 110 ASP A OD2 1 
ATOM   867  N  N   . LEU A 1 111 ? 4.739   -2.252  -6.312  1.00 8.72  ? 111 LEU A N   1 
ATOM   868  C  CA  . LEU A 1 111 ? 3.343   -2.304  -5.858  1.00 6.45  ? 111 LEU A CA  1 
ATOM   869  C  C   . LEU A 1 111 ? 2.712   -0.879  -5.858  1.00 13.27 ? 111 LEU A C   1 
ATOM   870  O  O   . LEU A 1 111 ? 1.598   -0.693  -6.316  1.00 8.93  ? 111 LEU A O   1 
ATOM   871  C  CB  . LEU A 1 111 ? 3.250   -2.925  -4.481  1.00 8.42  ? 111 LEU A CB  1 
ATOM   872  C  CG  . LEU A 1 111 ? 1.831   -3.052  -3.892  1.00 9.74  ? 111 LEU A CG  1 
ATOM   873  C  CD1 . LEU A 1 111 ? 0.854   -3.788  -4.877  1.00 11.35 ? 111 LEU A CD1 1 
ATOM   874  C  CD2 . LEU A 1 111 ? 1.979   -3.700  -2.483  1.00 12.62 ? 111 LEU A CD2 1 
ATOM   875  N  N   . ARG A 1 112 ? 3.457   0.093   -5.345  1.00 14.12 ? 112 ARG A N   1 
ATOM   876  C  CA  . ARG A 1 112 ? 2.984   1.481   -5.349  1.00 11.41 ? 112 ARG A CA  1 
ATOM   877  C  C   . ARG A 1 112 ? 2.565   1.888   -6.787  1.00 10.74 ? 112 ARG A C   1 
ATOM   878  O  O   . ARG A 1 112 ? 1.518   2.501   -6.977  1.00 8.82  ? 112 ARG A O   1 
ATOM   879  C  CB  . ARG A 1 112 ? 4.036   2.393   -4.715  1.00 7.63  ? 112 ARG A CB  1 
ATOM   880  C  CG  . ARG A 1 112 ? 3.713   3.869   -4.933  1.00 10.50 ? 112 ARG A CG  1 
ATOM   881  C  CD  . ARG A 1 112 ? 4.791   4.774   -4.365  1.00 10.24 ? 112 ARG A CD  1 
ATOM   882  N  NE  . ARG A 1 112 ? 4.463   6.191   -4.721  1.00 10.33 ? 112 ARG A NE  1 
ATOM   883  C  CZ  . ARG A 1 112 ? 5.029   7.259   -4.153  1.00 10.54 ? 112 ARG A CZ  1 
ATOM   884  N  NH1 . ARG A 1 112 ? 5.988   7.135   -3.211  1.00 10.23 ? 112 ARG A NH1 1 
ATOM   885  N  NH2 . ARG A 1 112 ? 4.631   8.484   -4.539  1.00 13.67 ? 112 ARG A NH2 1 
ATOM   886  N  N   . GLY A 1 113 ? 3.373   1.557   -7.788  1.00 9.46  ? 113 GLY A N   1 
ATOM   887  C  CA  . GLY A 1 113 ? 3.078   1.946   -9.176  1.00 12.24 ? 113 GLY A CA  1 
ATOM   888  C  C   . GLY A 1 113 ? 1.829   1.228   -9.711  1.00 10.24 ? 113 GLY A C   1 
ATOM   889  O  O   . GLY A 1 113 ? 1.055   1.792   -10.505 1.00 12.64 ? 113 GLY A O   1 
ATOM   890  N  N   . VAL A 1 114 ? 1.676   -0.046  -9.375  1.00 8.07  ? 114 VAL A N   1 
ATOM   891  C  CA  . VAL A 1 114 ? 0.464   -0.745  -9.815  1.00 5.33  ? 114 VAL A CA  1 
ATOM   892  C  C   . VAL A 1 114 ? -0.775  -0.082  -9.240  1.00 9.13  ? 114 VAL A C   1 
ATOM   893  O  O   . VAL A 1 114 ? -1.787  0.141   -9.950  1.00 11.79 ? 114 VAL A O   1 
ATOM   894  C  CB  . VAL A 1 114 ? 0.518   -2.248  -9.499  1.00 10.32 ? 114 VAL A CB  1 
ATOM   895  C  CG1 . VAL A 1 114 ? -0.828  -2.921  -9.984  1.00 11.46 ? 114 VAL A CG1 1 
ATOM   896  C  CG2 . VAL A 1 114 ? 1.724   -2.856  -10.252 1.00 9.65  ? 114 VAL A CG2 1 
ATOM   897  N  N   . ILE A 1 115 ? -0.678  0.293   -7.964  1.00 11.37 ? 115 ILE A N   1 
ATOM   898  C  CA  . ILE A 1 115 ? -1.799  0.996   -7.334  1.00 12.93 ? 115 ILE A CA  1 
ATOM   899  C  C   . ILE A 1 115 ? -2.059  2.316   -8.092  1.00 14.35 ? 115 ILE A C   1 
ATOM   900  O  O   . ILE A 1 115 ? -3.208  2.610   -8.465  1.00 12.63 ? 115 ILE A O   1 
ATOM   901  C  CB  . ILE A 1 115 ? -1.562  1.199   -5.836  1.00 8.11  ? 115 ILE A CB  1 
ATOM   902  C  CG1 . ILE A 1 115 ? -1.549  -0.163  -5.076  1.00 5.59  ? 115 ILE A CG1 1 
ATOM   903  C  CG2 . ILE A 1 115 ? -2.616  2.220   -5.250  1.00 11.17 ? 115 ILE A CG2 1 
ATOM   904  C  CD1 . ILE A 1 115 ? -1.007  -0.050  -3.684  1.00 8.40  ? 115 ILE A CD1 1 
ATOM   905  N  N   . TYR A 1 116 ? -0.998  3.095   -8.306  1.00 11.30 ? 116 TYR A N   1 
ATOM   906  C  CA  . TYR A 1 116 ? -1.134  4.392   -8.974  1.00 12.33 ? 116 TYR A CA  1 
ATOM   907  C  C   . TYR A 1 116 ? -1.822  4.238   -10.343 1.00 12.57 ? 116 TYR A C   1 
ATOM   908  O  O   . TYR A 1 116 ? -2.805  4.946   -10.639 1.00 10.25 ? 116 TYR A O   1 
ATOM   909  C  CB  . TYR A 1 116 ? 0.238   5.057   -9.144  1.00 7.11  ? 116 TYR A CB  1 
ATOM   910  C  CG  . TYR A 1 116 ? 0.068   6.525   -9.504  1.00 10.81 ? 116 TYR A CG  1 
ATOM   911  C  CD1 . TYR A 1 116 ? -0.395  7.429   -8.523  1.00 12.44 ? 116 TYR A CD1 1 
ATOM   912  C  CD2 . TYR A 1 116 ? 0.322   7.004   -10.800 1.00 18.50 ? 116 TYR A CD2 1 
ATOM   913  C  CE1 . TYR A 1 116 ? -0.560  8.798   -8.796  1.00 16.02 ? 116 TYR A CE1 1 
ATOM   914  C  CE2 . TYR A 1 116 ? 0.118   8.402   -11.091 1.00 16.86 ? 116 TYR A CE2 1 
ATOM   915  C  CZ  . TYR A 1 116 ? -0.307  9.267   -10.065 1.00 18.74 ? 116 TYR A CZ  1 
ATOM   916  O  OH  . TYR A 1 116 ? -0.514  10.617  -10.315 1.00 18.49 ? 116 TYR A OH  1 
ATOM   917  N  N   . ASP A 1 117 ? -1.333  3.286   -11.150 1.00 14.47 ? 117 ASP A N   1 
ATOM   918  C  CA  . ASP A 1 117 ? -1.799  3.115   -12.530 1.00 15.47 ? 117 ASP A CA  1 
ATOM   919  C  C   . ASP A 1 117 ? -3.292  2.716   -12.557 1.00 17.24 ? 117 ASP A C   1 
ATOM   920  O  O   . ASP A 1 117 ? -4.069  3.097   -13.476 1.00 16.12 ? 117 ASP A O   1 
ATOM   921  C  CB  . ASP A 1 117 ? -0.919  2.108   -13.262 1.00 16.49 ? 117 ASP A CB  1 
ATOM   922  C  CG  . ASP A 1 117 ? 0.497   2.635   -13.566 1.00 20.39 ? 117 ASP A CG  1 
ATOM   923  O  OD1 . ASP A 1 117 ? 0.818   3.842   -13.368 1.00 23.77 ? 117 ASP A OD1 1 
ATOM   924  O  OD2 . ASP A 1 117 ? 1.306   1.777   -13.954 1.00 20.36 ? 117 ASP A OD2 1 
ATOM   925  N  N   . SER A 1 118 ? -3.713  2.002   -11.510 1.00 14.78 ? 118 SER A N   1 
ATOM   926  C  CA  . SER A 1 118 ? -5.094  1.530   -11.377 1.00 16.79 ? 118 SER A CA  1 
ATOM   927  C  C   . SER A 1 118 ? -6.106  2.659   -11.090 1.00 18.34 ? 118 SER A C   1 
ATOM   928  O  O   . SER A 1 118 ? -7.320  2.535   -11.400 1.00 18.53 ? 118 SER A O   1 
ATOM   929  C  CB  . SER A 1 118 ? -5.173  0.446   -10.303 1.00 17.62 ? 118 SER A CB  1 
ATOM   930  O  OG  . SER A 1 118 ? -5.342  0.979   -8.997  1.00 18.20 ? 118 SER A OG  1 
ATOM   931  N  N   . MET A 1 119 ? -5.600  3.762   -10.530 1.00 13.93 ? 119 MET A N   1 
ATOM   932  C  CA  . MET A 1 119 ? -6.466  4.862   -10.052 1.00 17.64 ? 119 MET A CA  1 
ATOM   933  C  C   . MET A 1 119 ? -6.800  5.912   -11.136 1.00 17.78 ? 119 MET A C   1 
ATOM   934  O  O   . MET A 1 119 ? -7.744  6.695   -10.957 1.00 21.38 ? 119 MET A O   1 
ATOM   935  C  CB  . MET A 1 119 ? -5.834  5.531   -8.828  1.00 14.21 ? 119 MET A CB  1 
ATOM   936  C  CG  . MET A 1 119 ? -5.767  4.584   -7.596  1.00 19.25 ? 119 MET A CG  1 
ATOM   937  S  SD  . MET A 1 119 ? -4.932  5.250   -6.135  1.00 14.82 ? 119 MET A SD  1 
ATOM   938  C  CE  . MET A 1 119 ? -6.173  6.526   -5.644  1.00 8.56  ? 119 MET A CE  1 
ATOM   939  N  N   . HIS A 1 120 ? -6.016  5.934   -12.211 1.00 18.52 ? 120 HIS A N   1 
ATOM   940  C  CA  . HIS A 1 120 ? -6.203  6.845   -13.354 1.00 22.26 ? 120 HIS A CA  1 
ATOM   941  C  C   . HIS A 1 120 ? -6.449  8.274   -12.898 1.00 24.10 ? 120 HIS A C   1 
ATOM   942  O  O   . HIS A 1 120 ? -7.448  8.903   -13.295 1.00 21.63 ? 120 HIS A O   1 
ATOM   943  C  CB  . HIS A 1 120 ? -7.320  6.350   -14.294 1.00 21.97 ? 120 HIS A CB  1 
ATOM   944  C  CG  . HIS A 1 120 ? -7.070  4.970   -14.823 1.00 24.73 ? 120 HIS A CG  1 
ATOM   945  N  ND1 . HIS A 1 120 ? -6.243  4.723   -15.899 1.00 27.49 ? 120 HIS A ND1 1 
ATOM   946  C  CD2 . HIS A 1 120 ? -7.476  3.761   -14.376 1.00 24.44 ? 120 HIS A CD2 1 
ATOM   947  C  CE1 . HIS A 1 120 ? -6.185  3.419   -16.118 1.00 26.99 ? 120 HIS A CE1 1 
ATOM   948  N  NE2 . HIS A 1 120 ? -6.916  2.813   -15.199 1.00 22.08 ? 120 HIS A NE2 1 
ATOM   949  N  N   . LEU A 1 121 ? -5.545  8.769   -12.047 1.00 11.51 ? 121 LEU A N   1 
ATOM   950  C  CA  . LEU A 1 121 ? -5.739  10.091  -11.435 1.00 12.93 ? 121 LEU A CA  1 
ATOM   951  C  C   . LEU A 1 121 ? -5.366  11.247  -12.377 1.00 10.31 ? 121 LEU A C   1 
ATOM   952  O  O   . LEU A 1 121 ? -4.428  11.130  -13.160 1.00 12.96 ? 121 LEU A O   1 
ATOM   953  C  CB  . LEU A 1 121 ? -4.965  10.209  -10.097 1.00 11.23 ? 121 LEU A CB  1 
ATOM   954  C  CG  . LEU A 1 121 ? -5.353  9.246   -8.957  1.00 10.66 ? 121 LEU A CG  1 
ATOM   955  C  CD1 . LEU A 1 121 ? -4.489  9.544   -7.737  1.00 11.90 ? 121 LEU A CD1 1 
ATOM   956  C  CD2 . LEU A 1 121 ? -6.833  9.335   -8.632  1.00 12.99 ? 121 LEU A CD2 1 
ATOM   957  N  N   . ASP A 1 122 ? -6.100  12.361  -12.282 1.00 14.37 ? 122 ASP A N   1 
ATOM   958  C  CA  . ASP A 1 122 ? -5.588  13.538  -12.954 1.00 16.34 ? 122 ASP A CA  1 
ATOM   959  C  C   . ASP A 1 122 ? -4.375  14.086  -12.218 1.00 13.72 ? 122 ASP A C   1 
ATOM   960  O  O   . ASP A 1 122 ? -3.976  13.594  -11.170 1.00 12.53 ? 122 ASP A O   1 
ATOM   961  C  CB  . ASP A 1 122 ? -6.712  14.596  -13.163 1.00 14.19 ? 122 ASP A CB  1 
ATOM   962  C  CG  . ASP A 1 122 ? -7.202  15.264  -11.864 1.00 19.68 ? 122 ASP A CG  1 
ATOM   963  O  OD1 . ASP A 1 122 ? -6.430  15.283  -10.905 1.00 17.79 ? 122 ASP A OD1 1 
ATOM   964  O  OD2 . ASP A 1 122 ? -8.332  15.745  -11.834 1.00 17.69 ? 122 ASP A OD2 1 
ATOM   965  N  N   . SER A 1 123 ? -3.712  15.117  -12.762 1.00 9.96  ? 123 SER A N   1 
ATOM   966  C  CA  . SER A 1 123 ? -2.475  15.573  -12.079 1.00 10.75 ? 123 SER A CA  1 
ATOM   967  C  C   . SER A 1 123 ? -2.644  16.260  -10.692 1.00 13.07 ? 123 SER A C   1 
ATOM   968  O  O   . SER A 1 123 ? -1.738  16.242  -9.884  1.00 12.87 ? 123 SER A O   1 
ATOM   969  C  CB  . SER A 1 123 ? -1.574  16.319  -13.069 1.00 13.02 ? 123 SER A CB  1 
ATOM   970  O  OG  . SER A 1 123 ? -2.294  17.430  -13.678 1.00 14.88 ? 123 SER A OG  1 
ATOM   971  N  N   . THR A 1 124 ? -3.776  16.933  -10.445 1.00 12.45 ? 124 THR A N   1 
ATOM   972  C  CA  . THR A 1 124 ? -4.039  17.552  -9.154  1.00 16.06 ? 124 THR A CA  1 
ATOM   973  C  C   . THR A 1 124 ? -4.211  16.528  -8.041  1.00 11.33 ? 124 THR A C   1 
ATOM   974  O  O   . THR A 1 124 ? -3.514  16.606  -7.052  1.00 12.49 ? 124 THR A O   1 
ATOM   975  C  CB  . THR A 1 124 ? -5.255  18.462  -9.214  1.00 17.16 ? 124 THR A CB  1 
ATOM   976  O  OG1 . THR A 1 124 ? -5.037  19.422  -10.259 1.00 16.82 ? 124 THR A OG1 1 
ATOM   977  C  CG2 . THR A 1 124 ? -5.419  19.189  -7.867  1.00 19.66 ? 124 THR A CG2 1 
ATOM   978  N  N   . HIS A 1 125 ? -5.091  15.546  -8.279  1.00 12.82 ? 125 HIS A N   1 
ATOM   979  C  CA  . HIS A 1 125 ? -5.281  14.419  -7.376  1.00 11.96 ? 125 HIS A CA  1 
ATOM   980  C  C   . HIS A 1 125 ? -4.005  13.568  -7.233  1.00 12.02 ? 125 HIS A C   1 
ATOM   981  O  O   . HIS A 1 125 ? -3.671  13.172  -6.103  1.00 12.30 ? 125 HIS A O   1 
ATOM   982  C  CB  . HIS A 1 125 ? -6.463  13.566  -7.814  1.00 16.07 ? 125 HIS A CB  1 
ATOM   983  C  CG  . HIS A 1 125 ? -7.792  14.228  -7.609  1.00 15.44 ? 125 HIS A CG  1 
ATOM   984  N  ND1 . HIS A 1 125 ? -8.309  15.131  -8.511  1.00 16.24 ? 125 HIS A ND1 1 
ATOM   985  C  CD2 . HIS A 1 125 ? -8.674  14.170  -6.575  1.00 16.21 ? 125 HIS A CD2 1 
ATOM   986  C  CE1 . HIS A 1 125 ? -9.489  15.558  -8.069  1.00 17.24 ? 125 HIS A CE1 1 
ATOM   987  N  NE2 . HIS A 1 125 ? -9.744  14.967  -6.911  1.00 19.51 ? 125 HIS A NE2 1 
ATOM   988  N  N   . GLY A 1 126 ? -3.347  13.294  -8.365  1.00 12.20 ? 126 GLY A N   1 
ATOM   989  C  CA  . GLY A 1 126 ? -2.067  12.516  -8.400  1.00 10.79 ? 126 GLY A CA  1 
ATOM   990  C  C   . GLY A 1 126 ? -0.985  13.157  -7.512  1.00 10.76 ? 126 GLY A C   1 
ATOM   991  O  O   . GLY A 1 126 ? -0.304  12.512  -6.753  1.00 13.79 ? 126 GLY A O   1 
ATOM   992  N  N   . ALA A 1 127 ? -0.852  14.471  -7.601  1.00 11.72 ? 127 ALA A N   1 
ATOM   993  C  CA  . ALA A 1 127 ? 0.094   15.203  -6.760  1.00 13.00 ? 127 ALA A CA  1 
ATOM   994  C  C   . ALA A 1 127 ? -0.181  14.989  -5.255  1.00 12.70 ? 127 ALA A C   1 
ATOM   995  O  O   . ALA A 1 127 ? 0.733   14.661  -4.486  1.00 14.07 ? 127 ALA A O   1 
ATOM   996  C  CB  . ALA A 1 127 ? 0.047   16.720  -7.124  1.00 11.16 ? 127 ALA A CB  1 
ATOM   997  N  N   . ALA A 1 128 ? -1.433  15.138  -4.841  1.00 11.25 ? 128 ALA A N   1 
ATOM   998  C  CA  . ALA A 1 128 ? -1.784  14.988  -3.441  1.00 12.28 ? 128 ALA A CA  1 
ATOM   999  C  C   . ALA A 1 128 ? -1.583  13.516  -3.032  1.00 13.94 ? 128 ALA A C   1 
ATOM   1000 O  O   . ALA A 1 128 ? -1.050  13.246  -1.982  1.00 13.53 ? 128 ALA A O   1 
ATOM   1001 C  CB  . ALA A 1 128 ? -3.223  15.417  -3.183  1.00 18.37 ? 128 ALA A CB  1 
ATOM   1002 N  N   . TRP A 1 129 ? -2.007  12.611  -3.906  1.00 13.27 ? 129 TRP A N   1 
ATOM   1003 C  CA  . TRP A 1 129 ? -1.845  11.169  -3.683  1.00 8.21  ? 129 TRP A CA  1 
ATOM   1004 C  C   . TRP A 1 129 ? -0.376  10.800  -3.502  1.00 10.37 ? 129 TRP A C   1 
ATOM   1005 O  O   . TRP A 1 129 ? -0.034  10.122  -2.530  1.00 11.04 ? 129 TRP A O   1 
ATOM   1006 C  CB  . TRP A 1 129 ? -2.488  10.374  -4.829  1.00 10.85 ? 129 TRP A CB  1 
ATOM   1007 C  CG  . TRP A 1 129 ? -2.393  8.922   -4.564  1.00 11.68 ? 129 TRP A CG  1 
ATOM   1008 C  CD1 . TRP A 1 129 ? -1.502  8.047   -5.108  1.00 7.43  ? 129 TRP A CD1 1 
ATOM   1009 C  CD2 . TRP A 1 129 ? -3.166  8.191   -3.616  1.00 9.96  ? 129 TRP A CD2 1 
ATOM   1010 N  NE1 . TRP A 1 129 ? -1.704  6.781   -4.575  1.00 13.12 ? 129 TRP A NE1 1 
ATOM   1011 C  CE2 . TRP A 1 129 ? -2.750  6.842   -3.689  1.00 11.91 ? 129 TRP A CE2 1 
ATOM   1012 C  CE3 . TRP A 1 129 ? -4.228  8.526   -2.745  1.00 9.35  ? 129 TRP A CE3 1 
ATOM   1013 C  CZ2 . TRP A 1 129 ? -3.326  5.824   -2.881  1.00 19.35 ? 129 TRP A CZ2 1 
ATOM   1014 C  CZ3 . TRP A 1 129 ? -4.815  7.500   -1.970  1.00 12.83 ? 129 TRP A CZ3 1 
ATOM   1015 C  CH2 . TRP A 1 129 ? -4.355  6.177   -2.040  1.00 14.47 ? 129 TRP A CH2 1 
ATOM   1016 N  N   . ASN A 1 130 ? 0.498   11.294  -4.400  1.00 9.99  ? 130 ASN A N   1 
ATOM   1017 C  CA  . ASN A 1 130 ? 1.953   11.097  -4.262  1.00 11.68 ? 130 ASN A CA  1 
ATOM   1018 C  C   . ASN A 1 130 ? 2.605   11.710  -2.995  1.00 16.77 ? 130 ASN A C   1 
ATOM   1019 O  O   . ASN A 1 130 ? 3.532   11.121  -2.459  1.00 12.51 ? 130 ASN A O   1 
ATOM   1020 C  CB  . ASN A 1 130 ? 2.673   11.436  -5.577  1.00 13.09 ? 130 ASN A CB  1 
ATOM   1021 C  CG  . ASN A 1 130 ? 2.361   10.415  -6.674  1.00 15.61 ? 130 ASN A CG  1 
ATOM   1022 O  OD1 . ASN A 1 130 ? 2.391   9.181   -6.422  1.00 15.81 ? 130 ASN A OD1 1 
ATOM   1023 N  ND2 . ASN A 1 130 ? 2.051   10.899  -7.866  1.00 13.07 ? 130 ASN A ND2 1 
ATOM   1024 N  N   . LYS A 1 131 ? 2.139   12.871  -2.531  1.00 12.48 ? 131 LYS A N   1 
ATOM   1025 C  CA  . LYS A 1 131 ? 2.550   13.400  -1.208  1.00 14.66 ? 131 LYS A CA  1 
ATOM   1026 C  C   . LYS A 1 131 ? 2.203   12.412  -0.081  1.00 15.10 ? 131 LYS A C   1 
ATOM   1027 O  O   . LYS A 1 131 ? 3.049   12.067  0.758   1.00 12.85 ? 131 LYS A O   1 
ATOM   1028 C  CB  . LYS A 1 131 ? 1.923   14.795  -0.991  1.00 15.91 ? 131 LYS A CB  1 
ATOM   1029 C  CG  . LYS A 1 131 ? 2.688   15.903  -1.684  1.00 26.70 ? 131 LYS A CG  1 
ATOM   1030 C  CD  . LYS A 1 131 ? 2.278   17.302  -1.201  1.00 33.71 ? 131 LYS A CD  1 
ATOM   1031 C  CE  . LYS A 1 131 ? 2.434   17.465  0.314   1.00 27.60 ? 131 LYS A CE  1 
ATOM   1032 N  NZ  . LYS A 1 131 ? 2.282   18.938  0.647   1.00 29.50 ? 131 LYS A NZ  1 
ATOM   1033 N  N   . MET A 1 132 ? 0.963   11.920  -0.079  1.00 12.06 ? 132 MET A N   1 
ATOM   1034 C  CA  . MET A 1 132 ? 0.584   10.930  0.901   1.00 14.97 ? 132 MET A CA  1 
ATOM   1035 C  C   . MET A 1 132 ? 1.449   9.669   0.762   1.00 13.20 ? 132 MET A C   1 
ATOM   1036 O  O   . MET A 1 132 ? 1.926   9.141   1.770   1.00 12.33 ? 132 MET A O   1 
ATOM   1037 C  CB  . MET A 1 132 ? -0.917  10.608  0.867   1.00 13.50 ? 132 MET A CB  1 
ATOM   1038 C  CG  . MET A 1 132 ? -1.387  9.651   2.001   1.00 10.61 ? 132 MET A CG  1 
ATOM   1039 S  SD  . MET A 1 132 ? -0.985  7.908   1.571   1.00 17.75 ? 132 MET A SD  1 
ATOM   1040 C  CE  . MET A 1 132 ? -2.342  7.658   0.372   1.00 16.07 ? 132 MET A CE  1 
ATOM   1041 N  N   . MET A 1 133 ? 1.628   9.171   -0.468  1.00 11.95 ? 133 MET A N   1 
ATOM   1042 C  CA  . MET A 1 133 ? 2.418   7.916   -0.652  1.00 10.85 ? 133 MET A CA  1 
ATOM   1043 C  C   . MET A 1 133 ? 3.901   8.095   -0.320  1.00 8.68  ? 133 MET A C   1 
ATOM   1044 O  O   . MET A 1 133 ? 4.531   7.226   0.293   1.00 10.89 ? 133 MET A O   1 
ATOM   1045 C  CB  . MET A 1 133 ? 2.255   7.341   -2.067  1.00 8.18  ? 133 MET A CB  1 
ATOM   1046 C  CG  . MET A 1 133 ? 0.853   6.717   -2.282  1.00 11.43 ? 133 MET A CG  1 
ATOM   1047 S  SD  . MET A 1 133 ? 0.718   5.174   -1.265  1.00 19.22 ? 133 MET A SD  1 
ATOM   1048 C  CE  . MET A 1 133 ? -0.313  4.180   -2.362  1.00 21.80 ? 133 MET A CE  1 
ATOM   1049 N  N   . ASP A 1 134 ? 4.462   9.260   -0.674  1.00 10.39 ? 134 ASP A N   1 
ATOM   1050 C  CA  . ASP A 1 134 ? 5.810   9.590   -0.222  1.00 15.49 ? 134 ASP A CA  1 
ATOM   1051 C  C   . ASP A 1 134 ? 5.947   9.551   1.319   1.00 11.92 ? 134 ASP A C   1 
ATOM   1052 O  O   . ASP A 1 134 ? 6.919   8.984   1.809   1.00 13.88 ? 134 ASP A O   1 
ATOM   1053 C  CB  . ASP A 1 134 ? 6.271   10.945  -0.793  1.00 12.20 ? 134 ASP A CB  1 
ATOM   1054 C  CG  . ASP A 1 134 ? 6.576   10.894  -2.262  1.00 17.75 ? 134 ASP A CG  1 
ATOM   1055 O  OD1 . ASP A 1 134 ? 6.694   9.812   -2.834  1.00 15.18 ? 134 ASP A OD1 1 
ATOM   1056 O  OD2 . ASP A 1 134 ? 6.744   11.987  -2.845  1.00 13.66 ? 134 ASP A OD2 1 
ATOM   1057 N  N   . ASN A 1 135 ? 4.962   10.089  2.060   1.00 14.54 ? 135 ASN A N   1 
ATOM   1058 C  CA  . ASN A 1 135 ? 4.901   9.985   3.526   1.00 16.93 ? 135 ASN A CA  1 
ATOM   1059 C  C   . ASN A 1 135 ? 4.818   8.526   3.969   1.00 12.44 ? 135 ASN A C   1 
ATOM   1060 O  O   . ASN A 1 135 ? 5.523   8.109   4.869   1.00 11.92 ? 135 ASN A O   1 
ATOM   1061 C  CB  . ASN A 1 135 ? 3.694   10.797  4.117   1.00 12.13 ? 135 ASN A CB  1 
ATOM   1062 C  CG  . ASN A 1 135 ? 3.905   12.307  4.032   1.00 12.58 ? 135 ASN A CG  1 
ATOM   1063 O  OD1 . ASN A 1 135 ? 4.990   12.758  3.750   1.00 19.90 ? 135 ASN A OD1 1 
ATOM   1064 N  ND2 . ASN A 1 135 ? 2.851   13.076  4.308   1.00 17.91 ? 135 ASN A ND2 1 
ATOM   1065 N  N   . PHE A 1 136 ? 3.910   7.778   3.356   1.00 11.89 ? 136 PHE A N   1 
ATOM   1066 C  CA  . PHE A 1 136 ? 3.760   6.349   3.655   1.00 8.88  ? 136 PHE A CA  1 
ATOM   1067 C  C   . PHE A 1 136 ? 5.102   5.603   3.535   1.00 11.83 ? 136 PHE A C   1 
ATOM   1068 O  O   . PHE A 1 136 ? 5.518   4.946   4.494   1.00 12.29 ? 136 PHE A O   1 
ATOM   1069 C  CB  . PHE A 1 136 ? 2.739   5.706   2.709   1.00 8.59  ? 136 PHE A CB  1 
ATOM   1070 C  CG  . PHE A 1 136 ? 2.525   4.244   2.997   1.00 10.19 ? 136 PHE A CG  1 
ATOM   1071 C  CD1 . PHE A 1 136 ? 1.408   3.830   3.761   1.00 10.57 ? 136 PHE A CD1 1 
ATOM   1072 C  CD2 . PHE A 1 136 ? 3.443   3.297   2.524   1.00 12.15 ? 136 PHE A CD2 1 
ATOM   1073 C  CE1 . PHE A 1 136 ? 1.217   2.448   4.034   1.00 11.29 ? 136 PHE A CE1 1 
ATOM   1074 C  CE2 . PHE A 1 136 ? 3.288   1.910   2.839   1.00 15.68 ? 136 PHE A CE2 1 
ATOM   1075 C  CZ  . PHE A 1 136 ? 2.167   1.515   3.584   1.00 15.43 ? 136 PHE A CZ  1 
ATOM   1076 N  N   . PHE A 1 137 ? 5.778   5.766   2.387   1.00 9.25  ? 137 PHE A N   1 
ATOM   1077 C  CA  . PHE A 1 137 ? 7.026   5.076   2.140   1.00 10.64 ? 137 PHE A CA  1 
ATOM   1078 C  C   . PHE A 1 137 ? 8.170   5.591   2.994   1.00 13.66 ? 137 PHE A C   1 
ATOM   1079 O  O   . PHE A 1 137 ? 8.991   4.797   3.408   1.00 12.66 ? 137 PHE A O   1 
ATOM   1080 C  CB  . PHE A 1 137 ? 7.335   4.937   0.657   1.00 14.52 ? 137 PHE A CB  1 
ATOM   1081 C  CG  . PHE A 1 137 ? 6.507   3.891   0.016   1.00 16.19 ? 137 PHE A CG  1 
ATOM   1082 C  CD1 . PHE A 1 137 ? 6.808   2.549   0.201   1.00 17.93 ? 137 PHE A CD1 1 
ATOM   1083 C  CD2 . PHE A 1 137 ? 5.366   4.235   -0.674  1.00 15.98 ? 137 PHE A CD2 1 
ATOM   1084 C  CE1 . PHE A 1 137 ? 5.972   1.544   -0.327  1.00 19.02 ? 137 PHE A CE1 1 
ATOM   1085 C  CE2 . PHE A 1 137 ? 4.504   3.235   -1.212  1.00 17.17 ? 137 PHE A CE2 1 
ATOM   1086 C  CZ  . PHE A 1 137 ? 4.857   1.880   -1.043  1.00 19.33 ? 137 PHE A CZ  1 
ATOM   1087 N  N   . TYR A 1 138 ? 8.131   6.877   3.337   1.00 10.64 ? 138 TYR A N   1 
ATOM   1088 C  CA  . TYR A 1 138 ? 9.143   7.435   4.281   1.00 18.54 ? 138 TYR A CA  1 
ATOM   1089 C  C   . TYR A 1 138 ? 9.050   6.708   5.624   1.00 16.65 ? 138 TYR A C   1 
ATOM   1090 O  O   . TYR A 1 138 ? 10.024  6.129   6.083   1.00 12.88 ? 138 TYR A O   1 
ATOM   1091 C  CB  . TYR A 1 138 ? 8.975   8.926   4.534   1.00 19.61 ? 138 TYR A CB  1 
ATOM   1092 C  CG  . TYR A 1 138 ? 10.030  9.375   5.528   1.00 20.65 ? 138 TYR A CG  1 
ATOM   1093 C  CD1 . TYR A 1 138 ? 11.391  9.315   5.190   1.00 23.37 ? 138 TYR A CD1 1 
ATOM   1094 C  CD2 . TYR A 1 138 ? 9.682   9.724   6.831   1.00 21.13 ? 138 TYR A CD2 1 
ATOM   1095 C  CE1 . TYR A 1 138 ? 12.382  9.692   6.133   1.00 27.03 ? 138 TYR A CE1 1 
ATOM   1096 C  CE2 . TYR A 1 138 ? 10.666  10.078  7.768   1.00 22.52 ? 138 TYR A CE2 1 
ATOM   1097 C  CZ  . TYR A 1 138 ? 11.989  10.078  7.405   1.00 24.36 ? 138 TYR A CZ  1 
ATOM   1098 O  OH  . TYR A 1 138 ? 12.944  10.428  8.360   1.00 27.97 ? 138 TYR A OH  1 
ATOM   1099 N  N   . VAL A 1 139 ? 7.864   6.734   6.222   1.00 16.05 ? 139 VAL A N   1 
ATOM   1100 C  CA  . VAL A 1 139 ? 7.567   6.034   7.494   1.00 13.88 ? 139 VAL A CA  1 
ATOM   1101 C  C   . VAL A 1 139 ? 7.880   4.516   7.455   1.00 12.53 ? 139 VAL A C   1 
ATOM   1102 O  O   . VAL A 1 139 ? 8.620   3.982   8.330   1.00 12.38 ? 139 VAL A O   1 
ATOM   1103 C  CB  . VAL A 1 139 ? 6.093   6.303   7.965   1.00 13.10 ? 139 VAL A CB  1 
ATOM   1104 C  CG1 . VAL A 1 139 ? 5.794   5.573   9.284   1.00 16.28 ? 139 VAL A CG1 1 
ATOM   1105 C  CG2 . VAL A 1 139 ? 5.821   7.843   8.091   1.00 13.98 ? 139 VAL A CG2 1 
ATOM   1106 N  N   . PHE A 1 140 ? 7.343   3.857   6.438   1.00 9.65  ? 140 PHE A N   1 
ATOM   1107 C  CA  . PHE A 1 140 ? 7.529   2.442   6.241   1.00 13.03 ? 140 PHE A CA  1 
ATOM   1108 C  C   . PHE A 1 140 ? 9.023   2.089   6.203   1.00 8.10  ? 140 PHE A C   1 
ATOM   1109 O  O   . PHE A 1 140 ? 9.444   1.211   6.956   1.00 13.97 ? 140 PHE A O   1 
ATOM   1110 C  CB  . PHE A 1 140 ? 6.785   1.983   4.987   1.00 8.95  ? 140 PHE A CB  1 
ATOM   1111 C  CG  . PHE A 1 140 ? 6.804   0.483   4.796   1.00 10.31 ? 140 PHE A CG  1 
ATOM   1112 C  CD1 . PHE A 1 140 ? 6.352   -0.370  5.802   1.00 15.17 ? 140 PHE A CD1 1 
ATOM   1113 C  CD2 . PHE A 1 140 ? 7.260   -0.062  3.593   1.00 14.48 ? 140 PHE A CD2 1 
ATOM   1114 C  CE1 . PHE A 1 140 ? 6.358   -1.776  5.595   1.00 17.14 ? 140 PHE A CE1 1 
ATOM   1115 C  CE2 . PHE A 1 140 ? 7.214   -1.459  3.364   1.00 14.18 ? 140 PHE A CE2 1 
ATOM   1116 C  CZ  . PHE A 1 140 ? 6.798   -2.304  4.386   1.00 17.53 ? 140 PHE A CZ  1 
ATOM   1117 N  N   . TYR A 1 141 ? 9.802   2.761   5.369   1.00 11.51 ? 141 TYR A N   1 
ATOM   1118 C  CA  . TYR A 1 141 ? 11.213  2.399   5.206   1.00 13.14 ? 141 TYR A CA  1 
ATOM   1119 C  C   . TYR A 1 141 ? 12.066  2.693   6.482   1.00 14.35 ? 141 TYR A C   1 
ATOM   1120 O  O   . TYR A 1 141 ? 13.001  1.963   6.799   1.00 18.20 ? 141 TYR A O   1 
ATOM   1121 C  CB  . TYR A 1 141 ? 11.791  3.103   3.994   1.00 10.89 ? 141 TYR A CB  1 
ATOM   1122 C  CG  . TYR A 1 141 ? 11.271  2.597   2.656   1.00 10.50 ? 141 TYR A CG  1 
ATOM   1123 C  CD1 . TYR A 1 141 ? 10.624  1.343   2.546   1.00 14.73 ? 141 TYR A CD1 1 
ATOM   1124 C  CD2 . TYR A 1 141 ? 11.479  3.339   1.494   1.00 16.68 ? 141 TYR A CD2 1 
ATOM   1125 C  CE1 . TYR A 1 141 ? 10.160  0.864   1.318   1.00 16.82 ? 141 TYR A CE1 1 
ATOM   1126 C  CE2 . TYR A 1 141 ? 11.048  2.859   0.238   1.00 21.17 ? 141 TYR A CE2 1 
ATOM   1127 C  CZ  . TYR A 1 141 ? 10.385  1.622   0.165   1.00 15.20 ? 141 TYR A CZ  1 
ATOM   1128 O  OH  . TYR A 1 141 ? 9.969   1.152   -1.059  1.00 14.44 ? 141 TYR A OH  1 
ATOM   1129 N  N   . GLU A 1 142 ? 11.703  3.769   7.177   1.00 15.95 ? 142 GLU A N   1 
ATOM   1130 C  CA  . GLU A 1 142 ? 12.315  4.134   8.467   1.00 16.85 ? 142 GLU A CA  1 
ATOM   1131 C  C   . GLU A 1 142 ? 12.044  3.010   9.464   1.00 18.36 ? 142 GLU A C   1 
ATOM   1132 O  O   . GLU A 1 142 ? 12.936  2.560   10.149  1.00 15.95 ? 142 GLU A O   1 
ATOM   1133 C  CB  . GLU A 1 142 ? 11.782  5.507   9.001   1.00 13.28 ? 142 GLU A CB  1 
ATOM   1134 C  CG  . GLU A 1 142 ? 12.323  6.764   8.280   1.00 15.47 ? 142 GLU A CG  1 
ATOM   1135 C  CD  . GLU A 1 142 ? 13.849  6.879   8.314   1.00 19.15 ? 142 GLU A CD  1 
ATOM   1136 O  OE1 . GLU A 1 142 ? 14.395  7.193   9.383   1.00 22.55 ? 142 GLU A OE1 1 
ATOM   1137 O  OE2 . GLU A 1 142 ? 14.466  6.688   7.247   1.00 18.85 ? 142 GLU A OE2 1 
ATOM   1138 N  N   . CYS A 1 143 ? 10.806  2.520   9.500   1.00 16.14 ? 143 CYS A N   1 
ATOM   1139 C  CA  . CYS A 1 143 ? 10.455  1.411   10.353  1.00 15.08 ? 143 CYS A CA  1 
ATOM   1140 C  C   . CYS A 1 143 ? 11.173  0.112   9.953   1.00 20.29 ? 143 CYS A C   1 
ATOM   1141 O  O   . CYS A 1 143 ? 11.601  -0.615  10.819  1.00 18.35 ? 143 CYS A O   1 
ATOM   1142 C  CB  . CYS A 1 143 ? 8.940   1.243   10.434  1.00 12.64 ? 143 CYS A CB  1 
ATOM   1143 S  SG  . CYS A 1 143 ? 8.169   2.671   11.191  1.00 16.49 ? 143 CYS A SG  1 
ATOM   1144 N  N   . LEU A 1 144 ? 11.313  -0.167  8.651   1.00 16.44 ? 144 LEU A N   1 
ATOM   1145 C  CA  . LEU A 1 144 ? 11.989  -1.407  8.207   1.00 13.93 ? 144 LEU A CA  1 
ATOM   1146 C  C   . LEU A 1 144 ? 13.442  -1.436  8.644   1.00 18.46 ? 144 LEU A C   1 
ATOM   1147 O  O   . LEU A 1 144 ? 13.981  -2.518  8.884   1.00 25.02 ? 144 LEU A O   1 
ATOM   1148 C  CB  . LEU A 1 144 ? 11.931  -1.555  6.681   1.00 17.52 ? 144 LEU A CB  1 
ATOM   1149 C  CG  . LEU A 1 144 ? 10.535  -1.878  6.140   1.00 21.95 ? 144 LEU A CG  1 
ATOM   1150 C  CD1 . LEU A 1 144 ? 10.624  -2.076  4.612   1.00 21.34 ? 144 LEU A CD1 1 
ATOM   1151 C  CD2 . LEU A 1 144 ? 9.927   -3.082  6.880   1.00 19.26 ? 144 LEU A CD2 1 
ATOM   1152 N  N   . ASP A 1 145 ? 14.033  -0.254  8.767   1.00 17.52 ? 145 ASP A N   1 
ATOM   1153 C  CA  . ASP A 1 145 ? 15.447  -0.125  9.125   1.00 19.32 ? 145 ASP A CA  1 
ATOM   1154 C  C   . ASP A 1 145 ? 15.646  0.150   10.627  1.00 21.46 ? 145 ASP A C   1 
ATOM   1155 O  O   . ASP A 1 145 ? 16.695  0.653   11.016  1.00 22.63 ? 145 ASP A O   1 
ATOM   1156 C  CB  . ASP A 1 145 ? 16.175  0.879   8.235   1.00 20.35 ? 145 ASP A CB  1 
ATOM   1157 C  CG  . ASP A 1 145 ? 17.678  0.545   8.080   1.00 31.80 ? 145 ASP A CG  1 
ATOM   1158 O  OD1 . ASP A 1 145 ? 18.105  -0.636  8.260   1.00 30.12 ? 145 ASP A OD1 1 
ATOM   1159 O  OD2 . ASP A 1 145 ? 18.436  1.485   7.793   1.00 30.65 ? 145 ASP A OD2 1 
ATOM   1160 N  N   . GLY A 1 146 ? 14.625  -0.199  11.438  1.00 22.46 ? 146 GLY A N   1 
ATOM   1161 C  CA  . GLY A 1 146 ? 14.688  -0.079  12.905  1.00 22.88 ? 146 GLY A CA  1 
ATOM   1162 C  C   . GLY A 1 146 ? 14.660  1.342   13.465  1.00 26.52 ? 146 GLY A C   1 
ATOM   1163 O  O   . GLY A 1 146 ? 15.107  1.604   14.602  1.00 25.22 ? 146 GLY A O   1 
ATOM   1164 N  N   . ARG A 1 147 ? 14.125  2.272   12.688  1.00 21.97 ? 147 ARG A N   1 
ATOM   1165 C  CA  . ARG A 1 147 ? 13.900  3.627   13.176  1.00 21.71 ? 147 ARG A CA  1 
ATOM   1166 C  C   . ARG A 1 147 ? 12.404  4.025   13.281  1.00 19.37 ? 147 ARG A C   1 
ATOM   1167 O  O   . ARG A 1 147 ? 12.005  5.134   12.892  1.00 23.01 ? 147 ARG A O   1 
ATOM   1168 C  CB  . ARG A 1 147 ? 14.696  4.611   12.331  1.00 20.88 ? 147 ARG A CB  1 
ATOM   1169 C  CG  . ARG A 1 147 ? 16.224  4.304   12.336  1.00 25.84 ? 147 ARG A CG  1 
ATOM   1170 C  CD  . ARG A 1 147 ? 17.051  5.311   11.532  1.00 27.14 ? 147 ARG A CD  1 
ATOM   1171 N  NE  . ARG A 1 147 ? 16.590  5.439   10.147  1.00 29.27 ? 147 ARG A NE  1 
ATOM   1172 C  CZ  . ARG A 1 147 ? 16.943  4.637   9.143   1.00 34.88 ? 147 ARG A CZ  1 
ATOM   1173 N  NH1 . ARG A 1 147 ? 17.799  3.632   9.360   1.00 30.38 ? 147 ARG A NH1 1 
ATOM   1174 N  NH2 . ARG A 1 147 ? 16.454  4.849   7.913   1.00 24.23 ? 147 ARG A NH2 1 
ATOM   1175 N  N   . CYS A 1 148 ? 11.618  3.132   13.853  1.00 21.72 ? 148 CYS A N   1 
ATOM   1176 C  CA  . CYS A 1 148 ? 10.180  3.317   13.911  1.00 21.31 ? 148 CYS A CA  1 
ATOM   1177 C  C   . CYS A 1 148 ? 9.758   4.083   15.150  1.00 30.84 ? 148 CYS A C   1 
ATOM   1178 O  O   . CYS A 1 148 ? 8.837   4.896   15.090  1.00 23.67 ? 148 CYS A O   1 
ATOM   1179 C  CB  . CYS A 1 148 ? 9.473   1.972   13.838  1.00 19.13 ? 148 CYS A CB  1 
ATOM   1180 S  SG  . CYS A 1 148 ? 7.819   2.038   13.091  1.00 20.86 ? 148 CYS A SG  1 
ATOM   1181 N  N   . SER A 1 149 ? 10.458  3.865   16.268  1.00 34.12 ? 149 SER A N   1 
ATOM   1182 C  CA  . SER A 1 149 ? 10.050  4.493   17.527  1.00 35.16 ? 149 SER A CA  1 
ATOM   1183 C  C   . SER A 1 149 ? 9.983   6.032   17.431  1.00 35.26 ? 149 SER A C   1 
ATOM   1184 O  O   . SER A 1 149 ? 9.254   6.665   18.201  1.00 39.39 ? 149 SER A O   1 
ATOM   1185 C  CB  . SER A 1 149 ? 10.945  4.023   18.686  1.00 38.00 ? 149 SER A CB  1 
ATOM   1186 O  OG  . SER A 1 149 ? 12.306  4.336   18.447  1.00 45.37 ? 149 SER A OG  1 
ATOM   1187 N  N   . GLN A 1 150 ? 10.705  6.618   16.473  1.00 31.64 ? 150 GLN A N   1 
ATOM   1188 C  CA  . GLN A 1 150 ? 10.690  8.075   16.191  1.00 39.05 ? 150 GLN A CA  1 
ATOM   1189 C  C   . GLN A 1 150 ? 9.309   8.722   15.929  1.00 44.05 ? 150 GLN A C   1 
ATOM   1190 O  O   . GLN A 1 150 ? 9.147   9.948   16.086  1.00 42.89 ? 150 GLN A O   1 
ATOM   1191 C  CB  . GLN A 1 150 ? 11.648  8.436   15.031  1.00 34.95 ? 150 GLN A CB  1 
ATOM   1192 C  CG  . GLN A 1 150 ? 11.139  8.107   13.620  1.00 36.37 ? 150 GLN A CG  1 
ATOM   1193 C  CD  . GLN A 1 150 ? 11.944  8.763   12.512  1.00 37.90 ? 150 GLN A CD  1 
ATOM   1194 O  OE1 . GLN A 1 150 ? 11.919  9.986   12.361  1.00 42.23 ? 150 GLN A OE1 1 
ATOM   1195 N  NE2 . GLN A 1 150 ? 12.645  7.943   11.700  1.00 28.50 ? 150 GLN A NE2 1 
ATOM   1196 N  N   . PHE A 1 151 ? 8.345   7.903   15.509  1.00 37.25 ? 151 PHE A N   1 
ATOM   1197 C  CA  . PHE A 1 151 ? 7.016   8.377   15.127  1.00 35.35 ? 151 PHE A CA  1 
ATOM   1198 C  C   . PHE A 1 151 ? 6.030   8.301   16.280  1.00 28.33 ? 151 PHE A C   1 
ATOM   1199 O  O   . PHE A 1 151 ? 4.872   8.745   16.160  1.00 32.74 ? 151 PHE A O   1 
ATOM   1200 C  CB  . PHE A 1 151 ? 6.493   7.572   13.905  1.00 28.05 ? 151 PHE A CB  1 
ATOM   1201 C  CG  . PHE A 1 151 ? 7.422   7.628   12.717  1.00 16.99 ? 151 PHE A CG  1 
ATOM   1202 C  CD1 . PHE A 1 151 ? 7.663   8.831   12.063  1.00 16.70 ? 151 PHE A CD1 1 
ATOM   1203 C  CD2 . PHE A 1 151 ? 8.092   6.483   12.280  1.00 18.84 ? 151 PHE A CD2 1 
ATOM   1204 C  CE1 . PHE A 1 151 ? 8.528   8.906   10.992  1.00 21.43 ? 151 PHE A CE1 1 
ATOM   1205 C  CE2 . PHE A 1 151 ? 8.937   6.541   11.188  1.00 15.48 ? 151 PHE A CE2 1 
ATOM   1206 C  CZ  . PHE A 1 151 ? 9.181   7.779   10.555  1.00 18.81 ? 151 PHE A CZ  1 
ATOM   1207 N  N   . SER A 1 152 ? 6.470   7.714   17.387  1.00 30.05 ? 152 SER A N   1 
ATOM   1208 C  CA  . SER A 1 152 ? 5.592   7.579   18.552  1.00 37.39 ? 152 SER A CA  1 
ATOM   1209 C  C   . SER A 1 152 ? 5.362   8.956   19.187  1.00 38.62 ? 152 SER A C   1 
ATOM   1210 O  O   . SER A 1 152 ? 5.936   9.967   18.760  1.00 40.37 ? 152 SER A O   1 
ATOM   1211 C  CB  . SER A 1 152 ? 6.165   6.576   19.545  1.00 41.85 ? 152 SER A CB  1 
ATOM   1212 O  OG  . SER A 1 152 ? 6.307   5.304   18.937  1.00 42.46 ? 152 SER A OG  1 
ATOM   1213 O  OXT . SER A 1 152 ? 4.575   9.131   20.107  1.00 40.77 ? 152 SER A OXT 1 
HETATM 1214 C  CHA . HEM B 2 .   ? 1.947   -9.451  5.745   1.00 25.91 ? 153 HEM A CHA 1 
HETATM 1215 C  CHB . HEM B 2 .   ? 0.378   -5.006  4.481   1.00 13.75 ? 153 HEM A CHB 1 
HETATM 1216 C  CHC . HEM B 2 .   ? 3.622   -4.842  0.871   1.00 17.14 ? 153 HEM A CHC 1 
HETATM 1217 C  CHD . HEM B 2 .   ? 4.972   -9.409  1.877   1.00 12.58 ? 153 HEM A CHD 1 
HETATM 1218 C  C1A . HEM B 2 .   ? 1.190   -8.264  5.753   1.00 27.92 ? 153 HEM A C1A 1 
HETATM 1219 C  C2A . HEM B 2 .   ? 0.051   -7.885  6.624   1.00 29.95 ? 153 HEM A C2A 1 
HETATM 1220 C  C3A . HEM B 2 .   ? -0.368  -6.656  6.255   1.00 22.01 ? 153 HEM A C3A 1 
HETATM 1221 C  C4A . HEM B 2 .   ? 0.481   -6.211  5.149   1.00 16.44 ? 153 HEM A C4A 1 
HETATM 1222 C  CMA . HEM B 2 .   ? -1.513  -5.816  6.874   1.00 17.42 ? 153 HEM A CMA 1 
HETATM 1223 C  CAA . HEM B 2 .   ? -0.608  -8.759  7.749   1.00 30.58 ? 153 HEM A CAA 1 
HETATM 1224 C  CBA . HEM B 2 .   ? 0.180   -8.822  9.037   1.00 46.61 ? 153 HEM A CBA 1 
HETATM 1225 C  CGA . HEM B 2 .   ? 1.574   -9.213  8.660   1.00 47.24 ? 153 HEM A CGA 1 
HETATM 1226 O  O1A . HEM B 2 .   ? 2.367   -8.263  8.399   1.00 49.09 ? 153 HEM A O1A 1 
HETATM 1227 O  O2A . HEM B 2 .   ? 1.885   -10.447 8.606   1.00 49.26 ? 153 HEM A O2A 1 
HETATM 1228 C  C1B . HEM B 2 .   ? 1.117   -4.549  3.421   1.00 16.88 ? 153 HEM A C1B 1 
HETATM 1229 C  C2B . HEM B 2 .   ? 1.037   -3.244  2.781   1.00 12.80 ? 153 HEM A C2B 1 
HETATM 1230 C  C3B . HEM B 2 .   ? 1.957   -3.182  1.812   1.00 13.84 ? 153 HEM A C3B 1 
HETATM 1231 C  C4B . HEM B 2 .   ? 2.649   -4.459  1.758   1.00 16.28 ? 153 HEM A C4B 1 
HETATM 1232 C  CMB . HEM B 2 .   ? 0.086   -2.125  3.245   1.00 10.94 ? 153 HEM A CMB 1 
HETATM 1233 C  CAB . HEM B 2 .   ? 2.254   -2.012  0.855   1.00 14.25 ? 153 HEM A CAB 1 
HETATM 1234 C  CBB . HEM B 2 .   ? 3.535   -1.640  0.722   1.00 19.68 ? 153 HEM A CBB 1 
HETATM 1235 C  C1C . HEM B 2 .   ? 4.153   -6.117  0.713   1.00 13.29 ? 153 HEM A C1C 1 
HETATM 1236 C  C2C . HEM B 2 .   ? 4.898   -6.630  -0.439  1.00 12.47 ? 153 HEM A C2C 1 
HETATM 1237 C  C3C . HEM B 2 .   ? 5.282   -7.907  -0.163  1.00 10.58 ? 153 HEM A C3C 1 
HETATM 1238 C  C4C . HEM B 2 .   ? 4.782   -8.238  1.155   1.00 13.43 ? 153 HEM A C4C 1 
HETATM 1239 C  CMC . HEM B 2 .   ? 5.183   -5.854  -1.736  1.00 15.19 ? 153 HEM A CMC 1 
HETATM 1240 C  CAC . HEM B 2 .   ? 6.098   -8.836  -1.112  1.00 13.17 ? 153 HEM A CAC 1 
HETATM 1241 C  CBC . HEM B 2 .   ? 6.971   -8.609  -2.623  0.00 18.41 ? 153 HEM A CBC 1 
HETATM 1242 C  C1D . HEM B 2 .   ? 4.276   -9.871  2.958   1.00 22.66 ? 153 HEM A C1D 1 
HETATM 1243 C  C2D . HEM B 2 .   ? 4.199   -11.272 3.358   1.00 24.15 ? 153 HEM A C2D 1 
HETATM 1244 C  C3D . HEM B 2 .   ? 3.244   -11.341 4.579   1.00 30.28 ? 153 HEM A C3D 1 
HETATM 1245 C  C4D . HEM B 2 .   ? 2.832   -9.940  4.781   1.00 27.46 ? 153 HEM A C4D 1 
HETATM 1246 C  CMD . HEM B 2 .   ? 4.958   -12.421 2.659   1.00 24.51 ? 153 HEM A CMD 1 
HETATM 1247 C  CAD . HEM B 2 .   ? 2.785   -12.654 5.331   1.00 31.98 ? 153 HEM A CAD 1 
HETATM 1248 C  CBD . HEM B 2 .   ? 1.981   -13.497 4.272   1.00 29.47 ? 153 HEM A CBD 1 
HETATM 1249 C  CGD . HEM B 2 .   ? 0.975   -14.597 4.660   1.00 47.91 ? 153 HEM A CGD 1 
HETATM 1250 O  O1D . HEM B 2 .   ? -0.277  -14.380 4.778   1.00 36.56 ? 153 HEM A O1D 1 
HETATM 1251 O  O2D . HEM B 2 .   ? 1.390   -15.783 4.802   1.00 45.40 ? 153 HEM A O2D 1 
HETATM 1252 N  NA  . HEM B 2 .   ? 1.404   -7.211  4.868   1.00 17.16 ? 153 HEM A NA  1 
HETATM 1253 N  NB  . HEM B 2 .   ? 2.113   -5.225  2.768   1.00 11.36 ? 153 HEM A NB  1 
HETATM 1254 N  NC  . HEM B 2 .   ? 4.100   -7.130  1.637   1.00 16.47 ? 153 HEM A NC  1 
HETATM 1255 N  ND  . HEM B 2 .   ? 3.463   -9.132  3.807   1.00 16.61 ? 153 HEM A ND  1 
HETATM 1256 FE FE  . HEM B 2 .   ? 2.685   -7.193  3.165   1.00 17.43 ? 153 HEM A FE  1 
HETATM 1257 C  C   . CMO C 3 .   ? 1.297   -7.994  2.174   1.00 12.61 ? 154 CMO A C   1 
HETATM 1258 O  O   . CMO C 3 .   ? 0.658   -8.299  1.218   1.00 20.06 ? 154 CMO A O   1 
HETATM 1259 O  O   . HOH D 4 .   ? -8.027  -12.004 -11.479 1.00 35.70 ? 155 HOH A O   1 
HETATM 1260 O  O   . HOH D 4 .   ? 15.507  -1.909  4.780   1.00 28.83 ? 156 HOH A O   1 
HETATM 1261 O  O   . HOH D 4 .   ? 12.159  -14.586 4.632   1.00 47.43 ? 157 HOH A O   1 
HETATM 1262 O  O   . HOH D 4 .   ? 4.640   -23.053 5.241   1.00 35.37 ? 158 HOH A O   1 
HETATM 1263 O  O   . HOH D 4 .   ? 3.171   6.325   -13.848 1.00 42.94 ? 159 HOH A O   1 
HETATM 1264 O  O   . HOH D 4 .   ? 15.152  -0.892  -7.532  1.00 39.96 ? 160 HOH A O   1 
HETATM 1265 O  O   . HOH D 4 .   ? 10.780  -6.610  -12.785 1.00 31.31 ? 161 HOH A O   1 
HETATM 1266 O  O   . HOH D 4 .   ? -10.853 -2.888  5.407   1.00 38.13 ? 162 HOH A O   1 
HETATM 1267 O  O   . HOH D 4 .   ? -15.443 -1.906  0.126   1.00 27.05 ? 163 HOH A O   1 
HETATM 1268 O  O   . HOH D 4 .   ? -11.863 -5.616  1.827   1.00 53.75 ? 164 HOH A O   1 
HETATM 1269 O  O   . HOH D 4 .   ? 4.368   -14.846 5.111   1.00 31.12 ? 165 HOH A O   1 
HETATM 1270 O  O   . HOH D 4 .   ? 8.936   -13.305 2.442   1.00 27.63 ? 166 HOH A O   1 
HETATM 1271 O  O   . HOH D 4 .   ? 11.892  9.500   1.762   1.00 40.99 ? 167 HOH A O   1 
HETATM 1272 O  O   . HOH D 4 .   ? 15.881  9.293   9.825   1.00 38.73 ? 168 HOH A O   1 
HETATM 1273 O  O   . HOH D 4 .   ? 15.911  2.786   5.255   1.00 42.20 ? 169 HOH A O   1 
HETATM 1274 O  O   . HOH D 4 .   ? -10.057 12.493  -14.379 1.00 42.01 ? 170 HOH A O   1 
HETATM 1275 O  O   . HOH D 4 .   ? 8.655   -1.687  13.220  1.00 38.50 ? 171 HOH A O   1 
HETATM 1276 O  O   . HOH D 4 .   ? -6.396  4.883   13.393  1.00 33.17 ? 172 HOH A O   1 
HETATM 1277 O  O   . HOH D 4 .   ? 13.415  2.718   16.654  1.00 33.59 ? 173 HOH A O   1 
HETATM 1278 O  O   . HOH D 4 .   ? 19.325  9.032   12.908  1.00 49.73 ? 174 HOH A O   1 
HETATM 1279 O  O   . HOH D 4 .   ? 18.122  8.356   10.963  1.00 36.58 ? 175 HOH A O   1 
HETATM 1280 O  O   . HOH D 4 .   ? -0.605  11.520  -12.664 1.00 28.51 ? 176 HOH A O   1 
HETATM 1281 O  O   . HOH D 4 .   ? 21.210  -0.541  16.316  1.00 48.09 ? 177 HOH A O   1 
HETATM 1282 O  O   . HOH D 4 .   ? -8.380  -9.411  -11.946 1.00 40.79 ? 178 HOH A O   1 
HETATM 1283 O  O   . HOH D 4 .   ? -0.459  -24.016 -0.927  1.00 49.74 ? 179 HOH A O   1 
HETATM 1284 O  O   . HOH D 4 .   ? 5.326   -18.880 -6.382  1.00 26.07 ? 180 HOH A O   1 
HETATM 1285 O  O   . HOH D 4 .   ? 10.197  6.143   -1.638  1.00 28.58 ? 181 HOH A O   1 
HETATM 1286 O  O   . HOH D 4 .   ? -5.739  23.707  2.301   1.00 39.29 ? 182 HOH A O   1 
HETATM 1287 O  O   . HOH D 4 .   ? 8.791   -7.328  -14.329 1.00 30.02 ? 183 HOH A O   1 
HETATM 1288 O  O   . HOH D 4 .   ? -0.116  -5.490  10.761  1.00 33.43 ? 184 HOH A O   1 
HETATM 1289 O  O   . HOH D 4 .   ? -0.615  -13.407 -20.317 1.00 28.79 ? 185 HOH A O   1 
HETATM 1290 O  O   . HOH D 4 .   ? 10.073  10.727  -1.267  1.00 49.03 ? 186 HOH A O   1 
HETATM 1291 O  O   . HOH D 4 .   ? -10.537 0.365   6.725   1.00 28.57 ? 187 HOH A O   1 
HETATM 1292 O  O   . HOH D 4 .   ? -7.691  12.199  8.946   1.00 39.68 ? 188 HOH A O   1 
HETATM 1293 O  O   . HOH D 4 .   ? 2.989   -22.863 -1.146  1.00 31.02 ? 189 HOH A O   1 
HETATM 1294 O  O   . HOH D 4 .   ? 4.484   14.402  1.383   1.00 31.57 ? 190 HOH A O   1 
HETATM 1295 O  O   . HOH D 4 .   ? 14.360  -10.140 -3.192  1.00 46.56 ? 191 HOH A O   1 
HETATM 1296 O  O   . HOH D 4 .   ? -7.646  -20.187 0.462   1.00 36.02 ? 192 HOH A O   1 
HETATM 1297 O  O   . HOH D 4 .   ? -1.836  8.000   17.085  1.00 34.75 ? 193 HOH A O   1 
HETATM 1298 O  O   . HOH D 4 .   ? -3.372  -7.623  9.748   1.00 42.28 ? 194 HOH A O   1 
HETATM 1299 O  O   . HOH D 4 .   ? -8.128  -9.443  3.842   1.00 31.19 ? 195 HOH A O   1 
HETATM 1300 O  O   . HOH D 4 .   ? -7.497  -5.902  -14.993 1.00 46.11 ? 196 HOH A O   1 
HETATM 1301 O  O   . HOH D 4 .   ? 13.371  7.245   2.577   1.00 31.62 ? 197 HOH A O   1 
HETATM 1302 O  O   . HOH D 4 .   ? -13.484 -12.453 -7.512  1.00 40.35 ? 198 HOH A O   1 
HETATM 1303 O  O   . HOH D 4 .   ? -13.704 -5.073  -8.413  1.00 37.18 ? 199 HOH A O   1 
HETATM 1304 O  O   . HOH D 4 .   ? 9.339   9.158   -4.117  1.00 41.74 ? 200 HOH A O   1 
HETATM 1305 O  O   . HOH D 4 .   ? -15.183 -8.681  -5.805  1.00 38.43 ? 201 HOH A O   1 
HETATM 1306 O  O   . HOH D 4 .   ? 1.645   5.354   19.612  1.00 41.79 ? 202 HOH A O   1 
HETATM 1307 O  O   . HOH D 4 .   ? -11.957 13.154  -7.728  1.00 45.10 ? 203 HOH A O   1 
HETATM 1308 O  O   . HOH D 4 .   ? -2.077  0.128   19.938  1.00 40.68 ? 204 HOH A O   1 
HETATM 1309 O  O   . HOH D 4 .   ? 12.827  -1.407  -8.829  1.00 46.20 ? 205 HOH A O   1 
HETATM 1310 O  O   . HOH D 4 .   ? -6.500  12.308  -16.542 1.00 40.59 ? 206 HOH A O   1 
HETATM 1311 O  O   . HOH D 4 .   ? 10.795  6.339   1.021   1.00 38.20 ? 207 HOH A O   1 
HETATM 1312 O  O   . HOH D 4 .   ? 12.296  -15.219 -0.702  1.00 52.80 ? 208 HOH A O   1 
HETATM 1313 O  O   . HOH D 4 .   ? -14.008 10.881  -5.763  1.00 34.25 ? 209 HOH A O   1 
HETATM 1314 O  O   . HOH D 4 .   ? -10.763 -16.154 4.169   1.00 27.15 ? 210 HOH A O   1 
HETATM 1315 O  O   . HOH D 4 .   ? 13.493  -3.492  2.854   1.00 51.25 ? 211 HOH A O   1 
HETATM 1316 O  O   . HOH D 4 .   ? -3.141  10.078  17.042  1.00 33.70 ? 212 HOH A O   1 
HETATM 1317 O  O   . HOH D 4 .   ? 19.808  6.271   8.015   1.00 41.13 ? 213 HOH A O   1 
HETATM 1318 O  O   . HOH D 4 .   ? -5.675  22.073  -3.923  1.00 37.27 ? 214 HOH A O   1 
HETATM 1319 O  O   . HOH D 4 .   ? -8.981  19.376  -8.175  1.00 38.03 ? 215 HOH A O   1 
HETATM 1320 O  O   . HOH D 4 .   ? -9.882  -0.966  12.689  1.00 49.15 ? 216 HOH A O   1 
HETATM 1321 O  O   . HOH D 4 .   ? -3.880  -0.518  -14.397 1.00 32.97 ? 217 HOH A O   1 
HETATM 1322 O  O   . HOH D 4 .   ? -18.363 7.868   -0.346  1.00 45.82 ? 218 HOH A O   1 
HETATM 1323 O  O   . HOH D 4 .   ? -4.660  1.463   16.832  1.00 38.34 ? 219 HOH A O   1 
HETATM 1324 O  O   . HOH D 4 .   ? -2.686  -21.798 -14.653 1.00 34.40 ? 220 HOH A O   1 
HETATM 1325 O  O   . HOH D 4 .   ? -11.070 21.411  0.260   1.00 36.97 ? 221 HOH A O   1 
HETATM 1326 O  O   . HOH D 4 .   ? 12.025  -5.612  15.183  1.00 46.36 ? 222 HOH A O   1 
HETATM 1327 O  O   . HOH D 4 .   ? -9.536  -22.891 -3.305  1.00 51.24 ? 223 HOH A O   1 
HETATM 1328 O  O   . HOH D 4 .   ? 19.392  2.298   11.617  1.00 37.82 ? 224 HOH A O   1 
HETATM 1329 O  O   . HOH D 4 .   ? -4.944  18.651  -14.846 1.00 37.24 ? 225 HOH A O   1 
HETATM 1330 O  O   . HOH D 4 .   ? 13.643  -7.272  -9.528  1.00 48.39 ? 226 HOH A O   1 
HETATM 1331 O  O   . HOH D 4 .   ? 16.918  7.916   5.515   1.00 41.57 ? 227 HOH A O   1 
HETATM 1332 O  O   . HOH D 4 .   ? 1.551   0.940   17.951  1.00 41.00 ? 228 HOH A O   1 
HETATM 1333 O  O   . HOH D 4 .   ? 18.129  8.300   8.170   1.00 49.36 ? 229 HOH A O   1 
HETATM 1334 O  O   . HOH D 4 .   ? 0.842   -2.197  18.238  1.00 62.35 ? 230 HOH A O   1 
HETATM 1335 O  O   . HOH D 4 .   ? 13.959  -5.131  -6.658  1.00 29.91 ? 231 HOH A O   1 
HETATM 1336 O  O   . HOH D 4 .   ? -10.762 -2.483  -10.239 1.00 48.84 ? 232 HOH A O   1 
HETATM 1337 O  O   . HOH D 4 .   ? -2.159  -16.832 4.835   1.00 49.06 ? 233 HOH A O   1 
HETATM 1338 O  O   . HOH D 4 .   ? 13.509  -4.526  5.182   1.00 44.68 ? 234 HOH A O   1 
HETATM 1339 O  O   . HOH D 4 .   ? -15.748 10.629  -0.483  1.00 52.20 ? 235 HOH A O   1 
HETATM 1340 O  O   . HOH D 4 .   ? -1.784  7.113   -14.014 1.00 39.41 ? 236 HOH A O   1 
HETATM 1341 O  O   . HOH D 4 .   ? -10.470 14.266  -11.536 1.00 37.67 ? 237 HOH A O   1 
HETATM 1342 O  O   . HOH D 4 .   ? 8.149   -1.628  -13.845 1.00 41.53 ? 238 HOH A O   1 
HETATM 1343 O  O   . HOH D 4 .   ? -9.288  14.218  7.225   1.00 46.57 ? 239 HOH A O   1 
HETATM 1344 O  O   . HOH D 4 .   ? 11.041  -14.897 1.876   1.00 39.27 ? 240 HOH A O   1 
HETATM 1345 O  O   . HOH D 4 .   ? -15.511 -4.907  -2.852  1.00 32.27 ? 241 HOH A O   1 
HETATM 1346 O  O   . HOH D 4 .   ? 13.433  -1.634  16.301  1.00 40.45 ? 242 HOH A O   1 
HETATM 1347 O  O   . HOH D 4 .   ? -6.921  -3.929  -14.122 1.00 30.47 ? 243 HOH A O   1 
HETATM 1348 O  O   . HOH D 4 .   ? -0.221  -18.534 6.174   1.00 45.91 ? 244 HOH A O   1 
HETATM 1349 O  O   . HOH D 4 .   ? 9.326   18.003  6.784   1.00 46.22 ? 245 HOH A O   1 
HETATM 1350 O  O   . HOH D 4 .   ? 6.400   6.850   -13.989 1.00 43.65 ? 246 HOH A O   1 
HETATM 1351 O  O   . HOH D 4 .   ? -6.450  17.013  -16.302 1.00 37.08 ? 247 HOH A O   1 
HETATM 1352 O  O   . HOH D 4 .   ? -14.298 -13.227 -4.758  1.00 40.75 ? 248 HOH A O   1 
HETATM 1353 O  O   . HOH D 4 .   ? -1.646  15.979  6.516   1.00 44.62 ? 249 HOH A O   1 
HETATM 1354 O  O   . HOH D 4 .   ? 12.930  6.114   5.032   1.00 36.73 ? 250 HOH A O   1 
HETATM 1355 O  O   . HOH D 4 .   ? 12.995  5.730   -0.261  1.00 58.91 ? 251 HOH A O   1 
HETATM 1356 O  O   . HOH D 4 .   ? 10.421  -1.853  -11.724 1.00 40.24 ? 252 HOH A O   1 
HETATM 1357 O  O   . HOH D 4 .   ? -6.712  14.686  -16.790 1.00 41.69 ? 253 HOH A O   1 
HETATM 1358 O  O   . HOH D 4 .   ? -0.039  -14.787 8.380   1.00 49.38 ? 254 HOH A O   1 
HETATM 1359 O  O   . HOH D 4 .   ? 8.765   1.471   -13.129 1.00 55.41 ? 255 HOH A O   1 
HETATM 1360 O  O   . HOH D 4 .   ? 15.094  9.404   3.357   1.00 46.76 ? 256 HOH A O   1 
HETATM 1361 O  O   . HOH D 4 .   ? 3.620   -9.395  -17.376 1.00 34.90 ? 257 HOH A O   1 
HETATM 1362 O  O   . HOH D 4 .   ? -12.596 -16.197 -0.320  1.00 49.12 ? 258 HOH A O   1 
HETATM 1363 O  O   . HOH D 4 .   ? 17.415  0.568   -7.870  1.00 49.14 ? 259 HOH A O   1 
HETATM 1364 O  O   . HOH D 4 .   ? -5.539  7.470   -17.168 1.00 39.67 ? 260 HOH A O   1 
HETATM 1365 O  O   . HOH D 4 .   ? -11.154 -13.472 -8.037  1.00 50.90 ? 261 HOH A O   1 
HETATM 1366 O  O   . HOH D 4 .   ? -7.772  8.665   -17.672 1.00 46.60 ? 262 HOH A O   1 
HETATM 1367 O  O   . HOH D 4 .   ? -3.709  -23.323 -3.368  1.00 40.66 ? 263 HOH A O   1 
HETATM 1368 O  O   . HOH D 4 .   ? -8.705  -6.876  4.762   1.00 38.56 ? 264 HOH A O   1 
HETATM 1369 O  O   . HOH D 4 .   ? -8.990  16.862  -14.384 1.00 36.65 ? 265 HOH A O   1 
HETATM 1370 O  O   . HOH D 4 .   ? -7.773  4.741   15.298  1.00 41.52 ? 266 HOH A O   1 
HETATM 1371 O  O   . HOH D 4 .   ? -7.526  -12.585 -13.626 1.00 41.56 ? 267 HOH A O   1 
HETATM 1372 O  O   . HOH D 4 .   ? -12.650 14.370  -10.447 1.00 39.52 ? 268 HOH A O   1 
HETATM 1373 O  O   . HOH D 4 .   ? -10.469 18.072  4.470   1.00 43.05 ? 269 HOH A O   1 
HETATM 1374 O  O   . HOH D 4 .   ? 4.763   -2.115  19.364  1.00 44.59 ? 270 HOH A O   1 
HETATM 1375 O  O   . HOH D 4 .   ? 5.304   -18.293 6.552   1.00 39.23 ? 271 HOH A O   1 
HETATM 1376 O  O   . HOH D 4 .   ? -14.404 13.590  -6.798  1.00 43.22 ? 272 HOH A O   1 
HETATM 1377 O  O   . HOH D 4 .   ? -7.960  0.096   -12.576 1.00 38.80 ? 273 HOH A O   1 
HETATM 1378 O  O   . HOH D 4 .   ? 4.282   -0.633  16.067  1.00 36.32 ? 274 HOH A O   1 
HETATM 1379 O  O   . HOH D 4 .   ? -7.975  21.586  -5.127  1.00 46.73 ? 275 HOH A O   1 
HETATM 1380 O  O   . HOH D 4 .   ? 15.651  -2.775  15.730  1.00 44.81 ? 276 HOH A O   1 
HETATM 1381 O  O   . HOH D 4 .   ? 18.287  -2.323  3.963   1.00 38.05 ? 277 HOH A O   1 
HETATM 1382 O  O   . HOH D 4 .   ? -8.398  -2.480  -9.147  1.00 44.37 ? 278 HOH A O   1 
HETATM 1383 O  O   . HOH D 4 .   ? 12.023  0.569   15.102  1.00 33.76 ? 279 HOH A O   1 
HETATM 1384 O  O   . HOH D 4 .   ? -14.960 16.567  -1.747  1.00 46.19 ? 280 HOH A O   1 
HETATM 1385 O  O   . HOH D 4 .   ? -2.367  -21.388 -2.070  1.00 53.61 ? 281 HOH A O   1 
HETATM 1386 O  O   . HOH D 4 .   ? -7.065  -24.136 -3.112  1.00 51.16 ? 282 HOH A O   1 
HETATM 1387 O  O   . HOH D 4 .   ? 1.683   -14.088 -17.053 1.00 34.03 ? 283 HOH A O   1 
HETATM 1388 O  O   . HOH D 4 .   ? -3.560  17.898  9.862   1.00 36.43 ? 284 HOH A O   1 
HETATM 1389 O  O   . HOH D 4 .   ? 9.088   -9.240  -19.742 1.00 32.04 ? 285 HOH A O   1 
HETATM 1390 O  O   . HOH D 4 .   ? 2.884   -11.520 10.578  1.00 44.31 ? 286 HOH A O   1 
HETATM 1391 O  O   . HOH D 4 .   ? -13.103 -11.516 -2.565  1.00 25.91 ? 287 HOH A O   1 
HETATM 1392 O  O   . HOH D 4 .   ? -6.933  -23.154 -6.493  1.00 43.17 ? 288 HOH A O   1 
HETATM 1393 O  O   . HOH D 4 .   ? -7.451  11.717  -19.534 1.00 41.40 ? 289 HOH A O   1 
HETATM 1394 O  O   . HOH D 4 .   ? -17.511 -11.133 -6.379  1.00 49.25 ? 290 HOH A O   1 
HETATM 1395 O  O   . HOH D 4 .   ? 21.523  5.798   15.952  1.00 42.38 ? 291 HOH A O   1 
HETATM 1396 O  O   . HOH D 4 .   ? 13.000  -0.640  -11.471 1.00 55.49 ? 292 HOH A O   1 
HETATM 1397 O  O   . HOH D 4 .   ? 15.154  -3.754  13.130  1.00 47.74 ? 293 HOH A O   1 
HETATM 1398 O  O   . HOH D 4 .   ? 20.745  5.956   10.714  1.00 34.60 ? 294 HOH A O   1 
HETATM 1399 O  O   . HOH D 4 .   ? -17.285 6.571   -7.533  1.00 54.66 ? 295 HOH A O   1 
HETATM 1400 O  O   . HOH D 4 .   ? -11.454 0.069   -8.661  1.00 56.86 ? 296 HOH A O   1 
HETATM 1401 O  O   . HOH D 4 .   ? -3.938  8.930   -14.685 1.00 44.95 ? 297 HOH A O   1 
HETATM 1402 O  O   . HOH D 4 .   ? -2.224  18.797  7.230   1.00 42.23 ? 298 HOH A O   1 
HETATM 1403 O  O   . HOH D 4 .   ? 15.751  -5.459  1.322   1.00 40.65 ? 299 HOH A O   1 
HETATM 1404 O  O   . HOH D 4 .   ? 14.664  -18.041 -2.265  1.00 45.02 ? 300 HOH A O   1 
HETATM 1405 O  O   . HOH D 4 .   ? 7.076   -7.555  -20.599 1.00 49.19 ? 301 HOH A O   1 
HETATM 1406 O  O   . HOH D 4 .   ? -6.074  -21.263 -0.126  1.00 39.85 ? 302 HOH A O   1 
HETATM 1407 O  O   . HOH D 4 .   ? 0.802   -0.095  -15.732 1.00 35.88 ? 303 HOH A O   1 
HETATM 1408 O  O   . HOH D 4 .   ? 17.830  -3.271  10.071  1.00 50.00 ? 304 HOH A O   1 
HETATM 1409 O  O   . HOH D 4 .   ? 6.938   3.450   -12.674 1.00 54.69 ? 305 HOH A O   1 
HETATM 1410 O  O   . HOH D 4 .   ? 18.510  -3.621  -6.953  1.00 47.81 ? 306 HOH A O   1 
HETATM 1411 O  O   . HOH D 4 .   ? -6.271  -0.516  -14.490 1.00 47.96 ? 307 HOH A O   1 
HETATM 1412 O  O   . HOH D 4 .   ? 8.377   19.840  5.212   1.00 52.82 ? 308 HOH A O   1 
HETATM 1413 O  O   . HOH D 4 .   ? -1.013  -7.423  -18.831 1.00 48.18 ? 309 HOH A O   1 
HETATM 1414 O  O   . HOH D 4 .   ? 5.379   -10.128 -20.463 1.00 52.74 ? 310 HOH A O   1 
HETATM 1415 O  O   . HOH D 4 .   ? -8.407  21.496  -7.898  1.00 53.59 ? 311 HOH A O   1 
HETATM 1416 O  O   . HOH D 4 .   ? 15.602  -6.517  3.838   1.00 51.74 ? 312 HOH A O   1 
HETATM 1417 O  O   . HOH D 4 .   ? -12.995 -16.517 5.999   1.00 55.89 ? 313 HOH A O   1 
HETATM 1418 O  O   . HOH D 4 .   ? -8.475  -17.324 3.747   1.00 42.55 ? 314 HOH A O   1 
HETATM 1419 O  O   . HOH D 4 .   ? 18.724  3.518   -8.836  1.00 55.49 ? 315 HOH A O   1 
HETATM 1420 O  O   . HOH D 4 .   ? 3.688   -25.178 -3.438  1.00 45.35 ? 316 HOH A O   1 
HETATM 1421 O  O   . HOH D 4 .   ? -1.453  -9.520  3.866   1.00 29.75 ? 317 HOH A O   1 
HETATM 1422 O  O   . HOH D 4 .   ? -1.961  -1.051  11.128  1.00 19.34 ? 318 HOH A O   1 
HETATM 1423 O  O   . HOH D 4 .   ? 9.437   -6.446  -7.956  1.00 11.78 ? 319 HOH A O   1 
HETATM 1424 O  O   . HOH D 4 .   ? 3.324   -14.645 -10.488 1.00 14.83 ? 320 HOH A O   1 
HETATM 1425 O  O   . HOH D 4 .   ? 3.935   -13.094 -15.175 1.00 15.52 ? 321 HOH A O   1 
HETATM 1426 O  O   . HOH D 4 .   ? -12.783 -12.431 0.008   1.00 48.96 ? 322 HOH A O   1 
HETATM 1427 O  O   . HOH D 4 .   ? 9.633   -10.021 -11.369 1.00 15.59 ? 323 HOH A O   1 
HETATM 1428 O  O   . HOH D 4 .   ? -8.812  -12.818 -7.007  1.00 23.41 ? 324 HOH A O   1 
HETATM 1429 O  O   . HOH D 4 .   ? 0.380   4.860   -5.626  1.00 11.35 ? 325 HOH A O   1 
HETATM 1430 O  O   . HOH D 4 .   ? 3.439   15.138  -4.649  1.00 17.16 ? 326 HOH A O   1 
HETATM 1431 O  O   . HOH D 4 .   ? -0.184  -6.964  -14.869 1.00 18.98 ? 327 HOH A O   1 
HETATM 1432 O  O   . HOH D 4 .   ? -2.468  18.582  -5.443  1.00 16.27 ? 328 HOH A O   1 
HETATM 1433 O  O   . HOH D 4 .   ? 2.747   -18.562 -12.712 1.00 13.19 ? 329 HOH A O   1 
HETATM 1434 O  O   . HOH D 4 .   ? 15.303  -2.281  -4.994  1.00 25.29 ? 330 HOH A O   1 
HETATM 1435 O  O   . HOH D 4 .   ? 2.401   6.578   -6.827  1.00 10.04 ? 331 HOH A O   1 
HETATM 1436 O  O   . HOH D 4 .   ? -12.113 7.666   0.187   1.00 19.91 ? 332 HOH A O   1 
HETATM 1437 O  O   . HOH D 4 .   ? 9.236   8.777   0.436   1.00 21.53 ? 333 HOH A O   1 
HETATM 1438 O  O   . HOH D 4 .   ? -3.624  5.091   14.073  1.00 20.34 ? 334 HOH A O   1 
HETATM 1439 O  O   . HOH D 4 .   ? 7.554   12.503  1.987   1.00 25.89 ? 335 HOH A O   1 
HETATM 1440 O  O   . HOH D 4 .   ? -4.102  -2.866  -11.436 1.00 24.00 ? 336 HOH A O   1 
HETATM 1441 O  O   . HOH D 4 .   ? -1.497  15.907  12.226  1.00 35.49 ? 337 HOH A O   1 
HETATM 1442 O  O   . HOH D 4 .   ? -4.715  -0.750  10.390  1.00 22.07 ? 338 HOH A O   1 
HETATM 1443 O  O   . HOH D 4 .   ? 0.804   15.456  -10.467 1.00 16.11 ? 339 HOH A O   1 
HETATM 1444 O  O   . HOH D 4 .   ? 4.610   -0.563  -10.908 1.00 13.64 ? 340 HOH A O   1 
HETATM 1445 O  O   . HOH D 4 .   ? 11.179  -1.575  13.245  1.00 26.37 ? 341 HOH A O   1 
HETATM 1446 O  O   . HOH D 4 .   ? 0.464   11.677  5.136   1.00 19.95 ? 342 HOH A O   1 
HETATM 1447 O  O   . HOH D 4 .   ? -2.840  -0.017  13.677  1.00 21.80 ? 343 HOH A O   1 
HETATM 1448 O  O   . HOH D 4 .   ? -8.028  0.243   -8.426  1.00 27.35 ? 344 HOH A O   1 
HETATM 1449 O  O   . HOH D 4 .   ? -9.267  -1.713  10.123  1.00 25.98 ? 345 HOH A O   1 
HETATM 1450 O  O   . HOH D 4 .   ? 6.012   -8.594  -16.684 1.00 27.70 ? 346 HOH A O   1 
HETATM 1451 O  O   . HOH D 4 .   ? 7.997   4.907   -3.054  1.00 15.73 ? 347 HOH A O   1 
HETATM 1452 O  O   . HOH D 4 .   ? -5.981  0.809   12.209  1.00 29.12 ? 348 HOH A O   1 
HETATM 1453 O  O   . HOH D 4 .   ? -10.627 8.816   -8.113  1.00 22.98 ? 349 HOH A O   1 
HETATM 1454 O  O   . HOH D 4 .   ? -2.391  -1.173  -12.339 1.00 20.26 ? 350 HOH A O   1 
HETATM 1455 O  O   . HOH D 4 .   ? 12.080  -8.288  -3.143  1.00 18.56 ? 351 HOH A O   1 
HETATM 1456 O  O   . HOH D 4 .   ? -3.136  7.619   -11.092 1.00 21.32 ? 352 HOH A O   1 
HETATM 1457 O  O   . HOH D 4 .   ? 9.092   13.057  -2.215  1.00 31.41 ? 353 HOH A O   1 
HETATM 1458 O  O   . HOH D 4 .   ? -5.637  18.063  -12.543 1.00 23.01 ? 354 HOH A O   1 
HETATM 1459 O  O   . HOH D 4 .   ? -8.527  12.360  -10.662 1.00 15.90 ? 355 HOH A O   1 
HETATM 1460 O  O   . HOH D 4 .   ? -2.598  -8.215  -15.540 1.00 26.72 ? 356 HOH A O   1 
HETATM 1461 O  O   . HOH D 4 .   ? -13.695 21.109  -0.608  1.00 34.72 ? 357 HOH A O   1 
HETATM 1462 O  O   . HOH D 4 .   ? -0.253  14.077  14.834  1.00 28.40 ? 358 HOH A O   1 
HETATM 1463 O  O   . HOH D 4 .   ? 19.329  4.414   6.076   1.00 27.71 ? 359 HOH A O   1 
HETATM 1464 O  O   . HOH D 4 .   ? -9.901  -21.048 -1.239  1.00 26.28 ? 360 HOH A O   1 
HETATM 1465 O  O   . HOH D 4 .   ? -4.084  2.139   14.197  1.00 23.28 ? 361 HOH A O   1 
HETATM 1466 O  O   . HOH D 4 .   ? -0.127  -2.306  -13.522 1.00 20.71 ? 362 HOH A O   1 
HETATM 1467 O  O   . HOH D 4 .   ? 3.834   5.316   -8.846  1.00 21.95 ? 363 HOH A O   1 
HETATM 1468 O  O   . HOH D 4 .   ? -14.791 8.308   0.357   1.00 23.34 ? 364 HOH A O   1 
HETATM 1469 O  O   . HOH D 4 .   ? -6.939  -2.276  -11.861 1.00 29.10 ? 365 HOH A O   1 
HETATM 1470 O  O   . HOH D 4 .   ? -0.471  12.996  7.229   1.00 40.49 ? 366 HOH A O   1 
HETATM 1471 O  O   . HOH D 4 .   ? -4.731  -4.963  7.039   1.00 26.86 ? 367 HOH A O   1 
HETATM 1472 O  O   . HOH D 4 .   ? 5.551   14.323  -2.850  1.00 17.67 ? 368 HOH A O   1 
HETATM 1473 O  O   . HOH D 4 .   ? -0.024  18.533  -4.121  1.00 30.04 ? 369 HOH A O   1 
HETATM 1474 O  O   . HOH D 4 .   ? 2.398   -14.648 -13.253 1.00 22.29 ? 370 HOH A O   1 
HETATM 1475 O  O   . HOH D 4 .   ? 8.381   14.451  0.456   1.00 36.56 ? 371 HOH A O   1 
HETATM 1476 O  O   . HOH D 4 .   ? 6.256   3.667   -7.401  1.00 33.55 ? 372 HOH A O   1 
HETATM 1477 O  O   . HOH D 4 .   ? 14.131  0.637   4.804   1.00 22.32 ? 373 HOH A O   1 
HETATM 1478 O  O   . HOH D 4 .   ? 2.001   -16.596 2.608   1.00 25.51 ? 374 HOH A O   1 
HETATM 1479 O  O   . HOH D 4 .   ? -13.471 0.634   4.752   1.00 24.32 ? 375 HOH A O   1 
HETATM 1480 O  O   . HOH D 4 .   ? 12.781  -3.469  14.096  1.00 34.12 ? 376 HOH A O   1 
HETATM 1481 O  O   . HOH D 4 .   ? -11.792 7.663   2.999   1.00 24.24 ? 377 HOH A O   1 
HETATM 1482 O  O   . HOH D 4 .   ? -0.789  -4.369  -15.185 1.00 28.80 ? 378 HOH A O   1 
HETATM 1483 O  O   . HOH D 4 .   ? 2.521   7.307   15.697  1.00 21.08 ? 379 HOH A O   1 
HETATM 1484 O  O   . HOH D 4 .   ? 2.500   -0.538  -12.892 1.00 18.51 ? 380 HOH A O   1 
HETATM 1485 O  O   . HOH D 4 .   ? 10.064  -10.237 -14.231 1.00 27.76 ? 381 HOH A O   1 
HETATM 1486 O  O   . HOH D 4 .   ? -0.661  -18.623 -14.009 1.00 26.15 ? 382 HOH A O   1 
HETATM 1487 O  O   . HOH D 4 .   ? 12.157  -3.762  -8.528  1.00 27.81 ? 383 HOH A O   1 
HETATM 1488 O  O   . HOH D 4 .   ? 15.524  -0.190  16.508  1.00 38.65 ? 384 HOH A O   1 
HETATM 1489 O  O   . HOH D 4 .   ? -9.998  11.404  -8.442  1.00 28.07 ? 385 HOH A O   1 
HETATM 1490 O  O   . HOH D 4 .   ? 1.628   -7.793  -16.801 1.00 23.15 ? 386 HOH A O   1 
HETATM 1491 O  O   . HOH D 4 .   ? 7.625   -20.932 -7.190  1.00 29.10 ? 387 HOH A O   1 
HETATM 1492 O  O   . HOH D 4 .   ? 1.422   -17.002 -14.358 1.00 26.26 ? 388 HOH A O   1 
HETATM 1493 O  O   . HOH D 4 .   ? 10.862  -4.013  -11.127 1.00 27.78 ? 389 HOH A O   1 
HETATM 1494 O  O   . HOH D 4 .   ? 6.101   15.497  -0.561  1.00 23.57 ? 390 HOH A O   1 
HETATM 1495 O  O   . HOH D 4 .   ? -3.619  -5.082  9.495   1.00 25.74 ? 391 HOH A O   1 
HETATM 1496 O  O   . HOH D 4 .   ? -3.649  -19.234 -1.446  1.00 30.91 ? 392 HOH A O   1 
HETATM 1497 O  O   . HOH D 4 .   ? 4.269   -18.938 -8.957  1.00 19.32 ? 393 HOH A O   1 
HETATM 1498 O  O   . HOH D 4 .   ? -14.320 -4.789  0.659   1.00 29.00 ? 394 HOH A O   1 
HETATM 1499 O  O   . HOH D 4 .   ? 6.312   11.288  -5.716  1.00 29.43 ? 395 HOH A O   1 
HETATM 1500 O  O   . HOH D 4 .   ? -6.330  -8.259  -14.094 1.00 27.39 ? 396 HOH A O   1 
HETATM 1501 O  O   . HOH D 4 .   ? 5.694   11.862  14.620  1.00 30.20 ? 397 HOH A O   1 
HETATM 1502 O  O   . HOH D 4 .   ? 2.869   3.411   18.542  1.00 41.28 ? 398 HOH A O   1 
HETATM 1503 O  O   . HOH D 4 .   ? -11.830 -8.089  -8.657  1.00 31.05 ? 399 HOH A O   1 
HETATM 1504 O  O   . HOH D 4 .   ? -3.358  21.031  -5.070  1.00 27.28 ? 400 HOH A O   1 
HETATM 1505 O  O   . HOH D 4 .   ? -7.564  -0.305  13.887  1.00 44.45 ? 401 HOH A O   1 
HETATM 1506 O  O   . HOH D 4 .   ? -7.093  -6.290  7.757   1.00 31.39 ? 402 HOH A O   1 
HETATM 1507 O  O   . HOH D 4 .   ? -1.756  -15.604 -16.871 1.00 32.14 ? 403 HOH A O   1 
HETATM 1508 O  O   . HOH D 4 .   ? -16.645 2.526   -5.259  1.00 22.87 ? 404 HOH A O   1 
HETATM 1509 O  O   . HOH D 4 .   ? -7.289  3.006   11.352  1.00 43.28 ? 405 HOH A O   1 
HETATM 1510 O  O   . HOH D 4 .   ? -12.806 -9.768  -6.977  1.00 35.10 ? 406 HOH A O   1 
HETATM 1511 O  O   . HOH D 4 .   ? 8.716   -22.892 -5.183  1.00 36.18 ? 407 HOH A O   1 
HETATM 1512 O  O   . HOH D 4 .   ? -7.592  -11.158 -9.032  1.00 23.83 ? 408 HOH A O   1 
HETATM 1513 O  O   . HOH D 4 .   ? -11.905 16.043  -5.746  1.00 28.13 ? 409 HOH A O   1 
HETATM 1514 O  O   . HOH D 4 .   ? -1.961  -24.099 -14.677 1.00 34.10 ? 410 HOH A O   1 
HETATM 1515 O  O   . HOH D 4 .   ? -8.825  17.960  -10.534 1.00 32.53 ? 411 HOH A O   1 
HETATM 1516 O  O   . HOH D 4 .   ? -8.054  10.852  -14.931 1.00 21.98 ? 412 HOH A O   1 
HETATM 1517 O  O   . HOH D 4 .   ? 11.576  -5.649  3.808   1.00 28.49 ? 413 HOH A O   1 
HETATM 1518 O  O   . HOH D 4 .   ? -3.304  -10.131 -17.193 1.00 49.04 ? 414 HOH A O   1 
HETATM 1519 O  O   . HOH D 4 .   ? -3.811  6.213   16.461  1.00 34.49 ? 415 HOH A O   1 
HETATM 1520 O  O   . HOH D 4 .   ? -1.009  -11.988 5.033   1.00 25.80 ? 416 HOH A O   1 
HETATM 1521 O  O   . HOH D 4 .   ? 3.655   4.782   15.929  1.00 26.97 ? 417 HOH A O   1 
HETATM 1522 O  O   . HOH D 4 .   ? -3.393  -21.143 1.040   1.00 44.70 ? 418 HOH A O   1 
HETATM 1523 O  O   . HOH D 4 .   ? -9.615  11.140  5.360   1.00 33.07 ? 419 HOH A O   1 
HETATM 1524 O  O   . HOH D 4 .   ? 12.654  4.234   -2.934  1.00 34.02 ? 420 HOH A O   1 
HETATM 1525 O  O   . HOH D 4 .   ? 2.831   -5.376  -18.256 1.00 40.60 ? 421 HOH A O   1 
HETATM 1526 O  O   . HOH D 4 .   ? -18.366 7.202   2.828   1.00 33.46 ? 422 HOH A O   1 
HETATM 1527 O  O   . HOH D 4 .   ? 2.936   4.680   -11.702 1.00 32.27 ? 423 HOH A O   1 
HETATM 1528 O  O   . HOH D 4 .   ? 5.620   -15.655 3.339   1.00 24.61 ? 424 HOH A O   1 
HETATM 1529 O  O   . HOH D 4 .   ? -7.908  -4.225  10.138  1.00 35.05 ? 425 HOH A O   1 
HETATM 1530 O  O   . HOH D 4 .   ? 10.682  0.044   -8.537  1.00 29.46 ? 426 HOH A O   1 
HETATM 1531 O  O   . HOH D 4 .   ? -1.671  -3.746  11.070  1.00 27.78 ? 427 HOH A O   1 
HETATM 1532 O  O   . HOH D 4 .   ? -3.465  5.142   -15.044 1.00 43.95 ? 428 HOH A O   1 
HETATM 1533 O  O   . HOH D 4 .   ? -5.542  -3.089  10.759  1.00 37.05 ? 429 HOH A O   1 
HETATM 1534 O  O   . HOH D 4 .   ? 14.246  -4.665  7.415   1.00 38.92 ? 430 HOH A O   1 
HETATM 1535 O  O   . HOH D 4 .   ? 10.765  -7.997  -10.219 1.00 33.69 ? 431 HOH A O   1 
HETATM 1536 O  O   . HOH D 4 .   ? -10.418 5.515   3.675   1.00 32.51 ? 432 HOH A O   1 
HETATM 1537 O  O   . HOH D 4 .   ? 15.267  11.076  11.938  1.00 32.26 ? 433 HOH A O   1 
HETATM 1538 O  O   . HOH D 4 .   ? -12.323 -20.581 -0.694  1.00 43.31 ? 434 HOH A O   1 
HETATM 1539 O  O   . HOH D 4 .   ? -9.401  20.164  -2.103  1.00 44.03 ? 435 HOH A O   1 
HETATM 1540 O  O   . HOH D 4 .   ? -4.945  3.923   17.876  1.00 38.57 ? 436 HOH A O   1 
HETATM 1541 O  O   . HOH D 4 .   ? -11.615 9.684   4.833   1.00 40.34 ? 437 HOH A O   1 
HETATM 1542 O  O   . HOH D 4 .   ? 15.263  11.761  6.480   1.00 39.17 ? 438 HOH A O   1 
HETATM 1543 O  O   . HOH D 4 .   ? 6.088   4.526   16.415  1.00 32.88 ? 439 HOH A O   1 
HETATM 1544 O  O   . HOH D 4 .   ? 16.161  -3.888  -6.687  1.00 47.92 ? 440 HOH A O   1 
HETATM 1545 O  O   . HOH D 4 .   ? 10.981  -9.965  -5.974  1.00 34.78 ? 441 HOH A O   1 
HETATM 1546 O  O   . HOH D 4 .   ? -11.429 -4.851  -10.100 1.00 31.28 ? 442 HOH A O   1 
HETATM 1547 O  O   . HOH D 4 .   ? -16.433 6.091   -0.998  1.00 25.41 ? 443 HOH A O   1 
HETATM 1548 O  O   . HOH D 4 .   ? 1.142   7.439   18.107  1.00 33.58 ? 444 HOH A O   1 
HETATM 1549 O  O   . HOH D 4 .   ? 11.714  -6.883  -6.907  1.00 34.72 ? 445 HOH A O   1 
HETATM 1550 O  O   . HOH D 4 .   ? 8.547   5.363   -5.866  1.00 29.26 ? 446 HOH A O   1 
HETATM 1551 O  O   . HOH D 4 .   ? -12.061 2.288   -9.227  1.00 44.45 ? 447 HOH A O   1 
HETATM 1552 O  O   . HOH D 4 .   ? 5.890   19.886  6.442   1.00 55.33 ? 448 HOH A O   1 
HETATM 1553 O  O   . HOH D 4 .   ? 19.336  5.723   14.341  1.00 37.28 ? 449 HOH A O   1 
HETATM 1554 O  O   . HOH D 4 .   ? -7.054  -11.454 8.965   1.00 52.84 ? 450 HOH A O   1 
HETATM 1555 O  O   . HOH D 4 .   ? 12.512  1.208   -7.248  1.00 35.50 ? 451 HOH A O   1 
HETATM 1556 O  O   . HOH D 4 .   ? 13.453  5.594   15.820  1.00 40.18 ? 452 HOH A O   1 
HETATM 1557 O  O   . HOH D 4 .   ? -9.578  4.445   -8.186  1.00 44.29 ? 453 HOH A O   1 
HETATM 1558 O  O   . HOH D 4 .   ? 6.387   1.176   16.329  1.00 49.74 ? 454 HOH A O   1 
HETATM 1559 O  O   . HOH D 4 .   ? 13.097  -11.534 -5.299  1.00 43.27 ? 455 HOH A O   1 
HETATM 1560 O  O   . HOH D 4 .   ? -10.850 -14.205 1.432   1.00 38.40 ? 456 HOH A O   1 
HETATM 1561 O  O   . HOH D 4 .   ? 2.955   -11.773 -18.396 1.00 38.63 ? 457 HOH A O   1 
HETATM 1562 O  O   . HOH D 4 .   ? -14.082 1.254   -8.092  1.00 36.09 ? 458 HOH A O   1 
HETATM 1563 O  O   . HOH D 4 .   ? 14.794  -9.018  -5.569  1.00 41.01 ? 459 HOH A O   1 
HETATM 1564 O  O   . HOH D 4 .   ? 7.631   -10.609 -17.814 1.00 28.46 ? 460 HOH A O   1 
HETATM 1565 O  O   . HOH D 4 .   ? -12.608 -17.270 -2.752  1.00 39.62 ? 461 HOH A O   1 
HETATM 1566 O  O   . HOH D 4 .   ? -5.221  23.376  5.703   1.00 37.11 ? 462 HOH A O   1 
HETATM 1567 O  O   . HOH D 4 .   ? 17.617  5.357   4.435   1.00 38.69 ? 463 HOH A O   1 
HETATM 1568 O  O   . HOH D 4 .   ? 17.538  6.855   15.712  1.00 49.77 ? 464 HOH A O   1 
HETATM 1569 O  O   . HOH D 4 .   ? 15.355  8.492   13.873  1.00 44.14 ? 465 HOH A O   1 
HETATM 1570 O  O   . HOH D 4 .   ? -13.182 19.736  2.595   1.00 43.55 ? 466 HOH A O   1 
HETATM 1571 O  O   . HOH D 4 .   ? -10.556 -10.701 2.258   1.00 47.55 ? 467 HOH A O   1 
HETATM 1572 O  O   . HOH D 4 .   ? -11.161 20.910  3.264   1.00 49.19 ? 468 HOH A O   1 
HETATM 1573 O  O   . HOH D 4 .   ? -13.687 -1.811  4.737   1.00 45.16 ? 469 HOH A O   1 
HETATM 1574 O  O   . HOH D 4 .   ? -9.909  6.608   -9.591  1.00 24.19 ? 470 HOH A O   1 
# 
